data_5QON
# 
_entry.id   5QON 
# 
_audit_conform.dict_name       mmcif_pdbx.dic 
_audit_conform.dict_version    5.387 
_audit_conform.dict_location   http://mmcif.pdb.org/dictionaries/ascii/mmcif_pdbx.dic 
# 
loop_
_database_2.database_id 
_database_2.database_code 
_database_2.pdbx_database_accession 
_database_2.pdbx_DOI 
PDB   5QON         pdb_00005qon 10.2210/pdb5qon/pdb 
WWPDB D_1001402212 ?            ?                   
# 
loop_
_pdbx_audit_revision_history.ordinal 
_pdbx_audit_revision_history.data_content_type 
_pdbx_audit_revision_history.major_revision 
_pdbx_audit_revision_history.minor_revision 
_pdbx_audit_revision_history.revision_date 
1 'Structure model' 1 0 2019-05-08 
2 'Structure model' 1 1 2019-11-20 
3 'Structure model' 1 2 2024-03-06 
# 
_pdbx_audit_revision_details.ordinal             1 
_pdbx_audit_revision_details.revision_ordinal    1 
_pdbx_audit_revision_details.data_content_type   'Structure model' 
_pdbx_audit_revision_details.provider            repository 
_pdbx_audit_revision_details.type                'Initial release' 
_pdbx_audit_revision_details.description         ? 
_pdbx_audit_revision_details.details             ? 
# 
loop_
_pdbx_audit_revision_group.ordinal 
_pdbx_audit_revision_group.revision_ordinal 
_pdbx_audit_revision_group.data_content_type 
_pdbx_audit_revision_group.group 
1 2 'Structure model' 'Data collection'     
2 3 'Structure model' 'Data collection'     
3 3 'Structure model' 'Database references' 
# 
loop_
_pdbx_audit_revision_category.ordinal 
_pdbx_audit_revision_category.revision_ordinal 
_pdbx_audit_revision_category.data_content_type 
_pdbx_audit_revision_category.category 
1 2 'Structure model' diffrn_source  
2 3 'Structure model' chem_comp_atom 
3 3 'Structure model' chem_comp_bond 
4 3 'Structure model' database_2     
# 
loop_
_pdbx_audit_revision_item.ordinal 
_pdbx_audit_revision_item.revision_ordinal 
_pdbx_audit_revision_item.data_content_type 
_pdbx_audit_revision_item.item 
1 2 'Structure model' '_diffrn_source.pdbx_synchrotron_beamline' 
2 2 'Structure model' '_diffrn_source.type'                      
3 3 'Structure model' '_database_2.pdbx_DOI'                     
4 3 'Structure model' '_database_2.pdbx_database_accession'      
# 
_pdbx_database_status.entry_id                        5QON 
_pdbx_database_status.status_code                     REL 
_pdbx_database_status.status_code_sf                  REL 
_pdbx_database_status.status_code_mr                  ? 
_pdbx_database_status.status_code_cs                  ? 
_pdbx_database_status.recvd_initial_deposition_date   2019-02-22 
_pdbx_database_status.deposit_site                    RCSB 
_pdbx_database_status.process_site                    RCSB 
_pdbx_database_status.SG_entry                        ? 
_pdbx_database_status.pdb_format_compatible           Y 
_pdbx_database_status.methods_development_category    ? 
_pdbx_database_status.status_code_nmr_data            ? 
# 
loop_
_audit_author.name 
_audit_author.pdbx_ordinal 
_audit_author.identifier_ORCID 
'Nelson, E.R.'      1  ? 
'Velupillai, S.'    2  ? 
'Talon, R.'         3  ? 
'Collins, P.M.'     4  ? 
'Krojer, T.'        5  ? 
'Wang, D.'          6  ? 
'Brandao-Neto, J.'  7  ? 
'Douangamath, A.'   8  ? 
'Burgess-Brown, N.' 9  ? 
'Arrowsmith, C.H.'  10 ? 
'Bountra, C.'       11 ? 
'Huber, K.'         12 ? 
'von Delft, F.'     13 ? 
# 
_citation.id                        primary 
_citation.title                     'PanDDA analysis group deposition' 
_citation.journal_abbrev            'To Be Published' 
_citation.journal_volume            ? 
_citation.page_first                ? 
_citation.page_last                 ? 
_citation.year                      ? 
_citation.journal_id_ASTM           ? 
_citation.country                   ? 
_citation.journal_id_ISSN           ? 
_citation.journal_id_CSD            0353 
_citation.book_publisher            ? 
_citation.pdbx_database_id_PubMed   ? 
_citation.pdbx_database_id_DOI      ? 
# 
loop_
_citation_author.citation_id 
_citation_author.name 
_citation_author.identifier_ORCID 
_citation_author.ordinal 
primary 'Nelson, E.R.'      ? 1  
primary 'Velupillai, S.'    ? 2  
primary 'Talon, R.'         ? 3  
primary 'Collins, P.M.'     ? 4  
primary 'Krojer, T.'        ? 5  
primary 'Wang, D.'          ? 6  
primary 'Brandao-Neto, J.'  ? 7  
primary 'Douangamath, A.'   ? 8  
primary 'Burgess-Brown, N.' ? 9  
primary 'Arrowsmith, C.H.'  ? 10 
primary 'Bountra, C.'       ? 11 
primary 'Huber, K.'         ? 12 
primary 'von Delft, F.'     ? 13 
# 
loop_
_entity.id 
_entity.type 
_entity.src_method 
_entity.pdbx_description 
_entity.formula_weight 
_entity.pdbx_number_of_molecules 
_entity.pdbx_ec 
_entity.pdbx_mutation 
_entity.pdbx_fragment 
_entity.details 
1 polymer     man 'DCP2 (NUDT20)'                            19073.738 1  3.6.1.62 ? 'UNP residues 95-260' ? 
2 non-polymer syn 1,2-ETHANEDIOL                             62.068    1  ?        ? ?                     ? 
3 non-polymer syn 'DIMETHYL SULFOXIDE'                       78.133    1  ?        ? ?                     ? 
4 non-polymer syn 'ACETATE ION'                              59.044    2  ?        ? ?                     ? 
5 non-polymer syn 'DI(HYDROXYETHYL)ETHER'                    106.120   1  ?        ? ?                     ? 
6 non-polymer syn 'N-(4-ethoxyphenyl)pyrazine-2-carboxamide' 243.261   1  ?        ? ?                     ? 
7 water       nat water                                      18.015    88 ?        ? ?                     ? 
# 
_entity_name_com.entity_id   1 
_entity_name_com.name        
'Nucleoside diphosphate-linked moiety X motif 20, Nudix motif 20, mRNA-decapping enzyme 2, hDpc, m7GpppN-mRNA hydrolase' 
# 
_entity_poly.entity_id                      1 
_entity_poly.type                           'polypeptide(L)' 
_entity_poly.nstd_linkage                   no 
_entity_poly.nstd_monomer                   no 
_entity_poly.pdbx_seq_one_letter_code       
;SMGVPTYGAIILDETLENVLLVQGYLAKSGWGFPKGKVNKEEAPHDCAAREVFEETGFDIKDYICKDDYIELRINDQLAR
LYIIPGIPKDTKFNPKTRREIRNIEWFSIEKLPCHRNDMTPKSKLGLAPNKFFMAIPFIRPLRDWLSRRFGDSSDSDNGF
SSTGSTP
;
_entity_poly.pdbx_seq_one_letter_code_can   
;SMGVPTYGAIILDETLENVLLVQGYLAKSGWGFPKGKVNKEEAPHDCAAREVFEETGFDIKDYICKDDYIELRINDQLAR
LYIIPGIPKDTKFNPKTRREIRNIEWFSIEKLPCHRNDMTPKSKLGLAPNKFFMAIPFIRPLRDWLSRRFGDSSDSDNGF
SSTGSTP
;
_entity_poly.pdbx_strand_id                 A 
_entity_poly.pdbx_target_identifier         ? 
# 
loop_
_pdbx_entity_nonpoly.entity_id 
_pdbx_entity_nonpoly.name 
_pdbx_entity_nonpoly.comp_id 
2 1,2-ETHANEDIOL                             EDO 
3 'DIMETHYL SULFOXIDE'                       DMS 
4 'ACETATE ION'                              ACT 
5 'DI(HYDROXYETHYL)ETHER'                    PEG 
6 'N-(4-ethoxyphenyl)pyrazine-2-carboxamide' LDS 
7 water                                      HOH 
# 
loop_
_entity_poly_seq.entity_id 
_entity_poly_seq.num 
_entity_poly_seq.mon_id 
_entity_poly_seq.hetero 
1 1   SER n 
1 2   MET n 
1 3   GLY n 
1 4   VAL n 
1 5   PRO n 
1 6   THR n 
1 7   TYR n 
1 8   GLY n 
1 9   ALA n 
1 10  ILE n 
1 11  ILE n 
1 12  LEU n 
1 13  ASP n 
1 14  GLU n 
1 15  THR n 
1 16  LEU n 
1 17  GLU n 
1 18  ASN n 
1 19  VAL n 
1 20  LEU n 
1 21  LEU n 
1 22  VAL n 
1 23  GLN n 
1 24  GLY n 
1 25  TYR n 
1 26  LEU n 
1 27  ALA n 
1 28  LYS n 
1 29  SER n 
1 30  GLY n 
1 31  TRP n 
1 32  GLY n 
1 33  PHE n 
1 34  PRO n 
1 35  LYS n 
1 36  GLY n 
1 37  LYS n 
1 38  VAL n 
1 39  ASN n 
1 40  LYS n 
1 41  GLU n 
1 42  GLU n 
1 43  ALA n 
1 44  PRO n 
1 45  HIS n 
1 46  ASP n 
1 47  CYS n 
1 48  ALA n 
1 49  ALA n 
1 50  ARG n 
1 51  GLU n 
1 52  VAL n 
1 53  PHE n 
1 54  GLU n 
1 55  GLU n 
1 56  THR n 
1 57  GLY n 
1 58  PHE n 
1 59  ASP n 
1 60  ILE n 
1 61  LYS n 
1 62  ASP n 
1 63  TYR n 
1 64  ILE n 
1 65  CYS n 
1 66  LYS n 
1 67  ASP n 
1 68  ASP n 
1 69  TYR n 
1 70  ILE n 
1 71  GLU n 
1 72  LEU n 
1 73  ARG n 
1 74  ILE n 
1 75  ASN n 
1 76  ASP n 
1 77  GLN n 
1 78  LEU n 
1 79  ALA n 
1 80  ARG n 
1 81  LEU n 
1 82  TYR n 
1 83  ILE n 
1 84  ILE n 
1 85  PRO n 
1 86  GLY n 
1 87  ILE n 
1 88  PRO n 
1 89  LYS n 
1 90  ASP n 
1 91  THR n 
1 92  LYS n 
1 93  PHE n 
1 94  ASN n 
1 95  PRO n 
1 96  LYS n 
1 97  THR n 
1 98  ARG n 
1 99  ARG n 
1 100 GLU n 
1 101 ILE n 
1 102 ARG n 
1 103 ASN n 
1 104 ILE n 
1 105 GLU n 
1 106 TRP n 
1 107 PHE n 
1 108 SER n 
1 109 ILE n 
1 110 GLU n 
1 111 LYS n 
1 112 LEU n 
1 113 PRO n 
1 114 CYS n 
1 115 HIS n 
1 116 ARG n 
1 117 ASN n 
1 118 ASP n 
1 119 MET n 
1 120 THR n 
1 121 PRO n 
1 122 LYS n 
1 123 SER n 
1 124 LYS n 
1 125 LEU n 
1 126 GLY n 
1 127 LEU n 
1 128 ALA n 
1 129 PRO n 
1 130 ASN n 
1 131 LYS n 
1 132 PHE n 
1 133 PHE n 
1 134 MET n 
1 135 ALA n 
1 136 ILE n 
1 137 PRO n 
1 138 PHE n 
1 139 ILE n 
1 140 ARG n 
1 141 PRO n 
1 142 LEU n 
1 143 ARG n 
1 144 ASP n 
1 145 TRP n 
1 146 LEU n 
1 147 SER n 
1 148 ARG n 
1 149 ARG n 
1 150 PHE n 
1 151 GLY n 
1 152 ASP n 
1 153 SER n 
1 154 SER n 
1 155 ASP n 
1 156 SER n 
1 157 ASP n 
1 158 ASN n 
1 159 GLY n 
1 160 PHE n 
1 161 SER n 
1 162 SER n 
1 163 THR n 
1 164 GLY n 
1 165 SER n 
1 166 THR n 
1 167 PRO n 
# 
_entity_src_gen.entity_id                          1 
_entity_src_gen.pdbx_src_id                        1 
_entity_src_gen.pdbx_alt_source_flag               sample 
_entity_src_gen.pdbx_seq_type                      'Biological sequence' 
_entity_src_gen.pdbx_beg_seq_num                   1 
_entity_src_gen.pdbx_end_seq_num                   167 
_entity_src_gen.gene_src_common_name               Human 
_entity_src_gen.gene_src_genus                     ? 
_entity_src_gen.pdbx_gene_src_gene                 'DCP2, NUDT20' 
_entity_src_gen.gene_src_species                   ? 
_entity_src_gen.gene_src_strain                    ? 
_entity_src_gen.gene_src_tissue                    ? 
_entity_src_gen.gene_src_tissue_fraction           ? 
_entity_src_gen.gene_src_details                   ? 
_entity_src_gen.pdbx_gene_src_fragment             ? 
_entity_src_gen.pdbx_gene_src_scientific_name      'Homo sapiens' 
_entity_src_gen.pdbx_gene_src_ncbi_taxonomy_id     9606 
_entity_src_gen.pdbx_gene_src_variant              ? 
_entity_src_gen.pdbx_gene_src_cell_line            ? 
_entity_src_gen.pdbx_gene_src_atcc                 ? 
_entity_src_gen.pdbx_gene_src_organ                ? 
_entity_src_gen.pdbx_gene_src_organelle            ? 
_entity_src_gen.pdbx_gene_src_cell                 ? 
_entity_src_gen.pdbx_gene_src_cellular_location    ? 
_entity_src_gen.host_org_common_name               ? 
_entity_src_gen.pdbx_host_org_scientific_name      'Escherichia coli' 
_entity_src_gen.pdbx_host_org_ncbi_taxonomy_id     562 
_entity_src_gen.host_org_genus                     ? 
_entity_src_gen.pdbx_host_org_gene                 ? 
_entity_src_gen.pdbx_host_org_organ                ? 
_entity_src_gen.host_org_species                   ? 
_entity_src_gen.pdbx_host_org_tissue               ? 
_entity_src_gen.pdbx_host_org_tissue_fraction      ? 
_entity_src_gen.pdbx_host_org_strain               ? 
_entity_src_gen.pdbx_host_org_variant              ? 
_entity_src_gen.pdbx_host_org_cell_line            ? 
_entity_src_gen.pdbx_host_org_atcc                 ? 
_entity_src_gen.pdbx_host_org_culture_collection   ? 
_entity_src_gen.pdbx_host_org_cell                 ? 
_entity_src_gen.pdbx_host_org_organelle            ? 
_entity_src_gen.pdbx_host_org_cellular_location    ? 
_entity_src_gen.pdbx_host_org_vector_type          ? 
_entity_src_gen.pdbx_host_org_vector               ? 
_entity_src_gen.host_org_details                   ? 
_entity_src_gen.expression_system_id               ? 
_entity_src_gen.plasmid_name                       ? 
_entity_src_gen.plasmid_details                    ? 
_entity_src_gen.pdbx_description                   ? 
# 
loop_
_chem_comp.id 
_chem_comp.type 
_chem_comp.mon_nstd_flag 
_chem_comp.name 
_chem_comp.pdbx_synonyms 
_chem_comp.formula 
_chem_comp.formula_weight 
ACT non-polymer         . 'ACETATE ION'                              ?                 'C2 H3 O2 -1'    59.044  
ALA 'L-peptide linking' y ALANINE                                    ?                 'C3 H7 N O2'     89.093  
ARG 'L-peptide linking' y ARGININE                                   ?                 'C6 H15 N4 O2 1' 175.209 
ASN 'L-peptide linking' y ASPARAGINE                                 ?                 'C4 H8 N2 O3'    132.118 
ASP 'L-peptide linking' y 'ASPARTIC ACID'                            ?                 'C4 H7 N O4'     133.103 
CYS 'L-peptide linking' y CYSTEINE                                   ?                 'C3 H7 N O2 S'   121.158 
DMS non-polymer         . 'DIMETHYL SULFOXIDE'                       ?                 'C2 H6 O S'      78.133  
EDO non-polymer         . 1,2-ETHANEDIOL                             'ETHYLENE GLYCOL' 'C2 H6 O2'       62.068  
GLN 'L-peptide linking' y GLUTAMINE                                  ?                 'C5 H10 N2 O3'   146.144 
GLU 'L-peptide linking' y 'GLUTAMIC ACID'                            ?                 'C5 H9 N O4'     147.129 
GLY 'peptide linking'   y GLYCINE                                    ?                 'C2 H5 N O2'     75.067  
HIS 'L-peptide linking' y HISTIDINE                                  ?                 'C6 H10 N3 O2 1' 156.162 
HOH non-polymer         . WATER                                      ?                 'H2 O'           18.015  
ILE 'L-peptide linking' y ISOLEUCINE                                 ?                 'C6 H13 N O2'    131.173 
LDS non-polymer         . 'N-(4-ethoxyphenyl)pyrazine-2-carboxamide' ?                 'C13 H13 N3 O2'  243.261 
LEU 'L-peptide linking' y LEUCINE                                    ?                 'C6 H13 N O2'    131.173 
LYS 'L-peptide linking' y LYSINE                                     ?                 'C6 H15 N2 O2 1' 147.195 
MET 'L-peptide linking' y METHIONINE                                 ?                 'C5 H11 N O2 S'  149.211 
PEG non-polymer         . 'DI(HYDROXYETHYL)ETHER'                    ?                 'C4 H10 O3'      106.120 
PHE 'L-peptide linking' y PHENYLALANINE                              ?                 'C9 H11 N O2'    165.189 
PRO 'L-peptide linking' y PROLINE                                    ?                 'C5 H9 N O2'     115.130 
SER 'L-peptide linking' y SERINE                                     ?                 'C3 H7 N O3'     105.093 
THR 'L-peptide linking' y THREONINE                                  ?                 'C4 H9 N O3'     119.119 
TRP 'L-peptide linking' y TRYPTOPHAN                                 ?                 'C11 H12 N2 O2'  204.225 
TYR 'L-peptide linking' y TYROSINE                                   ?                 'C9 H11 N O3'    181.189 
VAL 'L-peptide linking' y VALINE                                     ?                 'C5 H11 N O2'    117.146 
# 
loop_
_pdbx_poly_seq_scheme.asym_id 
_pdbx_poly_seq_scheme.entity_id 
_pdbx_poly_seq_scheme.seq_id 
_pdbx_poly_seq_scheme.mon_id 
_pdbx_poly_seq_scheme.ndb_seq_num 
_pdbx_poly_seq_scheme.pdb_seq_num 
_pdbx_poly_seq_scheme.auth_seq_num 
_pdbx_poly_seq_scheme.pdb_mon_id 
_pdbx_poly_seq_scheme.auth_mon_id 
_pdbx_poly_seq_scheme.pdb_strand_id 
_pdbx_poly_seq_scheme.pdb_ins_code 
_pdbx_poly_seq_scheme.hetero 
A 1 1   SER 1   94  ?   ?   ?   A . n 
A 1 2   MET 2   95  ?   ?   ?   A . n 
A 1 3   GLY 3   96  96  GLY GLY A . n 
A 1 4   VAL 4   97  97  VAL VAL A . n 
A 1 5   PRO 5   98  98  PRO PRO A . n 
A 1 6   THR 6   99  99  THR THR A . n 
A 1 7   TYR 7   100 100 TYR TYR A . n 
A 1 8   GLY 8   101 101 GLY GLY A . n 
A 1 9   ALA 9   102 102 ALA ALA A . n 
A 1 10  ILE 10  103 103 ILE ILE A . n 
A 1 11  ILE 11  104 104 ILE ILE A . n 
A 1 12  LEU 12  105 105 LEU LEU A . n 
A 1 13  ASP 13  106 106 ASP ASP A . n 
A 1 14  GLU 14  107 107 GLU GLU A . n 
A 1 15  THR 15  108 108 THR THR A . n 
A 1 16  LEU 16  109 109 LEU LEU A . n 
A 1 17  GLU 17  110 110 GLU GLU A . n 
A 1 18  ASN 18  111 111 ASN ASN A . n 
A 1 19  VAL 19  112 112 VAL VAL A . n 
A 1 20  LEU 20  113 113 LEU LEU A . n 
A 1 21  LEU 21  114 114 LEU LEU A . n 
A 1 22  VAL 22  115 115 VAL VAL A . n 
A 1 23  GLN 23  116 116 GLN GLN A . n 
A 1 24  GLY 24  117 117 GLY GLY A . n 
A 1 25  TYR 25  118 118 TYR TYR A . n 
A 1 26  LEU 26  119 119 LEU LEU A . n 
A 1 27  ALA 27  120 120 ALA ALA A . n 
A 1 28  LYS 28  121 121 LYS LYS A . n 
A 1 29  SER 29  122 122 SER SER A . n 
A 1 30  GLY 30  123 123 GLY GLY A . n 
A 1 31  TRP 31  124 124 TRP TRP A . n 
A 1 32  GLY 32  125 125 GLY GLY A . n 
A 1 33  PHE 33  126 126 PHE PHE A . n 
A 1 34  PRO 34  127 127 PRO PRO A . n 
A 1 35  LYS 35  128 128 LYS LYS A . n 
A 1 36  GLY 36  129 129 GLY GLY A . n 
A 1 37  LYS 37  130 130 LYS LYS A . n 
A 1 38  VAL 38  131 131 VAL VAL A . n 
A 1 39  ASN 39  132 132 ASN ASN A . n 
A 1 40  LYS 40  133 133 LYS LYS A . n 
A 1 41  GLU 41  134 134 GLU GLU A . n 
A 1 42  GLU 42  135 135 GLU GLU A . n 
A 1 43  ALA 43  136 136 ALA ALA A . n 
A 1 44  PRO 44  137 137 PRO PRO A . n 
A 1 45  HIS 45  138 138 HIS HIS A . n 
A 1 46  ASP 46  139 139 ASP ASP A . n 
A 1 47  CYS 47  140 140 CYS CYS A . n 
A 1 48  ALA 48  141 141 ALA ALA A . n 
A 1 49  ALA 49  142 142 ALA ALA A . n 
A 1 50  ARG 50  143 143 ARG ARG A . n 
A 1 51  GLU 51  144 144 GLU GLU A . n 
A 1 52  VAL 52  145 145 VAL VAL A . n 
A 1 53  PHE 53  146 146 PHE PHE A . n 
A 1 54  GLU 54  147 147 GLU GLU A . n 
A 1 55  GLU 55  148 148 GLU GLU A . n 
A 1 56  THR 56  149 149 THR THR A . n 
A 1 57  GLY 57  150 150 GLY GLY A . n 
A 1 58  PHE 58  151 151 PHE PHE A . n 
A 1 59  ASP 59  152 152 ASP ASP A . n 
A 1 60  ILE 60  153 153 ILE ILE A . n 
A 1 61  LYS 61  154 154 LYS LYS A . n 
A 1 62  ASP 62  155 155 ASP ASP A . n 
A 1 63  TYR 63  156 156 TYR TYR A . n 
A 1 64  ILE 64  157 157 ILE ILE A . n 
A 1 65  CYS 65  158 158 CYS CYS A . n 
A 1 66  LYS 66  159 159 LYS LYS A . n 
A 1 67  ASP 67  160 160 ASP ASP A . n 
A 1 68  ASP 68  161 161 ASP ASP A . n 
A 1 69  TYR 69  162 162 TYR TYR A . n 
A 1 70  ILE 70  163 163 ILE ILE A . n 
A 1 71  GLU 71  164 164 GLU GLU A . n 
A 1 72  LEU 72  165 165 LEU LEU A . n 
A 1 73  ARG 73  166 166 ARG ARG A . n 
A 1 74  ILE 74  167 167 ILE ILE A . n 
A 1 75  ASN 75  168 168 ASN ASN A . n 
A 1 76  ASP 76  169 169 ASP ASP A . n 
A 1 77  GLN 77  170 170 GLN GLN A . n 
A 1 78  LEU 78  171 171 LEU LEU A . n 
A 1 79  ALA 79  172 172 ALA ALA A . n 
A 1 80  ARG 80  173 173 ARG ARG A . n 
A 1 81  LEU 81  174 174 LEU LEU A . n 
A 1 82  TYR 82  175 175 TYR TYR A . n 
A 1 83  ILE 83  176 176 ILE ILE A . n 
A 1 84  ILE 84  177 177 ILE ILE A . n 
A 1 85  PRO 85  178 178 PRO PRO A . n 
A 1 86  GLY 86  179 179 GLY GLY A . n 
A 1 87  ILE 87  180 180 ILE ILE A . n 
A 1 88  PRO 88  181 181 PRO PRO A . n 
A 1 89  LYS 89  182 182 LYS LYS A . n 
A 1 90  ASP 90  183 183 ASP ASP A . n 
A 1 91  THR 91  184 184 THR THR A . n 
A 1 92  LYS 92  185 185 LYS LYS A . n 
A 1 93  PHE 93  186 186 PHE PHE A . n 
A 1 94  ASN 94  187 187 ASN ASN A . n 
A 1 95  PRO 95  188 188 PRO PRO A . n 
A 1 96  LYS 96  189 189 LYS LYS A . n 
A 1 97  THR 97  190 190 THR THR A . n 
A 1 98  ARG 98  191 191 ARG ARG A . n 
A 1 99  ARG 99  192 192 ARG ARG A . n 
A 1 100 GLU 100 193 193 GLU GLU A . n 
A 1 101 ILE 101 194 194 ILE ILE A . n 
A 1 102 ARG 102 195 195 ARG ARG A . n 
A 1 103 ASN 103 196 196 ASN ASN A . n 
A 1 104 ILE 104 197 197 ILE ILE A . n 
A 1 105 GLU 105 198 198 GLU GLU A . n 
A 1 106 TRP 106 199 199 TRP TRP A . n 
A 1 107 PHE 107 200 200 PHE PHE A . n 
A 1 108 SER 108 201 201 SER SER A . n 
A 1 109 ILE 109 202 202 ILE ILE A . n 
A 1 110 GLU 110 203 203 GLU GLU A . n 
A 1 111 LYS 111 204 204 LYS LYS A . n 
A 1 112 LEU 112 205 205 LEU LEU A . n 
A 1 113 PRO 113 206 206 PRO PRO A . n 
A 1 114 CYS 114 207 207 CYS CYS A . n 
A 1 115 HIS 115 208 208 HIS HIS A . n 
A 1 116 ARG 116 209 209 ARG ARG A . n 
A 1 117 ASN 117 210 210 ASN ASN A . n 
A 1 118 ASP 118 211 211 ASP ASP A . n 
A 1 119 MET 119 212 212 MET MET A . n 
A 1 120 THR 120 213 213 THR THR A . n 
A 1 121 PRO 121 214 214 PRO PRO A . n 
A 1 122 LYS 122 215 215 LYS LYS A . n 
A 1 123 SER 123 216 216 SER SER A . n 
A 1 124 LYS 124 217 217 LYS LYS A . n 
A 1 125 LEU 125 218 218 LEU LEU A . n 
A 1 126 GLY 126 219 219 GLY GLY A . n 
A 1 127 LEU 127 220 220 LEU LEU A . n 
A 1 128 ALA 128 221 221 ALA ALA A . n 
A 1 129 PRO 129 222 222 PRO PRO A . n 
A 1 130 ASN 130 223 223 ASN ASN A . n 
A 1 131 LYS 131 224 224 LYS LYS A . n 
A 1 132 PHE 132 225 225 PHE PHE A . n 
A 1 133 PHE 133 226 226 PHE PHE A . n 
A 1 134 MET 134 227 227 MET MET A . n 
A 1 135 ALA 135 228 228 ALA ALA A . n 
A 1 136 ILE 136 229 229 ILE ILE A . n 
A 1 137 PRO 137 230 230 PRO PRO A . n 
A 1 138 PHE 138 231 231 PHE PHE A . n 
A 1 139 ILE 139 232 232 ILE ILE A . n 
A 1 140 ARG 140 233 233 ARG ARG A . n 
A 1 141 PRO 141 234 234 PRO PRO A . n 
A 1 142 LEU 142 235 235 LEU LEU A . n 
A 1 143 ARG 143 236 236 ARG ARG A . n 
A 1 144 ASP 144 237 237 ASP ASP A . n 
A 1 145 TRP 145 238 238 TRP TRP A . n 
A 1 146 LEU 146 239 239 LEU LEU A . n 
A 1 147 SER 147 240 240 SER SER A . n 
A 1 148 ARG 148 241 241 ARG ARG A . n 
A 1 149 ARG 149 242 242 ARG ARG A . n 
A 1 150 PHE 150 243 243 PHE PHE A . n 
A 1 151 GLY 151 244 244 GLY GLY A . n 
A 1 152 ASP 152 245 ?   ?   ?   A . n 
A 1 153 SER 153 246 ?   ?   ?   A . n 
A 1 154 SER 154 247 ?   ?   ?   A . n 
A 1 155 ASP 155 248 ?   ?   ?   A . n 
A 1 156 SER 156 249 ?   ?   ?   A . n 
A 1 157 ASP 157 250 ?   ?   ?   A . n 
A 1 158 ASN 158 251 ?   ?   ?   A . n 
A 1 159 GLY 159 252 ?   ?   ?   A . n 
A 1 160 PHE 160 253 ?   ?   ?   A . n 
A 1 161 SER 161 254 ?   ?   ?   A . n 
A 1 162 SER 162 255 ?   ?   ?   A . n 
A 1 163 THR 163 256 ?   ?   ?   A . n 
A 1 164 GLY 164 257 ?   ?   ?   A . n 
A 1 165 SER 165 258 ?   ?   ?   A . n 
A 1 166 THR 166 259 ?   ?   ?   A . n 
A 1 167 PRO 167 260 ?   ?   ?   A . n 
# 
loop_
_pdbx_nonpoly_scheme.asym_id 
_pdbx_nonpoly_scheme.entity_id 
_pdbx_nonpoly_scheme.mon_id 
_pdbx_nonpoly_scheme.ndb_seq_num 
_pdbx_nonpoly_scheme.pdb_seq_num 
_pdbx_nonpoly_scheme.auth_seq_num 
_pdbx_nonpoly_scheme.pdb_mon_id 
_pdbx_nonpoly_scheme.auth_mon_id 
_pdbx_nonpoly_scheme.pdb_strand_id 
_pdbx_nonpoly_scheme.pdb_ins_code 
B 2 EDO 1  301 2   EDO EDO A . 
C 3 DMS 1  302 1   DMS DMS A . 
D 4 ACT 1  303 1   ACT ACT A . 
E 4 ACT 1  304 2   ACT ACT A . 
F 5 PEG 1  305 1   PEG PEG A . 
G 6 LDS 1  306 1   LDS LIG A . 
H 7 HOH 1  401 90  HOH HOH A . 
H 7 HOH 2  402 52  HOH HOH A . 
H 7 HOH 3  403 83  HOH HOH A . 
H 7 HOH 4  404 70  HOH HOH A . 
H 7 HOH 5  405 68  HOH HOH A . 
H 7 HOH 6  406 12  HOH HOH A . 
H 7 HOH 7  407 10  HOH HOH A . 
H 7 HOH 8  408 102 HOH HOH A . 
H 7 HOH 9  409 60  HOH HOH A . 
H 7 HOH 10 410 67  HOH HOH A . 
H 7 HOH 11 411 100 HOH HOH A . 
H 7 HOH 12 412 15  HOH HOH A . 
H 7 HOH 13 413 95  HOH HOH A . 
H 7 HOH 14 414 38  HOH HOH A . 
H 7 HOH 15 415 17  HOH HOH A . 
H 7 HOH 16 416 97  HOH HOH A . 
H 7 HOH 17 417 66  HOH HOH A . 
H 7 HOH 18 418 13  HOH HOH A . 
H 7 HOH 19 419 5   HOH HOH A . 
H 7 HOH 20 420 71  HOH HOH A . 
H 7 HOH 21 421 47  HOH HOH A . 
H 7 HOH 22 422 1   HOH HOH A . 
H 7 HOH 23 423 23  HOH HOH A . 
H 7 HOH 24 424 80  HOH HOH A . 
H 7 HOH 25 425 18  HOH HOH A . 
H 7 HOH 26 426 2   HOH HOH A . 
H 7 HOH 27 427 8   HOH HOH A . 
H 7 HOH 28 428 35  HOH HOH A . 
H 7 HOH 29 429 32  HOH HOH A . 
H 7 HOH 30 430 55  HOH HOH A . 
H 7 HOH 31 431 39  HOH HOH A . 
H 7 HOH 32 432 31  HOH HOH A . 
H 7 HOH 33 433 65  HOH HOH A . 
H 7 HOH 34 434 36  HOH HOH A . 
H 7 HOH 35 435 46  HOH HOH A . 
H 7 HOH 36 436 85  HOH HOH A . 
H 7 HOH 37 437 3   HOH HOH A . 
H 7 HOH 38 438 7   HOH HOH A . 
H 7 HOH 39 439 29  HOH HOH A . 
H 7 HOH 40 440 43  HOH HOH A . 
H 7 HOH 41 441 76  HOH HOH A . 
H 7 HOH 42 442 78  HOH HOH A . 
H 7 HOH 43 443 14  HOH HOH A . 
H 7 HOH 44 444 4   HOH HOH A . 
H 7 HOH 45 445 9   HOH HOH A . 
H 7 HOH 46 446 6   HOH HOH A . 
H 7 HOH 47 447 88  HOH HOH A . 
H 7 HOH 48 448 50  HOH HOH A . 
H 7 HOH 49 449 24  HOH HOH A . 
H 7 HOH 50 450 81  HOH HOH A . 
H 7 HOH 51 451 33  HOH HOH A . 
H 7 HOH 52 452 22  HOH HOH A . 
H 7 HOH 53 453 27  HOH HOH A . 
H 7 HOH 54 454 11  HOH HOH A . 
H 7 HOH 55 455 59  HOH HOH A . 
H 7 HOH 56 456 103 HOH HOH A . 
H 7 HOH 57 457 75  HOH HOH A . 
H 7 HOH 58 458 94  HOH HOH A . 
H 7 HOH 59 459 96  HOH HOH A . 
H 7 HOH 60 460 105 HOH HOH A . 
H 7 HOH 61 461 21  HOH HOH A . 
H 7 HOH 62 462 57  HOH HOH A . 
H 7 HOH 63 463 79  HOH HOH A . 
H 7 HOH 64 464 42  HOH HOH A . 
H 7 HOH 65 465 84  HOH HOH A . 
H 7 HOH 66 466 69  HOH HOH A . 
H 7 HOH 67 467 25  HOH HOH A . 
H 7 HOH 68 468 30  HOH HOH A . 
H 7 HOH 69 469 62  HOH HOH A . 
H 7 HOH 70 470 28  HOH HOH A . 
H 7 HOH 71 471 92  HOH HOH A . 
H 7 HOH 72 472 40  HOH HOH A . 
H 7 HOH 73 473 72  HOH HOH A . 
H 7 HOH 74 474 107 HOH HOH A . 
H 7 HOH 75 475 109 HOH HOH A . 
H 7 HOH 76 476 74  HOH HOH A . 
H 7 HOH 77 477 106 HOH HOH A . 
H 7 HOH 78 478 108 HOH HOH A . 
H 7 HOH 79 479 87  HOH HOH A . 
H 7 HOH 80 480 101 HOH HOH A . 
H 7 HOH 81 481 26  HOH HOH A . 
H 7 HOH 82 482 86  HOH HOH A . 
H 7 HOH 83 483 98  HOH HOH A . 
H 7 HOH 84 484 51  HOH HOH A . 
H 7 HOH 85 485 20  HOH HOH A . 
H 7 HOH 86 486 56  HOH HOH A . 
H 7 HOH 87 487 93  HOH HOH A . 
H 7 HOH 88 488 41  HOH HOH A . 
# 
loop_
_pdbx_unobs_or_zero_occ_atoms.id 
_pdbx_unobs_or_zero_occ_atoms.PDB_model_num 
_pdbx_unobs_or_zero_occ_atoms.polymer_flag 
_pdbx_unobs_or_zero_occ_atoms.occupancy_flag 
_pdbx_unobs_or_zero_occ_atoms.auth_asym_id 
_pdbx_unobs_or_zero_occ_atoms.auth_comp_id 
_pdbx_unobs_or_zero_occ_atoms.auth_seq_id 
_pdbx_unobs_or_zero_occ_atoms.PDB_ins_code 
_pdbx_unobs_or_zero_occ_atoms.auth_atom_id 
_pdbx_unobs_or_zero_occ_atoms.label_alt_id 
_pdbx_unobs_or_zero_occ_atoms.label_asym_id 
_pdbx_unobs_or_zero_occ_atoms.label_comp_id 
_pdbx_unobs_or_zero_occ_atoms.label_seq_id 
_pdbx_unobs_or_zero_occ_atoms.label_atom_id 
1  1 Y 1 A LYS 130 ? CE  ? A LYS 37  CE  
2  1 Y 1 A LYS 130 ? NZ  ? A LYS 37  NZ  
3  1 Y 1 A LYS 133 ? CG  ? A LYS 40  CG  
4  1 Y 1 A LYS 133 ? CD  ? A LYS 40  CD  
5  1 Y 1 A LYS 133 ? CE  ? A LYS 40  CE  
6  1 Y 1 A LYS 133 ? NZ  ? A LYS 40  NZ  
7  1 Y 1 A GLU 134 ? CG  ? A GLU 41  CG  
8  1 Y 1 A GLU 134 ? CD  ? A GLU 41  CD  
9  1 Y 1 A GLU 134 ? OE1 ? A GLU 41  OE1 
10 1 Y 1 A GLU 134 ? OE2 ? A GLU 41  OE2 
11 1 Y 1 A LYS 159 ? CD  ? A LYS 66  CD  
12 1 Y 1 A LYS 159 ? CE  ? A LYS 66  CE  
13 1 Y 1 A LYS 159 ? NZ  ? A LYS 66  NZ  
14 1 Y 1 A LYS 185 ? CE  ? A LYS 92  CE  
15 1 Y 1 A LYS 185 ? NZ  ? A LYS 92  NZ  
16 1 Y 1 A LYS 215 ? CD  ? A LYS 122 CD  
17 1 Y 1 A LYS 215 ? CE  ? A LYS 122 CE  
18 1 Y 1 A LYS 215 ? NZ  ? A LYS 122 NZ  
19 1 Y 1 A LYS 217 ? CE  ? A LYS 124 CE  
20 1 Y 1 A LYS 217 ? NZ  ? A LYS 124 NZ  
21 1 Y 1 A ARG 241 ? CD  ? A ARG 148 CD  
22 1 Y 1 A ARG 241 ? NE  ? A ARG 148 NE  
23 1 Y 1 A ARG 241 ? CZ  ? A ARG 148 CZ  
24 1 Y 1 A ARG 241 ? NH1 ? A ARG 148 NH1 
25 1 Y 1 A ARG 241 ? NH2 ? A ARG 148 NH2 
# 
loop_
_software.pdbx_ordinal 
_software.name 
_software.version 
_software.date 
_software.type 
_software.contact_author 
_software.contact_author_email 
_software.classification 
_software.location 
_software.language 
_software.citation_id 
1 REFMAC      5.8.0189 ?               program 'Garib N. Murshudov' garib@ysbl.york.ac.uk    refinement        
http://www.ccp4.ac.uk/dist/html/refmac5.html        Fortran_77 ? 
2 Aimless     0.5.29   17/10/16        program 'Phil Evans'         ?                        'data scaling'    
http://www.mrc-lmb.cam.ac.uk/harry/pre/aimless.html ?          ? 
3 PDB_EXTRACT 3.23     'SEP. 23, 2016' package PDB                  deposit@deposit.rcsb.org 'data extraction' 
http://sw-tools.pdb.org/apps/PDB_EXTRACT/           C++        ? 
4 XDS         .        ?               program ?                    ?                        'data reduction'  ? ?          ? 
5 REFMAC      .        ?               program ?                    ?                        phasing           ? ?          ? 
# 
_cell.entry_id           5QON 
_cell.length_a           48.294 
_cell.length_b           61.259 
_cell.length_c           65.908 
_cell.angle_alpha        90.000 
_cell.angle_beta         90.000 
_cell.angle_gamma        90.000 
_cell.Z_PDB              4 
_cell.pdbx_unique_axis   ? 
# 
_symmetry.entry_id                         5QON 
_symmetry.space_group_name_H-M             'P 21 21 21' 
_symmetry.pdbx_full_space_group_name_H-M   ? 
_symmetry.cell_setting                     ? 
_symmetry.Int_Tables_number                19 
# 
_exptl.crystals_number   1 
_exptl.entry_id          5QON 
_exptl.method            'X-RAY DIFFRACTION' 
# 
_exptl_crystal.id                    1 
_exptl_crystal.pdbx_mosaicity        0.080 
_exptl_crystal.pdbx_mosaicity_esd    ? 
_exptl_crystal.density_Matthews      2.56 
_exptl_crystal.density_diffrn        ? 
_exptl_crystal.density_meas          ? 
_exptl_crystal.density_meas_temp     ? 
_exptl_crystal.density_percent_sol   51.87 
_exptl_crystal.size_max              ? 
_exptl_crystal.size_mid              ? 
_exptl_crystal.size_min              ? 
_exptl_crystal.size_rad              ? 
_exptl_crystal.description           ? 
# 
_exptl_crystal_grow.crystal_id      1 
_exptl_crystal_grow.method          'VAPOR DIFFUSION, SITTING DROP' 
_exptl_crystal_grow.pH              4.5 
_exptl_crystal_grow.temp            277 
_exptl_crystal_grow.pdbx_details    '0.1 M acetate, pH 4.5, 5-25% PEG3350' 
_exptl_crystal_grow.temp_details    ? 
_exptl_crystal_grow.pdbx_pH_range   ? 
# 
_diffrn.id                     1 
_diffrn.ambient_temp           ? 
_diffrn.crystal_id             1 
_diffrn.ambient_temp_details   ? 
# 
_diffrn_detector.detector               PIXEL 
_diffrn_detector.type                   'DECTRIS PILATUS 2M' 
_diffrn_detector.pdbx_collection_date   2016-12-15 
_diffrn_detector.diffrn_id              1 
_diffrn_detector.details                ? 
# 
_diffrn_radiation.diffrn_id                        1 
_diffrn_radiation.wavelength_id                    1 
_diffrn_radiation.pdbx_diffrn_protocol             'SINGLE WAVELENGTH' 
_diffrn_radiation.pdbx_monochromatic_or_laue_m_l   ? 
_diffrn_radiation.monochromator                    ? 
_diffrn_radiation.pdbx_scattering_type             x-ray 
# 
_diffrn_radiation_wavelength.id           1 
_diffrn_radiation_wavelength.wavelength   0.92819 
_diffrn_radiation_wavelength.wt           1.0 
# 
_diffrn_source.diffrn_id                   1 
_diffrn_source.source                      SYNCHROTRON 
_diffrn_source.type                        'DIAMOND BEAMLINE I04-1' 
_diffrn_source.pdbx_wavelength_list        0.92819 
_diffrn_source.pdbx_synchrotron_site       Diamond 
_diffrn_source.pdbx_synchrotron_beamline   I04-1 
_diffrn_source.pdbx_wavelength             ? 
# 
_reflns.entry_id                     5QON 
_reflns.pdbx_diffrn_id               1 
_reflns.pdbx_ordinal                 1 
_reflns.observed_criterion_sigma_I   ? 
_reflns.observed_criterion_sigma_F   ? 
_reflns.d_resolution_low             29.020 
_reflns.d_resolution_high            1.800 
_reflns.number_obs                   18410 
_reflns.number_all                   ? 
_reflns.percent_possible_obs         98.400 
_reflns.pdbx_Rmerge_I_obs            0.067 
_reflns.pdbx_Rsym_value              ? 
_reflns.pdbx_netI_over_sigmaI        17.600 
_reflns.B_iso_Wilson_estimate        ? 
_reflns.pdbx_redundancy              6.600 
_reflns.pdbx_Rrim_I_all              0.073 
_reflns.pdbx_Rpim_I_all              0.028 
_reflns.pdbx_CC_half                 0.999 
_reflns.pdbx_netI_over_av_sigmaI     ? 
_reflns.pdbx_number_measured_all     121347 
_reflns.pdbx_scaling_rejects         0 
_reflns.pdbx_chi_squared             ? 
_reflns.Rmerge_F_all                 ? 
_reflns.Rmerge_F_obs                 ? 
_reflns.observed_criterion_F_max     ? 
_reflns.observed_criterion_F_min     ? 
_reflns.observed_criterion_I_max     ? 
_reflns.observed_criterion_I_min     ? 
_reflns.pdbx_d_res_high_opt          ? 
_reflns.pdbx_d_res_low_opt           ? 
_reflns.details                      ? 
# 
loop_
_reflns_shell.pdbx_diffrn_id 
_reflns_shell.pdbx_ordinal 
_reflns_shell.d_res_high 
_reflns_shell.d_res_low 
_reflns_shell.number_measured_obs 
_reflns_shell.number_measured_all 
_reflns_shell.number_unique_obs 
_reflns_shell.pdbx_rejects 
_reflns_shell.Rmerge_I_obs 
_reflns_shell.meanI_over_sigI_obs 
_reflns_shell.pdbx_Rsym_value 
_reflns_shell.pdbx_chi_squared 
_reflns_shell.pdbx_redundancy 
_reflns_shell.percent_possible_obs 
_reflns_shell.pdbx_netI_over_sigmaI_obs 
_reflns_shell.number_possible 
_reflns_shell.number_unique_all 
_reflns_shell.Rmerge_F_all 
_reflns_shell.Rmerge_F_obs 
_reflns_shell.Rmerge_I_all 
_reflns_shell.meanI_over_sigI_all 
_reflns_shell.percent_possible_all 
_reflns_shell.pdbx_Rrim_I_all 
_reflns_shell.pdbx_Rpim_I_all 
_reflns_shell.pdbx_CC_half 
1 1 1.800 1.850  ? 8419 ? ? 0.835 ? ? ? 6.500 ? 2.300  ? 1295 ? ? ? ? 95.700 0.908 0.352 0.811 
1 2 8.040 29.020 ? 1455 ? ? 0.025 ? ? ? 5.800 ? 55.500 ? 249  ? ? ? ? 97.100 0.027 0.011 1.000 
# 
_refine.entry_id                                 5QON 
_refine.pdbx_refine_id                           'X-RAY DIFFRACTION' 
_refine.ls_d_res_high                            1.8000 
_refine.ls_d_res_low                             44.8700 
_refine.pdbx_ls_sigma_F                          0.000 
_refine.pdbx_data_cutoff_high_absF               ? 
_refine.pdbx_data_cutoff_low_absF                ? 
_refine.ls_percent_reflns_obs                    97.9600 
_refine.ls_number_reflns_obs                     17489 
_refine.ls_number_reflns_all                     ? 
_refine.pdbx_ls_cross_valid_method               THROUGHOUT 
_refine.ls_matrix_type                           ? 
_refine.pdbx_R_Free_selection_details            RANDOM 
_refine.details                                  
'HYDROGENS HAVE BEEN ADDED IN THE RIDING POSITIONS U VALUES : REFINED INDIVIDUALLY' 
_refine.ls_R_factor_all                          ? 
_refine.ls_R_factor_obs                          0.1976 
_refine.ls_R_factor_R_work                       0.1950 
_refine.ls_wR_factor_R_work                      ? 
_refine.ls_R_factor_R_free                       0.2521 
_refine.ls_wR_factor_R_free                      ? 
_refine.ls_percent_reflns_R_free                 4.9000 
_refine.ls_number_reflns_R_free                  892 
_refine.ls_number_reflns_R_work                  ? 
_refine.ls_R_factor_R_free_error                 ? 
_refine.B_iso_mean                               33.5280 
_refine.solvent_model_param_bsol                 ? 
_refine.solvent_model_param_ksol                 ? 
_refine.pdbx_isotropic_thermal_model             ? 
_refine.aniso_B[1][1]                            0.0500 
_refine.aniso_B[2][2]                            -0.0500 
_refine.aniso_B[3][3]                            -0.0000 
_refine.aniso_B[1][2]                            0.0000 
_refine.aniso_B[1][3]                            -0.0000 
_refine.aniso_B[2][3]                            0.0000 
_refine.correlation_coeff_Fo_to_Fc               0.9580 
_refine.correlation_coeff_Fo_to_Fc_free          0.9200 
_refine.overall_SU_R_Cruickshank_DPI             ? 
_refine.pdbx_overall_SU_R_free_Cruickshank_DPI   ? 
_refine.pdbx_overall_SU_R_Blow_DPI               ? 
_refine.pdbx_overall_SU_R_free_Blow_DPI          ? 
_refine.overall_SU_R_free                        ? 
_refine.pdbx_overall_ESU_R                       0.1350 
_refine.pdbx_overall_ESU_R_Free                  0.1400 
_refine.overall_SU_ML                            0.1010 
_refine.overall_SU_B                             3.3420 
_refine.solvent_model_details                    MASK 
_refine.pdbx_solvent_vdw_probe_radii             1.2000 
_refine.pdbx_solvent_ion_probe_radii             0.8000 
_refine.pdbx_solvent_shrinkage_radii             0.8000 
_refine.ls_number_parameters                     ? 
_refine.ls_number_restraints                     ? 
_refine.pdbx_starting_model                      'PDB entry 5MP0' 
_refine.pdbx_method_to_determine_struct          'FOURIER SYNTHESIS' 
_refine.pdbx_stereochemistry_target_values       'MAXIMUM LIKELIHOOD' 
_refine.pdbx_stereochem_target_val_spec_case     ? 
_refine.overall_FOM_work_R_set                   ? 
_refine.B_iso_max                                87.120 
_refine.B_iso_min                                14.990 
_refine.pdbx_overall_phase_error                 ? 
_refine.occupancy_max                            ? 
_refine.occupancy_min                            ? 
_refine.pdbx_diffrn_id                           1 
_refine.pdbx_TLS_residual_ADP_flag               ? 
_refine.pdbx_ls_sigma_I                          ? 
_refine.pdbx_data_cutoff_high_rms_absF           ? 
_refine.ls_R_factor_R_free_error_details         ? 
# 
_refine_hist.cycle_id                         final 
_refine_hist.pdbx_refine_id                   'X-RAY DIFFRACTION' 
_refine_hist.d_res_high                       1.8000 
_refine_hist.d_res_low                        44.8700 
_refine_hist.pdbx_number_atoms_ligand         41 
_refine_hist.number_atoms_solvent             88 
_refine_hist.number_atoms_total               1324 
_refine_hist.pdbx_number_residues_total       149 
_refine_hist.pdbx_B_iso_mean_ligand           58.37 
_refine_hist.pdbx_B_iso_mean_solvent          40.28 
_refine_hist.pdbx_number_atoms_protein        1195 
_refine_hist.pdbx_number_atoms_nucleic_acid   0 
# 
loop_
_refine_ls_restr.pdbx_refine_id 
_refine_ls_restr.type 
_refine_ls_restr.number 
_refine_ls_restr.dev_ideal 
_refine_ls_restr.dev_ideal_target 
_refine_ls_restr.weight 
_refine_ls_restr.pdbx_restraint_function 
'X-RAY DIFFRACTION' r_bond_refined_d       1753 0.020  0.020  ? ? 
'X-RAY DIFFRACTION' r_bond_other_d         1405 0.002  0.020  ? ? 
'X-RAY DIFFRACTION' r_angle_refined_deg    2092 1.996  1.989  ? ? 
'X-RAY DIFFRACTION' r_angle_other_deg      3247 1.208  3.000  ? ? 
'X-RAY DIFFRACTION' r_dihedral_angle_1_deg 193  6.471  5.000  ? ? 
'X-RAY DIFFRACTION' r_dihedral_angle_2_deg 76   31.754 22.105 ? ? 
'X-RAY DIFFRACTION' r_dihedral_angle_3_deg 250  16.950 15.000 ? ? 
'X-RAY DIFFRACTION' r_dihedral_angle_4_deg 19   21.796 15.000 ? ? 
'X-RAY DIFFRACTION' r_chiral_restr         205  0.128  0.200  ? ? 
'X-RAY DIFFRACTION' r_gen_planes_refined   1955 0.011  0.021  ? ? 
'X-RAY DIFFRACTION' r_gen_planes_other     376  0.003  0.020  ? ? 
'X-RAY DIFFRACTION' r_mcbond_it            805  2.896  3.183  ? ? 
'X-RAY DIFFRACTION' r_mcbond_other         806  2.894  3.184  ? ? 
'X-RAY DIFFRACTION' r_mcangle_it           927  4.334  4.619  ? ? 
# 
_refine_ls_shell.d_res_high                       1.7990 
_refine_ls_shell.d_res_low                        1.8450 
_refine_ls_shell.pdbx_total_number_of_bins_used   20 
_refine_ls_shell.percent_reflns_obs               95.0600 
_refine_ls_shell.number_reflns_R_work             1216 
_refine_ls_shell.R_factor_all                     ? 
_refine_ls_shell.R_factor_R_work                  0.3110 
_refine_ls_shell.R_factor_R_free                  0.3540 
_refine_ls_shell.percent_reflns_R_free            ? 
_refine_ls_shell.number_reflns_R_free             74 
_refine_ls_shell.R_factor_R_free_error            ? 
_refine_ls_shell.number_reflns_all                1290 
_refine_ls_shell.number_reflns_obs                ? 
_refine_ls_shell.pdbx_refine_id                   'X-RAY DIFFRACTION' 
# 
_struct.entry_id                  5QON 
_struct.title                     
'PanDDA analysis group deposition -- Crystal Structure of DCP2 (NUDT20) in complex with FMOPL000446a' 
_struct.pdbx_model_details        ? 
_struct.pdbx_CASP_flag            ? 
_struct.pdbx_model_type_details   ? 
# 
_struct_keywords.entry_id        5QON 
_struct_keywords.text            'SGC - Diamond I04-1 fragment screening, PanDDA, XChemExplorer, HYDROLASE' 
_struct_keywords.pdbx_keywords   HYDROLASE 
# 
loop_
_struct_asym.id 
_struct_asym.pdbx_blank_PDB_chainid_flag 
_struct_asym.pdbx_modified 
_struct_asym.entity_id 
_struct_asym.details 
A N N 1 ? 
B N N 2 ? 
C N N 3 ? 
D N N 4 ? 
E N N 4 ? 
F N N 5 ? 
G N N 6 ? 
H N N 7 ? 
# 
_struct_ref.id                         1 
_struct_ref.db_name                    UNP 
_struct_ref.db_code                    DCP2_HUMAN 
_struct_ref.pdbx_db_accession          Q8IU60 
_struct_ref.pdbx_db_isoform            ? 
_struct_ref.entity_id                  1 
_struct_ref.pdbx_seq_one_letter_code   
;MGVPTYGAIILDETLENVLLVQGYLAKSGWGFPKGKVNKEEAPHDCAAREVFEETGFDIKDYICKDDYIELRINDQLARL
YIIPGIPKDTKFNPKTRREIRNIEWFSIEKLPCHRNDMTPKSKLGLAPNKFFMAIPFIRPLRDWLSRRFGDSSDSDNGFS
STGSTP
;
_struct_ref.pdbx_align_begin           95 
# 
_struct_ref_seq.align_id                      1 
_struct_ref_seq.ref_id                        1 
_struct_ref_seq.pdbx_PDB_id_code              5QON 
_struct_ref_seq.pdbx_strand_id                A 
_struct_ref_seq.seq_align_beg                 2 
_struct_ref_seq.pdbx_seq_align_beg_ins_code   ? 
_struct_ref_seq.seq_align_end                 167 
_struct_ref_seq.pdbx_seq_align_end_ins_code   ? 
_struct_ref_seq.pdbx_db_accession             Q8IU60 
_struct_ref_seq.db_align_beg                  95 
_struct_ref_seq.pdbx_db_align_beg_ins_code    ? 
_struct_ref_seq.db_align_end                  260 
_struct_ref_seq.pdbx_db_align_end_ins_code    ? 
_struct_ref_seq.pdbx_auth_seq_align_beg       95 
_struct_ref_seq.pdbx_auth_seq_align_end       260 
# 
_struct_ref_seq_dif.align_id                     1 
_struct_ref_seq_dif.pdbx_pdb_id_code             5QON 
_struct_ref_seq_dif.mon_id                       SER 
_struct_ref_seq_dif.pdbx_pdb_strand_id           A 
_struct_ref_seq_dif.seq_num                      1 
_struct_ref_seq_dif.pdbx_pdb_ins_code            ? 
_struct_ref_seq_dif.pdbx_seq_db_name             UNP 
_struct_ref_seq_dif.pdbx_seq_db_accession_code   Q8IU60 
_struct_ref_seq_dif.db_mon_id                    ? 
_struct_ref_seq_dif.pdbx_seq_db_seq_num          ? 
_struct_ref_seq_dif.details                      'expression tag' 
_struct_ref_seq_dif.pdbx_auth_seq_num            94 
_struct_ref_seq_dif.pdbx_ordinal                 1 
# 
_pdbx_struct_assembly.id                   1 
_pdbx_struct_assembly.details              author_and_software_defined_assembly 
_pdbx_struct_assembly.method_details       PISA 
_pdbx_struct_assembly.oligomeric_details   monomeric 
_pdbx_struct_assembly.oligomeric_count     1 
# 
loop_
_pdbx_struct_assembly_prop.biol_id 
_pdbx_struct_assembly_prop.type 
_pdbx_struct_assembly_prop.value 
_pdbx_struct_assembly_prop.details 
1 'ABSA (A^2)' 1020 ? 
1 MORE         8    ? 
1 'SSA (A^2)'  8910 ? 
# 
_pdbx_struct_assembly_gen.assembly_id       1 
_pdbx_struct_assembly_gen.oper_expression   1 
_pdbx_struct_assembly_gen.asym_id_list      A,B,C,D,E,F,G,H 
# 
_pdbx_struct_oper_list.id                   1 
_pdbx_struct_oper_list.type                 'identity operation' 
_pdbx_struct_oper_list.name                 1_555 
_pdbx_struct_oper_list.symmetry_operation   x,y,z 
_pdbx_struct_oper_list.matrix[1][1]         1.0000000000 
_pdbx_struct_oper_list.matrix[1][2]         0.0000000000 
_pdbx_struct_oper_list.matrix[1][3]         0.0000000000 
_pdbx_struct_oper_list.vector[1]            0.0000000000 
_pdbx_struct_oper_list.matrix[2][1]         0.0000000000 
_pdbx_struct_oper_list.matrix[2][2]         1.0000000000 
_pdbx_struct_oper_list.matrix[2][3]         0.0000000000 
_pdbx_struct_oper_list.vector[2]            0.0000000000 
_pdbx_struct_oper_list.matrix[3][1]         0.0000000000 
_pdbx_struct_oper_list.matrix[3][2]         0.0000000000 
_pdbx_struct_oper_list.matrix[3][3]         1.0000000000 
_pdbx_struct_oper_list.vector[3]            0.0000000000 
# 
loop_
_struct_conf.conf_type_id 
_struct_conf.id 
_struct_conf.pdbx_PDB_helix_id 
_struct_conf.beg_label_comp_id 
_struct_conf.beg_label_asym_id 
_struct_conf.beg_label_seq_id 
_struct_conf.pdbx_beg_PDB_ins_code 
_struct_conf.end_label_comp_id 
_struct_conf.end_label_asym_id 
_struct_conf.end_label_seq_id 
_struct_conf.pdbx_end_PDB_ins_code 
_struct_conf.beg_auth_comp_id 
_struct_conf.beg_auth_asym_id 
_struct_conf.beg_auth_seq_id 
_struct_conf.end_auth_comp_id 
_struct_conf.end_auth_asym_id 
_struct_conf.end_auth_seq_id 
_struct_conf.pdbx_PDB_helix_class 
_struct_conf.details 
_struct_conf.pdbx_PDB_helix_length 
HELX_P HELX_P1 AA1 TYR A 25  ? SER A 29  ? TYR A 118 SER A 122 5 ? 5  
HELX_P HELX_P2 AA2 ALA A 43  ? GLY A 57  ? ALA A 136 GLY A 150 1 ? 15 
HELX_P HELX_P3 AA3 GLU A 110 ? LEU A 112 ? GLU A 203 LEU A 205 5 ? 3  
HELX_P HELX_P4 AA4 MET A 119 ? SER A 123 ? MET A 212 SER A 216 5 ? 5  
HELX_P HELX_P5 AA5 ALA A 135 ? PRO A 137 ? ALA A 228 PRO A 230 5 ? 3  
HELX_P HELX_P6 AA6 PHE A 138 ? PHE A 150 ? PHE A 231 PHE A 243 1 ? 13 
# 
_struct_conf_type.id          HELX_P 
_struct_conf_type.criteria    ? 
_struct_conf_type.reference   ? 
# 
loop_
_struct_sheet.id 
_struct_sheet.type 
_struct_sheet.number_strands 
_struct_sheet.details 
AA1 ? 4 ? 
AA2 ? 3 ? 
# 
loop_
_struct_sheet_order.sheet_id 
_struct_sheet_order.range_id_1 
_struct_sheet_order.range_id_2 
_struct_sheet_order.offset 
_struct_sheet_order.sense 
AA1 1 2 ? anti-parallel 
AA1 2 3 ? parallel      
AA1 3 4 ? anti-parallel 
AA2 1 2 ? anti-parallel 
AA2 2 3 ? anti-parallel 
# 
loop_
_struct_sheet_range.sheet_id 
_struct_sheet_range.id 
_struct_sheet_range.beg_label_comp_id 
_struct_sheet_range.beg_label_asym_id 
_struct_sheet_range.beg_label_seq_id 
_struct_sheet_range.pdbx_beg_PDB_ins_code 
_struct_sheet_range.end_label_comp_id 
_struct_sheet_range.end_label_asym_id 
_struct_sheet_range.end_label_seq_id 
_struct_sheet_range.pdbx_end_PDB_ins_code 
_struct_sheet_range.beg_auth_comp_id 
_struct_sheet_range.beg_auth_asym_id 
_struct_sheet_range.beg_auth_seq_id 
_struct_sheet_range.end_auth_comp_id 
_struct_sheet_range.end_auth_asym_id 
_struct_sheet_range.end_auth_seq_id 
AA1 1 LYS A 35  ? LYS A 37  ? LYS A 128 LYS A 130 
AA1 2 THR A 6   ? ILE A 11  ? THR A 99  ILE A 104 
AA1 3 GLN A 77  ? ILE A 84  ? GLN A 170 ILE A 177 
AA1 4 TYR A 69  ? ILE A 74  ? TYR A 162 ILE A 167 
AA2 1 TRP A 31  ? GLY A 32  ? TRP A 124 GLY A 125 
AA2 2 ASN A 18  ? GLN A 23  ? ASN A 111 GLN A 116 
AA2 3 ASN A 103 ? SER A 108 ? ASN A 196 SER A 201 
# 
loop_
_pdbx_struct_sheet_hbond.sheet_id 
_pdbx_struct_sheet_hbond.range_id_1 
_pdbx_struct_sheet_hbond.range_id_2 
_pdbx_struct_sheet_hbond.range_1_label_atom_id 
_pdbx_struct_sheet_hbond.range_1_label_comp_id 
_pdbx_struct_sheet_hbond.range_1_label_asym_id 
_pdbx_struct_sheet_hbond.range_1_label_seq_id 
_pdbx_struct_sheet_hbond.range_1_PDB_ins_code 
_pdbx_struct_sheet_hbond.range_1_auth_atom_id 
_pdbx_struct_sheet_hbond.range_1_auth_comp_id 
_pdbx_struct_sheet_hbond.range_1_auth_asym_id 
_pdbx_struct_sheet_hbond.range_1_auth_seq_id 
_pdbx_struct_sheet_hbond.range_2_label_atom_id 
_pdbx_struct_sheet_hbond.range_2_label_comp_id 
_pdbx_struct_sheet_hbond.range_2_label_asym_id 
_pdbx_struct_sheet_hbond.range_2_label_seq_id 
_pdbx_struct_sheet_hbond.range_2_PDB_ins_code 
_pdbx_struct_sheet_hbond.range_2_auth_atom_id 
_pdbx_struct_sheet_hbond.range_2_auth_comp_id 
_pdbx_struct_sheet_hbond.range_2_auth_asym_id 
_pdbx_struct_sheet_hbond.range_2_auth_seq_id 
AA1 1 2 O GLY A 36 ? O GLY A 129 N TYR A 7   ? N TYR A 100 
AA1 2 3 N ILE A 10 ? N ILE A 103 O ILE A 84  ? O ILE A 177 
AA1 3 4 O LEU A 81 ? O LEU A 174 N ILE A 70  ? N ILE A 163 
AA2 1 2 O GLY A 32 ? O GLY A 125 N VAL A 22  ? N VAL A 115 
AA2 2 3 N LEU A 21 ? N LEU A 114 O GLU A 105 ? O GLU A 198 
# 
loop_
_struct_site.id 
_struct_site.pdbx_evidence_code 
_struct_site.pdbx_auth_asym_id 
_struct_site.pdbx_auth_comp_id 
_struct_site.pdbx_auth_seq_id 
_struct_site.pdbx_auth_ins_code 
_struct_site.pdbx_num_residues 
_struct_site.details 
AC1 Software A EDO 301 ? 4  'binding site for residue EDO A 301' 
AC2 Software A DMS 302 ? 2  'binding site for residue DMS A 302' 
AC3 Software A ACT 303 ? 4  'binding site for residue ACT A 303' 
AC4 Software A ACT 304 ? 3  'binding site for residue ACT A 304' 
AC5 Software A PEG 305 ? 7  'binding site for residue PEG A 305' 
AC6 Software A LDS 306 ? 11 'binding site for residue LDS A 306' 
# 
loop_
_struct_site_gen.id 
_struct_site_gen.site_id 
_struct_site_gen.pdbx_num_res 
_struct_site_gen.label_comp_id 
_struct_site_gen.label_asym_id 
_struct_site_gen.label_seq_id 
_struct_site_gen.pdbx_auth_ins_code 
_struct_site_gen.auth_comp_id 
_struct_site_gen.auth_asym_id 
_struct_site_gen.auth_seq_id 
_struct_site_gen.label_atom_id 
_struct_site_gen.label_alt_id 
_struct_site_gen.symmetry 
_struct_site_gen.details 
1  AC1 4  ALA A 49  ? ALA A 142 . ? 1_555 ? 
2  AC1 4  ASP A 59  ? ASP A 152 . ? 1_555 ? 
3  AC1 4  HOH H .   ? HOH A 416 . ? 1_555 ? 
4  AC1 4  HOH H .   ? HOH A 435 . ? 1_555 ? 
5  AC2 2  ASN A 18  ? ASN A 111 . ? 1_555 ? 
6  AC2 2  TRP A 106 ? TRP A 199 . ? 1_555 ? 
7  AC3 4  SER A 29  ? SER A 122 . ? 1_555 ? 
8  AC3 4  TYR A 63  ? TYR A 156 . ? 3_357 ? 
9  AC3 4  LDS G .   ? LDS A 306 . ? 1_555 ? 
10 AC3 4  HOH H .   ? HOH A 405 . ? 1_555 ? 
11 AC4 3  ARG A 116 ? ARG A 209 . ? 1_555 ? 
12 AC4 3  PRO A 129 ? PRO A 222 . ? 1_555 ? 
13 AC4 3  ASN A 130 ? ASN A 223 . ? 1_555 ? 
14 AC5 7  VAL A 22  ? VAL A 115 . ? 1_555 ? 
15 AC5 7  GLY A 24  ? GLY A 117 . ? 1_555 ? 
16 AC5 7  LYS A 28  ? LYS A 121 . ? 1_555 ? 
17 AC5 7  GLY A 30  ? GLY A 123 . ? 1_555 ? 
18 AC5 7  LYS A 35  ? LYS A 128 . ? 1_555 ? 
19 AC5 7  GLU A 55  ? GLU A 148 . ? 1_555 ? 
20 AC5 7  MET A 134 ? MET A 227 . ? 1_555 ? 
21 AC6 11 SER A 29  ? SER A 122 . ? 1_555 ? 
22 AC6 11 GLY A 30  ? GLY A 123 . ? 1_555 ? 
23 AC6 11 ASP A 62  ? ASP A 155 . ? 3_357 ? 
24 AC6 11 TYR A 63  ? TYR A 156 . ? 3_357 ? 
25 AC6 11 PRO A 129 ? PRO A 222 . ? 1_555 ? 
26 AC6 11 ASN A 130 ? ASN A 223 . ? 1_555 ? 
27 AC6 11 LYS A 131 ? LYS A 224 . ? 1_555 ? 
28 AC6 11 ACT D .   ? ACT A 303 . ? 1_555 ? 
29 AC6 11 HOH H .   ? HOH A 401 . ? 1_555 ? 
30 AC6 11 HOH H .   ? HOH A 402 . ? 1_555 ? 
31 AC6 11 HOH H .   ? HOH A 475 . ? 1_555 ? 
# 
loop_
_pdbx_validate_close_contact.id 
_pdbx_validate_close_contact.PDB_model_num 
_pdbx_validate_close_contact.auth_atom_id_1 
_pdbx_validate_close_contact.auth_asym_id_1 
_pdbx_validate_close_contact.auth_comp_id_1 
_pdbx_validate_close_contact.auth_seq_id_1 
_pdbx_validate_close_contact.PDB_ins_code_1 
_pdbx_validate_close_contact.label_alt_id_1 
_pdbx_validate_close_contact.auth_atom_id_2 
_pdbx_validate_close_contact.auth_asym_id_2 
_pdbx_validate_close_contact.auth_comp_id_2 
_pdbx_validate_close_contact.auth_seq_id_2 
_pdbx_validate_close_contact.PDB_ins_code_2 
_pdbx_validate_close_contact.label_alt_id_2 
_pdbx_validate_close_contact.dist 
1 1 O1 A LDS 306 ? ? O A HOH 401 ? ? 2.10 
2 1 O  A LDS 306 ? ? O A HOH 402 ? ? 2.18 
# 
_pdbx_validate_rmsd_bond.id                        1 
_pdbx_validate_rmsd_bond.PDB_model_num             1 
_pdbx_validate_rmsd_bond.auth_atom_id_1            CE1 
_pdbx_validate_rmsd_bond.auth_asym_id_1            A 
_pdbx_validate_rmsd_bond.auth_comp_id_1            TYR 
_pdbx_validate_rmsd_bond.auth_seq_id_1             118 
_pdbx_validate_rmsd_bond.PDB_ins_code_1            ? 
_pdbx_validate_rmsd_bond.label_alt_id_1            ? 
_pdbx_validate_rmsd_bond.auth_atom_id_2            CZ 
_pdbx_validate_rmsd_bond.auth_asym_id_2            A 
_pdbx_validate_rmsd_bond.auth_comp_id_2            TYR 
_pdbx_validate_rmsd_bond.auth_seq_id_2             118 
_pdbx_validate_rmsd_bond.PDB_ins_code_2            ? 
_pdbx_validate_rmsd_bond.label_alt_id_2            ? 
_pdbx_validate_rmsd_bond.bond_value                1.292 
_pdbx_validate_rmsd_bond.bond_target_value         1.381 
_pdbx_validate_rmsd_bond.bond_deviation            -0.089 
_pdbx_validate_rmsd_bond.bond_standard_deviation   0.013 
_pdbx_validate_rmsd_bond.linker_flag               N 
# 
loop_
_pdbx_validate_rmsd_angle.id 
_pdbx_validate_rmsd_angle.PDB_model_num 
_pdbx_validate_rmsd_angle.auth_atom_id_1 
_pdbx_validate_rmsd_angle.auth_asym_id_1 
_pdbx_validate_rmsd_angle.auth_comp_id_1 
_pdbx_validate_rmsd_angle.auth_seq_id_1 
_pdbx_validate_rmsd_angle.PDB_ins_code_1 
_pdbx_validate_rmsd_angle.label_alt_id_1 
_pdbx_validate_rmsd_angle.auth_atom_id_2 
_pdbx_validate_rmsd_angle.auth_asym_id_2 
_pdbx_validate_rmsd_angle.auth_comp_id_2 
_pdbx_validate_rmsd_angle.auth_seq_id_2 
_pdbx_validate_rmsd_angle.PDB_ins_code_2 
_pdbx_validate_rmsd_angle.label_alt_id_2 
_pdbx_validate_rmsd_angle.auth_atom_id_3 
_pdbx_validate_rmsd_angle.auth_asym_id_3 
_pdbx_validate_rmsd_angle.auth_comp_id_3 
_pdbx_validate_rmsd_angle.auth_seq_id_3 
_pdbx_validate_rmsd_angle.PDB_ins_code_3 
_pdbx_validate_rmsd_angle.label_alt_id_3 
_pdbx_validate_rmsd_angle.angle_value 
_pdbx_validate_rmsd_angle.angle_target_value 
_pdbx_validate_rmsd_angle.angle_deviation 
_pdbx_validate_rmsd_angle.angle_standard_deviation 
_pdbx_validate_rmsd_angle.linker_flag 
1 1 CB A ASP 152 ? ? CG A ASP 152 ? ? OD1 A ASP 152 ? ? 126.41 118.30 8.11 0.90 N 
2 1 NE A ARG 209 ? A CZ A ARG 209 ? A NH1 A ARG 209 ? A 123.73 120.30 3.43 0.50 N 
# 
loop_
_pdbx_validate_torsion.id 
_pdbx_validate_torsion.PDB_model_num 
_pdbx_validate_torsion.auth_comp_id 
_pdbx_validate_torsion.auth_asym_id 
_pdbx_validate_torsion.auth_seq_id 
_pdbx_validate_torsion.PDB_ins_code 
_pdbx_validate_torsion.label_alt_id 
_pdbx_validate_torsion.phi 
_pdbx_validate_torsion.psi 
1 1 LEU A 119 ? ? 62.37 -117.37 
2 1 ASP A 169 ? ? 86.29 -10.55  
# 
_phasing.method   MR 
# 
loop_
_pdbx_unobs_or_zero_occ_residues.id 
_pdbx_unobs_or_zero_occ_residues.PDB_model_num 
_pdbx_unobs_or_zero_occ_residues.polymer_flag 
_pdbx_unobs_or_zero_occ_residues.occupancy_flag 
_pdbx_unobs_or_zero_occ_residues.auth_asym_id 
_pdbx_unobs_or_zero_occ_residues.auth_comp_id 
_pdbx_unobs_or_zero_occ_residues.auth_seq_id 
_pdbx_unobs_or_zero_occ_residues.PDB_ins_code 
_pdbx_unobs_or_zero_occ_residues.label_asym_id 
_pdbx_unobs_or_zero_occ_residues.label_comp_id 
_pdbx_unobs_or_zero_occ_residues.label_seq_id 
1  1 Y 1 A SER 94  ? A SER 1   
2  1 Y 1 A MET 95  ? A MET 2   
3  1 Y 1 A ASP 245 ? A ASP 152 
4  1 Y 1 A SER 246 ? A SER 153 
5  1 Y 1 A SER 247 ? A SER 154 
6  1 Y 1 A ASP 248 ? A ASP 155 
7  1 Y 1 A SER 249 ? A SER 156 
8  1 Y 1 A ASP 250 ? A ASP 157 
9  1 Y 1 A ASN 251 ? A ASN 158 
10 1 Y 1 A GLY 252 ? A GLY 159 
11 1 Y 1 A PHE 253 ? A PHE 160 
12 1 Y 1 A SER 254 ? A SER 161 
13 1 Y 1 A SER 255 ? A SER 162 
14 1 Y 1 A THR 256 ? A THR 163 
15 1 Y 1 A GLY 257 ? A GLY 164 
16 1 Y 1 A SER 258 ? A SER 165 
17 1 Y 1 A THR 259 ? A THR 166 
18 1 Y 1 A PRO 260 ? A PRO 167 
# 
loop_
_chem_comp_atom.comp_id 
_chem_comp_atom.atom_id 
_chem_comp_atom.type_symbol 
_chem_comp_atom.pdbx_aromatic_flag 
_chem_comp_atom.pdbx_stereo_config 
_chem_comp_atom.pdbx_ordinal 
ACT C    C N N 1   
ACT O    O N N 2   
ACT OXT  O N N 3   
ACT CH3  C N N 4   
ACT H1   H N N 5   
ACT H2   H N N 6   
ACT H3   H N N 7   
ALA N    N N N 8   
ALA CA   C N S 9   
ALA C    C N N 10  
ALA O    O N N 11  
ALA CB   C N N 12  
ALA OXT  O N N 13  
ALA H    H N N 14  
ALA H2   H N N 15  
ALA HA   H N N 16  
ALA HB1  H N N 17  
ALA HB2  H N N 18  
ALA HB3  H N N 19  
ALA HXT  H N N 20  
ARG N    N N N 21  
ARG CA   C N S 22  
ARG C    C N N 23  
ARG O    O N N 24  
ARG CB   C N N 25  
ARG CG   C N N 26  
ARG CD   C N N 27  
ARG NE   N N N 28  
ARG CZ   C N N 29  
ARG NH1  N N N 30  
ARG NH2  N N N 31  
ARG OXT  O N N 32  
ARG H    H N N 33  
ARG H2   H N N 34  
ARG HA   H N N 35  
ARG HB2  H N N 36  
ARG HB3  H N N 37  
ARG HG2  H N N 38  
ARG HG3  H N N 39  
ARG HD2  H N N 40  
ARG HD3  H N N 41  
ARG HE   H N N 42  
ARG HH11 H N N 43  
ARG HH12 H N N 44  
ARG HH21 H N N 45  
ARG HH22 H N N 46  
ARG HXT  H N N 47  
ASN N    N N N 48  
ASN CA   C N S 49  
ASN C    C N N 50  
ASN O    O N N 51  
ASN CB   C N N 52  
ASN CG   C N N 53  
ASN OD1  O N N 54  
ASN ND2  N N N 55  
ASN OXT  O N N 56  
ASN H    H N N 57  
ASN H2   H N N 58  
ASN HA   H N N 59  
ASN HB2  H N N 60  
ASN HB3  H N N 61  
ASN HD21 H N N 62  
ASN HD22 H N N 63  
ASN HXT  H N N 64  
ASP N    N N N 65  
ASP CA   C N S 66  
ASP C    C N N 67  
ASP O    O N N 68  
ASP CB   C N N 69  
ASP CG   C N N 70  
ASP OD1  O N N 71  
ASP OD2  O N N 72  
ASP OXT  O N N 73  
ASP H    H N N 74  
ASP H2   H N N 75  
ASP HA   H N N 76  
ASP HB2  H N N 77  
ASP HB3  H N N 78  
ASP HD2  H N N 79  
ASP HXT  H N N 80  
CYS N    N N N 81  
CYS CA   C N R 82  
CYS C    C N N 83  
CYS O    O N N 84  
CYS CB   C N N 85  
CYS SG   S N N 86  
CYS OXT  O N N 87  
CYS H    H N N 88  
CYS H2   H N N 89  
CYS HA   H N N 90  
CYS HB2  H N N 91  
CYS HB3  H N N 92  
CYS HG   H N N 93  
CYS HXT  H N N 94  
DMS S    S N N 95  
DMS O    O N N 96  
DMS C1   C N N 97  
DMS C2   C N N 98  
DMS H11  H N N 99  
DMS H12  H N N 100 
DMS H13  H N N 101 
DMS H21  H N N 102 
DMS H22  H N N 103 
DMS H23  H N N 104 
EDO C1   C N N 105 
EDO O1   O N N 106 
EDO C2   C N N 107 
EDO O2   O N N 108 
EDO H11  H N N 109 
EDO H12  H N N 110 
EDO HO1  H N N 111 
EDO H21  H N N 112 
EDO H22  H N N 113 
EDO HO2  H N N 114 
GLN N    N N N 115 
GLN CA   C N S 116 
GLN C    C N N 117 
GLN O    O N N 118 
GLN CB   C N N 119 
GLN CG   C N N 120 
GLN CD   C N N 121 
GLN OE1  O N N 122 
GLN NE2  N N N 123 
GLN OXT  O N N 124 
GLN H    H N N 125 
GLN H2   H N N 126 
GLN HA   H N N 127 
GLN HB2  H N N 128 
GLN HB3  H N N 129 
GLN HG2  H N N 130 
GLN HG3  H N N 131 
GLN HE21 H N N 132 
GLN HE22 H N N 133 
GLN HXT  H N N 134 
GLU N    N N N 135 
GLU CA   C N S 136 
GLU C    C N N 137 
GLU O    O N N 138 
GLU CB   C N N 139 
GLU CG   C N N 140 
GLU CD   C N N 141 
GLU OE1  O N N 142 
GLU OE2  O N N 143 
GLU OXT  O N N 144 
GLU H    H N N 145 
GLU H2   H N N 146 
GLU HA   H N N 147 
GLU HB2  H N N 148 
GLU HB3  H N N 149 
GLU HG2  H N N 150 
GLU HG3  H N N 151 
GLU HE2  H N N 152 
GLU HXT  H N N 153 
GLY N    N N N 154 
GLY CA   C N N 155 
GLY C    C N N 156 
GLY O    O N N 157 
GLY OXT  O N N 158 
GLY H    H N N 159 
GLY H2   H N N 160 
GLY HA2  H N N 161 
GLY HA3  H N N 162 
GLY HXT  H N N 163 
HIS N    N N N 164 
HIS CA   C N S 165 
HIS C    C N N 166 
HIS O    O N N 167 
HIS CB   C N N 168 
HIS CG   C Y N 169 
HIS ND1  N Y N 170 
HIS CD2  C Y N 171 
HIS CE1  C Y N 172 
HIS NE2  N Y N 173 
HIS OXT  O N N 174 
HIS H    H N N 175 
HIS H2   H N N 176 
HIS HA   H N N 177 
HIS HB2  H N N 178 
HIS HB3  H N N 179 
HIS HD1  H N N 180 
HIS HD2  H N N 181 
HIS HE1  H N N 182 
HIS HE2  H N N 183 
HIS HXT  H N N 184 
HOH O    O N N 185 
HOH H1   H N N 186 
HOH H2   H N N 187 
ILE N    N N N 188 
ILE CA   C N S 189 
ILE C    C N N 190 
ILE O    O N N 191 
ILE CB   C N S 192 
ILE CG1  C N N 193 
ILE CG2  C N N 194 
ILE CD1  C N N 195 
ILE OXT  O N N 196 
ILE H    H N N 197 
ILE H2   H N N 198 
ILE HA   H N N 199 
ILE HB   H N N 200 
ILE HG12 H N N 201 
ILE HG13 H N N 202 
ILE HG21 H N N 203 
ILE HG22 H N N 204 
ILE HG23 H N N 205 
ILE HD11 H N N 206 
ILE HD12 H N N 207 
ILE HD13 H N N 208 
ILE HXT  H N N 209 
LDS N1   N Y N 210 
LDS C4   C Y N 211 
LDS C5   C Y N 212 
LDS C6   C Y N 213 
LDS C7   C Y N 214 
LDS C8   C N N 215 
LDS C10  C Y N 216 
LDS N    N N N 217 
LDS C    C N N 218 
LDS O    O N N 219 
LDS C1   C N N 220 
LDS C11  C Y N 221 
LDS C12  C Y N 222 
LDS C2   C Y N 223 
LDS C3   C Y N 224 
LDS C9   C Y N 225 
LDS N2   N Y N 226 
LDS O1   O N N 227 
LDS H1   H N N 228 
LDS H2   H N N 229 
LDS H3   H N N 230 
LDS H4   H N N 231 
LDS H5   H N N 232 
LDS H6   H N N 233 
LDS H7   H N N 234 
LDS H8   H N N 235 
LDS H9   H N N 236 
LDS H10  H N N 237 
LDS H11  H N N 238 
LDS H12  H N N 239 
LDS H13  H N N 240 
LEU N    N N N 241 
LEU CA   C N S 242 
LEU C    C N N 243 
LEU O    O N N 244 
LEU CB   C N N 245 
LEU CG   C N N 246 
LEU CD1  C N N 247 
LEU CD2  C N N 248 
LEU OXT  O N N 249 
LEU H    H N N 250 
LEU H2   H N N 251 
LEU HA   H N N 252 
LEU HB2  H N N 253 
LEU HB3  H N N 254 
LEU HG   H N N 255 
LEU HD11 H N N 256 
LEU HD12 H N N 257 
LEU HD13 H N N 258 
LEU HD21 H N N 259 
LEU HD22 H N N 260 
LEU HD23 H N N 261 
LEU HXT  H N N 262 
LYS N    N N N 263 
LYS CA   C N S 264 
LYS C    C N N 265 
LYS O    O N N 266 
LYS CB   C N N 267 
LYS CG   C N N 268 
LYS CD   C N N 269 
LYS CE   C N N 270 
LYS NZ   N N N 271 
LYS OXT  O N N 272 
LYS H    H N N 273 
LYS H2   H N N 274 
LYS HA   H N N 275 
LYS HB2  H N N 276 
LYS HB3  H N N 277 
LYS HG2  H N N 278 
LYS HG3  H N N 279 
LYS HD2  H N N 280 
LYS HD3  H N N 281 
LYS HE2  H N N 282 
LYS HE3  H N N 283 
LYS HZ1  H N N 284 
LYS HZ2  H N N 285 
LYS HZ3  H N N 286 
LYS HXT  H N N 287 
MET N    N N N 288 
MET CA   C N S 289 
MET C    C N N 290 
MET O    O N N 291 
MET CB   C N N 292 
MET CG   C N N 293 
MET SD   S N N 294 
MET CE   C N N 295 
MET OXT  O N N 296 
MET H    H N N 297 
MET H2   H N N 298 
MET HA   H N N 299 
MET HB2  H N N 300 
MET HB3  H N N 301 
MET HG2  H N N 302 
MET HG3  H N N 303 
MET HE1  H N N 304 
MET HE2  H N N 305 
MET HE3  H N N 306 
MET HXT  H N N 307 
PEG C1   C N N 308 
PEG O1   O N N 309 
PEG C2   C N N 310 
PEG O2   O N N 311 
PEG C3   C N N 312 
PEG C4   C N N 313 
PEG O4   O N N 314 
PEG H11  H N N 315 
PEG H12  H N N 316 
PEG HO1  H N N 317 
PEG H21  H N N 318 
PEG H22  H N N 319 
PEG H31  H N N 320 
PEG H32  H N N 321 
PEG H41  H N N 322 
PEG H42  H N N 323 
PEG HO4  H N N 324 
PHE N    N N N 325 
PHE CA   C N S 326 
PHE C    C N N 327 
PHE O    O N N 328 
PHE CB   C N N 329 
PHE CG   C Y N 330 
PHE CD1  C Y N 331 
PHE CD2  C Y N 332 
PHE CE1  C Y N 333 
PHE CE2  C Y N 334 
PHE CZ   C Y N 335 
PHE OXT  O N N 336 
PHE H    H N N 337 
PHE H2   H N N 338 
PHE HA   H N N 339 
PHE HB2  H N N 340 
PHE HB3  H N N 341 
PHE HD1  H N N 342 
PHE HD2  H N N 343 
PHE HE1  H N N 344 
PHE HE2  H N N 345 
PHE HZ   H N N 346 
PHE HXT  H N N 347 
PRO N    N N N 348 
PRO CA   C N S 349 
PRO C    C N N 350 
PRO O    O N N 351 
PRO CB   C N N 352 
PRO CG   C N N 353 
PRO CD   C N N 354 
PRO OXT  O N N 355 
PRO H    H N N 356 
PRO HA   H N N 357 
PRO HB2  H N N 358 
PRO HB3  H N N 359 
PRO HG2  H N N 360 
PRO HG3  H N N 361 
PRO HD2  H N N 362 
PRO HD3  H N N 363 
PRO HXT  H N N 364 
SER N    N N N 365 
SER CA   C N S 366 
SER C    C N N 367 
SER O    O N N 368 
SER CB   C N N 369 
SER OG   O N N 370 
SER OXT  O N N 371 
SER H    H N N 372 
SER H2   H N N 373 
SER HA   H N N 374 
SER HB2  H N N 375 
SER HB3  H N N 376 
SER HG   H N N 377 
SER HXT  H N N 378 
THR N    N N N 379 
THR CA   C N S 380 
THR C    C N N 381 
THR O    O N N 382 
THR CB   C N R 383 
THR OG1  O N N 384 
THR CG2  C N N 385 
THR OXT  O N N 386 
THR H    H N N 387 
THR H2   H N N 388 
THR HA   H N N 389 
THR HB   H N N 390 
THR HG1  H N N 391 
THR HG21 H N N 392 
THR HG22 H N N 393 
THR HG23 H N N 394 
THR HXT  H N N 395 
TRP N    N N N 396 
TRP CA   C N S 397 
TRP C    C N N 398 
TRP O    O N N 399 
TRP CB   C N N 400 
TRP CG   C Y N 401 
TRP CD1  C Y N 402 
TRP CD2  C Y N 403 
TRP NE1  N Y N 404 
TRP CE2  C Y N 405 
TRP CE3  C Y N 406 
TRP CZ2  C Y N 407 
TRP CZ3  C Y N 408 
TRP CH2  C Y N 409 
TRP OXT  O N N 410 
TRP H    H N N 411 
TRP H2   H N N 412 
TRP HA   H N N 413 
TRP HB2  H N N 414 
TRP HB3  H N N 415 
TRP HD1  H N N 416 
TRP HE1  H N N 417 
TRP HE3  H N N 418 
TRP HZ2  H N N 419 
TRP HZ3  H N N 420 
TRP HH2  H N N 421 
TRP HXT  H N N 422 
TYR N    N N N 423 
TYR CA   C N S 424 
TYR C    C N N 425 
TYR O    O N N 426 
TYR CB   C N N 427 
TYR CG   C Y N 428 
TYR CD1  C Y N 429 
TYR CD2  C Y N 430 
TYR CE1  C Y N 431 
TYR CE2  C Y N 432 
TYR CZ   C Y N 433 
TYR OH   O N N 434 
TYR OXT  O N N 435 
TYR H    H N N 436 
TYR H2   H N N 437 
TYR HA   H N N 438 
TYR HB2  H N N 439 
TYR HB3  H N N 440 
TYR HD1  H N N 441 
TYR HD2  H N N 442 
TYR HE1  H N N 443 
TYR HE2  H N N 444 
TYR HH   H N N 445 
TYR HXT  H N N 446 
VAL N    N N N 447 
VAL CA   C N S 448 
VAL C    C N N 449 
VAL O    O N N 450 
VAL CB   C N N 451 
VAL CG1  C N N 452 
VAL CG2  C N N 453 
VAL OXT  O N N 454 
VAL H    H N N 455 
VAL H2   H N N 456 
VAL HA   H N N 457 
VAL HB   H N N 458 
VAL HG11 H N N 459 
VAL HG12 H N N 460 
VAL HG13 H N N 461 
VAL HG21 H N N 462 
VAL HG22 H N N 463 
VAL HG23 H N N 464 
VAL HXT  H N N 465 
# 
loop_
_chem_comp_bond.comp_id 
_chem_comp_bond.atom_id_1 
_chem_comp_bond.atom_id_2 
_chem_comp_bond.value_order 
_chem_comp_bond.pdbx_aromatic_flag 
_chem_comp_bond.pdbx_stereo_config 
_chem_comp_bond.pdbx_ordinal 
ACT C   O    doub N N 1   
ACT C   OXT  sing N N 2   
ACT C   CH3  sing N N 3   
ACT CH3 H1   sing N N 4   
ACT CH3 H2   sing N N 5   
ACT CH3 H3   sing N N 6   
ALA N   CA   sing N N 7   
ALA N   H    sing N N 8   
ALA N   H2   sing N N 9   
ALA CA  C    sing N N 10  
ALA CA  CB   sing N N 11  
ALA CA  HA   sing N N 12  
ALA C   O    doub N N 13  
ALA C   OXT  sing N N 14  
ALA CB  HB1  sing N N 15  
ALA CB  HB2  sing N N 16  
ALA CB  HB3  sing N N 17  
ALA OXT HXT  sing N N 18  
ARG N   CA   sing N N 19  
ARG N   H    sing N N 20  
ARG N   H2   sing N N 21  
ARG CA  C    sing N N 22  
ARG CA  CB   sing N N 23  
ARG CA  HA   sing N N 24  
ARG C   O    doub N N 25  
ARG C   OXT  sing N N 26  
ARG CB  CG   sing N N 27  
ARG CB  HB2  sing N N 28  
ARG CB  HB3  sing N N 29  
ARG CG  CD   sing N N 30  
ARG CG  HG2  sing N N 31  
ARG CG  HG3  sing N N 32  
ARG CD  NE   sing N N 33  
ARG CD  HD2  sing N N 34  
ARG CD  HD3  sing N N 35  
ARG NE  CZ   sing N N 36  
ARG NE  HE   sing N N 37  
ARG CZ  NH1  sing N N 38  
ARG CZ  NH2  doub N N 39  
ARG NH1 HH11 sing N N 40  
ARG NH1 HH12 sing N N 41  
ARG NH2 HH21 sing N N 42  
ARG NH2 HH22 sing N N 43  
ARG OXT HXT  sing N N 44  
ASN N   CA   sing N N 45  
ASN N   H    sing N N 46  
ASN N   H2   sing N N 47  
ASN CA  C    sing N N 48  
ASN CA  CB   sing N N 49  
ASN CA  HA   sing N N 50  
ASN C   O    doub N N 51  
ASN C   OXT  sing N N 52  
ASN CB  CG   sing N N 53  
ASN CB  HB2  sing N N 54  
ASN CB  HB3  sing N N 55  
ASN CG  OD1  doub N N 56  
ASN CG  ND2  sing N N 57  
ASN ND2 HD21 sing N N 58  
ASN ND2 HD22 sing N N 59  
ASN OXT HXT  sing N N 60  
ASP N   CA   sing N N 61  
ASP N   H    sing N N 62  
ASP N   H2   sing N N 63  
ASP CA  C    sing N N 64  
ASP CA  CB   sing N N 65  
ASP CA  HA   sing N N 66  
ASP C   O    doub N N 67  
ASP C   OXT  sing N N 68  
ASP CB  CG   sing N N 69  
ASP CB  HB2  sing N N 70  
ASP CB  HB3  sing N N 71  
ASP CG  OD1  doub N N 72  
ASP CG  OD2  sing N N 73  
ASP OD2 HD2  sing N N 74  
ASP OXT HXT  sing N N 75  
CYS N   CA   sing N N 76  
CYS N   H    sing N N 77  
CYS N   H2   sing N N 78  
CYS CA  C    sing N N 79  
CYS CA  CB   sing N N 80  
CYS CA  HA   sing N N 81  
CYS C   O    doub N N 82  
CYS C   OXT  sing N N 83  
CYS CB  SG   sing N N 84  
CYS CB  HB2  sing N N 85  
CYS CB  HB3  sing N N 86  
CYS SG  HG   sing N N 87  
CYS OXT HXT  sing N N 88  
DMS S   O    doub N N 89  
DMS S   C1   sing N N 90  
DMS S   C2   sing N N 91  
DMS C1  H11  sing N N 92  
DMS C1  H12  sing N N 93  
DMS C1  H13  sing N N 94  
DMS C2  H21  sing N N 95  
DMS C2  H22  sing N N 96  
DMS C2  H23  sing N N 97  
EDO C1  O1   sing N N 98  
EDO C1  C2   sing N N 99  
EDO C1  H11  sing N N 100 
EDO C1  H12  sing N N 101 
EDO O1  HO1  sing N N 102 
EDO C2  O2   sing N N 103 
EDO C2  H21  sing N N 104 
EDO C2  H22  sing N N 105 
EDO O2  HO2  sing N N 106 
GLN N   CA   sing N N 107 
GLN N   H    sing N N 108 
GLN N   H2   sing N N 109 
GLN CA  C    sing N N 110 
GLN CA  CB   sing N N 111 
GLN CA  HA   sing N N 112 
GLN C   O    doub N N 113 
GLN C   OXT  sing N N 114 
GLN CB  CG   sing N N 115 
GLN CB  HB2  sing N N 116 
GLN CB  HB3  sing N N 117 
GLN CG  CD   sing N N 118 
GLN CG  HG2  sing N N 119 
GLN CG  HG3  sing N N 120 
GLN CD  OE1  doub N N 121 
GLN CD  NE2  sing N N 122 
GLN NE2 HE21 sing N N 123 
GLN NE2 HE22 sing N N 124 
GLN OXT HXT  sing N N 125 
GLU N   CA   sing N N 126 
GLU N   H    sing N N 127 
GLU N   H2   sing N N 128 
GLU CA  C    sing N N 129 
GLU CA  CB   sing N N 130 
GLU CA  HA   sing N N 131 
GLU C   O    doub N N 132 
GLU C   OXT  sing N N 133 
GLU CB  CG   sing N N 134 
GLU CB  HB2  sing N N 135 
GLU CB  HB3  sing N N 136 
GLU CG  CD   sing N N 137 
GLU CG  HG2  sing N N 138 
GLU CG  HG3  sing N N 139 
GLU CD  OE1  doub N N 140 
GLU CD  OE2  sing N N 141 
GLU OE2 HE2  sing N N 142 
GLU OXT HXT  sing N N 143 
GLY N   CA   sing N N 144 
GLY N   H    sing N N 145 
GLY N   H2   sing N N 146 
GLY CA  C    sing N N 147 
GLY CA  HA2  sing N N 148 
GLY CA  HA3  sing N N 149 
GLY C   O    doub N N 150 
GLY C   OXT  sing N N 151 
GLY OXT HXT  sing N N 152 
HIS N   CA   sing N N 153 
HIS N   H    sing N N 154 
HIS N   H2   sing N N 155 
HIS CA  C    sing N N 156 
HIS CA  CB   sing N N 157 
HIS CA  HA   sing N N 158 
HIS C   O    doub N N 159 
HIS C   OXT  sing N N 160 
HIS CB  CG   sing N N 161 
HIS CB  HB2  sing N N 162 
HIS CB  HB3  sing N N 163 
HIS CG  ND1  sing Y N 164 
HIS CG  CD2  doub Y N 165 
HIS ND1 CE1  doub Y N 166 
HIS ND1 HD1  sing N N 167 
HIS CD2 NE2  sing Y N 168 
HIS CD2 HD2  sing N N 169 
HIS CE1 NE2  sing Y N 170 
HIS CE1 HE1  sing N N 171 
HIS NE2 HE2  sing N N 172 
HIS OXT HXT  sing N N 173 
HOH O   H1   sing N N 174 
HOH O   H2   sing N N 175 
ILE N   CA   sing N N 176 
ILE N   H    sing N N 177 
ILE N   H2   sing N N 178 
ILE CA  C    sing N N 179 
ILE CA  CB   sing N N 180 
ILE CA  HA   sing N N 181 
ILE C   O    doub N N 182 
ILE C   OXT  sing N N 183 
ILE CB  CG1  sing N N 184 
ILE CB  CG2  sing N N 185 
ILE CB  HB   sing N N 186 
ILE CG1 CD1  sing N N 187 
ILE CG1 HG12 sing N N 188 
ILE CG1 HG13 sing N N 189 
ILE CG2 HG21 sing N N 190 
ILE CG2 HG22 sing N N 191 
ILE CG2 HG23 sing N N 192 
ILE CD1 HD11 sing N N 193 
ILE CD1 HD12 sing N N 194 
ILE CD1 HD13 sing N N 195 
ILE OXT HXT  sing N N 196 
LDS O1  C8   doub N N 197 
LDS N1  C11  doub Y N 198 
LDS N1  C10  sing Y N 199 
LDS C11 C12  sing Y N 200 
LDS C10 C9   doub Y N 201 
LDS C8  C9   sing N N 202 
LDS C8  N    sing N N 203 
LDS C9  N2   sing Y N 204 
LDS C12 N2   doub Y N 205 
LDS N   C5   sing N N 206 
LDS C5  C4   doub Y N 207 
LDS C5  C6   sing Y N 208 
LDS C4  C3   sing Y N 209 
LDS C6  C7   doub Y N 210 
LDS C3  C2   doub Y N 211 
LDS C7  C2   sing Y N 212 
LDS C2  O    sing N N 213 
LDS O   C1   sing N N 214 
LDS C   C1   sing N N 215 
LDS C4  H1   sing N N 216 
LDS C6  H2   sing N N 217 
LDS C7  H3   sing N N 218 
LDS C10 H4   sing N N 219 
LDS N   H5   sing N N 220 
LDS C   H6   sing N N 221 
LDS C   H7   sing N N 222 
LDS C   H8   sing N N 223 
LDS C1  H9   sing N N 224 
LDS C1  H10  sing N N 225 
LDS C11 H11  sing N N 226 
LDS C12 H12  sing N N 227 
LDS C3  H13  sing N N 228 
LEU N   CA   sing N N 229 
LEU N   H    sing N N 230 
LEU N   H2   sing N N 231 
LEU CA  C    sing N N 232 
LEU CA  CB   sing N N 233 
LEU CA  HA   sing N N 234 
LEU C   O    doub N N 235 
LEU C   OXT  sing N N 236 
LEU CB  CG   sing N N 237 
LEU CB  HB2  sing N N 238 
LEU CB  HB3  sing N N 239 
LEU CG  CD1  sing N N 240 
LEU CG  CD2  sing N N 241 
LEU CG  HG   sing N N 242 
LEU CD1 HD11 sing N N 243 
LEU CD1 HD12 sing N N 244 
LEU CD1 HD13 sing N N 245 
LEU CD2 HD21 sing N N 246 
LEU CD2 HD22 sing N N 247 
LEU CD2 HD23 sing N N 248 
LEU OXT HXT  sing N N 249 
LYS N   CA   sing N N 250 
LYS N   H    sing N N 251 
LYS N   H2   sing N N 252 
LYS CA  C    sing N N 253 
LYS CA  CB   sing N N 254 
LYS CA  HA   sing N N 255 
LYS C   O    doub N N 256 
LYS C   OXT  sing N N 257 
LYS CB  CG   sing N N 258 
LYS CB  HB2  sing N N 259 
LYS CB  HB3  sing N N 260 
LYS CG  CD   sing N N 261 
LYS CG  HG2  sing N N 262 
LYS CG  HG3  sing N N 263 
LYS CD  CE   sing N N 264 
LYS CD  HD2  sing N N 265 
LYS CD  HD3  sing N N 266 
LYS CE  NZ   sing N N 267 
LYS CE  HE2  sing N N 268 
LYS CE  HE3  sing N N 269 
LYS NZ  HZ1  sing N N 270 
LYS NZ  HZ2  sing N N 271 
LYS NZ  HZ3  sing N N 272 
LYS OXT HXT  sing N N 273 
MET N   CA   sing N N 274 
MET N   H    sing N N 275 
MET N   H2   sing N N 276 
MET CA  C    sing N N 277 
MET CA  CB   sing N N 278 
MET CA  HA   sing N N 279 
MET C   O    doub N N 280 
MET C   OXT  sing N N 281 
MET CB  CG   sing N N 282 
MET CB  HB2  sing N N 283 
MET CB  HB3  sing N N 284 
MET CG  SD   sing N N 285 
MET CG  HG2  sing N N 286 
MET CG  HG3  sing N N 287 
MET SD  CE   sing N N 288 
MET CE  HE1  sing N N 289 
MET CE  HE2  sing N N 290 
MET CE  HE3  sing N N 291 
MET OXT HXT  sing N N 292 
PEG C1  O1   sing N N 293 
PEG C1  C2   sing N N 294 
PEG C1  H11  sing N N 295 
PEG C1  H12  sing N N 296 
PEG O1  HO1  sing N N 297 
PEG C2  O2   sing N N 298 
PEG C2  H21  sing N N 299 
PEG C2  H22  sing N N 300 
PEG O2  C3   sing N N 301 
PEG C3  C4   sing N N 302 
PEG C3  H31  sing N N 303 
PEG C3  H32  sing N N 304 
PEG C4  O4   sing N N 305 
PEG C4  H41  sing N N 306 
PEG C4  H42  sing N N 307 
PEG O4  HO4  sing N N 308 
PHE N   CA   sing N N 309 
PHE N   H    sing N N 310 
PHE N   H2   sing N N 311 
PHE CA  C    sing N N 312 
PHE CA  CB   sing N N 313 
PHE CA  HA   sing N N 314 
PHE C   O    doub N N 315 
PHE C   OXT  sing N N 316 
PHE CB  CG   sing N N 317 
PHE CB  HB2  sing N N 318 
PHE CB  HB3  sing N N 319 
PHE CG  CD1  doub Y N 320 
PHE CG  CD2  sing Y N 321 
PHE CD1 CE1  sing Y N 322 
PHE CD1 HD1  sing N N 323 
PHE CD2 CE2  doub Y N 324 
PHE CD2 HD2  sing N N 325 
PHE CE1 CZ   doub Y N 326 
PHE CE1 HE1  sing N N 327 
PHE CE2 CZ   sing Y N 328 
PHE CE2 HE2  sing N N 329 
PHE CZ  HZ   sing N N 330 
PHE OXT HXT  sing N N 331 
PRO N   CA   sing N N 332 
PRO N   CD   sing N N 333 
PRO N   H    sing N N 334 
PRO CA  C    sing N N 335 
PRO CA  CB   sing N N 336 
PRO CA  HA   sing N N 337 
PRO C   O    doub N N 338 
PRO C   OXT  sing N N 339 
PRO CB  CG   sing N N 340 
PRO CB  HB2  sing N N 341 
PRO CB  HB3  sing N N 342 
PRO CG  CD   sing N N 343 
PRO CG  HG2  sing N N 344 
PRO CG  HG3  sing N N 345 
PRO CD  HD2  sing N N 346 
PRO CD  HD3  sing N N 347 
PRO OXT HXT  sing N N 348 
SER N   CA   sing N N 349 
SER N   H    sing N N 350 
SER N   H2   sing N N 351 
SER CA  C    sing N N 352 
SER CA  CB   sing N N 353 
SER CA  HA   sing N N 354 
SER C   O    doub N N 355 
SER C   OXT  sing N N 356 
SER CB  OG   sing N N 357 
SER CB  HB2  sing N N 358 
SER CB  HB3  sing N N 359 
SER OG  HG   sing N N 360 
SER OXT HXT  sing N N 361 
THR N   CA   sing N N 362 
THR N   H    sing N N 363 
THR N   H2   sing N N 364 
THR CA  C    sing N N 365 
THR CA  CB   sing N N 366 
THR CA  HA   sing N N 367 
THR C   O    doub N N 368 
THR C   OXT  sing N N 369 
THR CB  OG1  sing N N 370 
THR CB  CG2  sing N N 371 
THR CB  HB   sing N N 372 
THR OG1 HG1  sing N N 373 
THR CG2 HG21 sing N N 374 
THR CG2 HG22 sing N N 375 
THR CG2 HG23 sing N N 376 
THR OXT HXT  sing N N 377 
TRP N   CA   sing N N 378 
TRP N   H    sing N N 379 
TRP N   H2   sing N N 380 
TRP CA  C    sing N N 381 
TRP CA  CB   sing N N 382 
TRP CA  HA   sing N N 383 
TRP C   O    doub N N 384 
TRP C   OXT  sing N N 385 
TRP CB  CG   sing N N 386 
TRP CB  HB2  sing N N 387 
TRP CB  HB3  sing N N 388 
TRP CG  CD1  doub Y N 389 
TRP CG  CD2  sing Y N 390 
TRP CD1 NE1  sing Y N 391 
TRP CD1 HD1  sing N N 392 
TRP CD2 CE2  doub Y N 393 
TRP CD2 CE3  sing Y N 394 
TRP NE1 CE2  sing Y N 395 
TRP NE1 HE1  sing N N 396 
TRP CE2 CZ2  sing Y N 397 
TRP CE3 CZ3  doub Y N 398 
TRP CE3 HE3  sing N N 399 
TRP CZ2 CH2  doub Y N 400 
TRP CZ2 HZ2  sing N N 401 
TRP CZ3 CH2  sing Y N 402 
TRP CZ3 HZ3  sing N N 403 
TRP CH2 HH2  sing N N 404 
TRP OXT HXT  sing N N 405 
TYR N   CA   sing N N 406 
TYR N   H    sing N N 407 
TYR N   H2   sing N N 408 
TYR CA  C    sing N N 409 
TYR CA  CB   sing N N 410 
TYR CA  HA   sing N N 411 
TYR C   O    doub N N 412 
TYR C   OXT  sing N N 413 
TYR CB  CG   sing N N 414 
TYR CB  HB2  sing N N 415 
TYR CB  HB3  sing N N 416 
TYR CG  CD1  doub Y N 417 
TYR CG  CD2  sing Y N 418 
TYR CD1 CE1  sing Y N 419 
TYR CD1 HD1  sing N N 420 
TYR CD2 CE2  doub Y N 421 
TYR CD2 HD2  sing N N 422 
TYR CE1 CZ   doub Y N 423 
TYR CE1 HE1  sing N N 424 
TYR CE2 CZ   sing Y N 425 
TYR CE2 HE2  sing N N 426 
TYR CZ  OH   sing N N 427 
TYR OH  HH   sing N N 428 
TYR OXT HXT  sing N N 429 
VAL N   CA   sing N N 430 
VAL N   H    sing N N 431 
VAL N   H2   sing N N 432 
VAL CA  C    sing N N 433 
VAL CA  CB   sing N N 434 
VAL CA  HA   sing N N 435 
VAL C   O    doub N N 436 
VAL C   OXT  sing N N 437 
VAL CB  CG1  sing N N 438 
VAL CB  CG2  sing N N 439 
VAL CB  HB   sing N N 440 
VAL CG1 HG11 sing N N 441 
VAL CG1 HG12 sing N N 442 
VAL CG1 HG13 sing N N 443 
VAL CG2 HG21 sing N N 444 
VAL CG2 HG22 sing N N 445 
VAL CG2 HG23 sing N N 446 
VAL OXT HXT  sing N N 447 
# 
_pdbx_deposit_group.group_id            G_1002061 
_pdbx_deposit_group.group_description   
;XDomainX of XOrganismX DCP2 (NUDT20) screened against the XXX Fragment Library by X-ray Crystallography at the XChem facility of Diamond Light Source beamline I04-1
;
_pdbx_deposit_group.group_title         'PanDDA analysis group deposition' 
_pdbx_deposit_group.group_type          'changed state' 
# 
_pdbx_related_exp_data_set.ordinal              1 
_pdbx_related_exp_data_set.data_reference       10.5281/zenodo.1437589 
_pdbx_related_exp_data_set.metadata_reference   10.5281/zenodo.1437589 
_pdbx_related_exp_data_set.data_set_type        'other data' 
_pdbx_related_exp_data_set.details              'Complete PanDDA analysis' 
# 
_atom_sites.entry_id                    5QON 
_atom_sites.fract_transf_matrix[1][1]   -0.00169331 
_atom_sites.fract_transf_matrix[1][2]   0.01659611 
_atom_sites.fract_transf_matrix[1][3]   -0.01226710 
_atom_sites.fract_transf_matrix[2][1]   0.01285925 
_atom_sites.fract_transf_matrix[2][2]   0.00679249 
_atom_sites.fract_transf_matrix[2][3]   0.00741449 
_atom_sites.fract_transf_matrix[3][1]   0.00926375 
_atom_sites.fract_transf_matrix[3][2]   -0.00651728 
_atom_sites.fract_transf_matrix[3][3]   -0.01009594 
_atom_sites.fract_transf_vector[1]      -0.885310 
_atom_sites.fract_transf_vector[2]      0.224443 
_atom_sites.fract_transf_vector[3]      1.165189 
# 
loop_
_atom_type.symbol 
C 
N 
O 
S 
# 
loop_
_atom_site.group_PDB 
_atom_site.id 
_atom_site.type_symbol 
_atom_site.label_atom_id 
_atom_site.label_alt_id 
_atom_site.label_comp_id 
_atom_site.label_asym_id 
_atom_site.label_entity_id 
_atom_site.label_seq_id 
_atom_site.pdbx_PDB_ins_code 
_atom_site.Cartn_x 
_atom_site.Cartn_y 
_atom_site.Cartn_z 
_atom_site.occupancy 
_atom_site.B_iso_or_equiv 
_atom_site.pdbx_formal_charge 
_atom_site.auth_seq_id 
_atom_site.auth_comp_id 
_atom_site.auth_asym_id 
_atom_site.auth_atom_id 
_atom_site.pdbx_PDB_model_num 
ATOM   1    N N   . GLY A 1 3   ? 0.005   15.710  -12.255 1.00 58.02 ? 96  GLY A N   1 
ATOM   2    C CA  . GLY A 1 3   ? 0.819   14.609  -11.623 1.00 63.31 ? 96  GLY A CA  1 
ATOM   3    C C   . GLY A 1 3   ? 0.633   13.277  -12.356 1.00 56.68 ? 96  GLY A C   1 
ATOM   4    O O   . GLY A 1 3   ? -0.478  12.957  -12.809 1.00 55.31 ? 96  GLY A O   1 
ATOM   5    N N   . VAL A 1 4   ? 1.715   12.507  -12.505 1.00 58.47 ? 97  VAL A N   1 
ATOM   6    C CA  . VAL A 1 4   ? 1.629   11.197  -13.196 1.00 52.09 ? 97  VAL A CA  1 
ATOM   7    C C   . VAL A 1 4   ? 0.916   10.160  -12.255 1.00 41.36 ? 97  VAL A C   1 
ATOM   8    O O   . VAL A 1 4   ? 1.365   10.000  -11.124 1.00 38.68 ? 97  VAL A O   1 
ATOM   9    C CB  . VAL A 1 4   ? 3.023   10.645  -13.552 1.00 54.17 ? 97  VAL A CB  1 
ATOM   10   C CG1 . VAL A 1 4   ? 2.881   9.285   -14.223 1.00 52.04 ? 97  VAL A CG1 1 
ATOM   11   C CG2 . VAL A 1 4   ? 3.806   11.612  -14.452 1.00 59.60 ? 97  VAL A CG2 1 
ATOM   12   N N   . PRO A 1 5   ? -0.182  9.490   -12.714 1.00 41.10 ? 98  PRO A N   1 
ATOM   13   C CA  . PRO A 1 5   ? -0.899  8.522   -11.825 1.00 36.56 ? 98  PRO A CA  1 
ATOM   14   C C   . PRO A 1 5   ? -0.014  7.386   -11.358 1.00 34.06 ? 98  PRO A C   1 
ATOM   15   O O   . PRO A 1 5   ? 0.934   7.028   -12.037 1.00 31.78 ? 98  PRO A O   1 
ATOM   16   C CB  . PRO A 1 5   ? -2.086  8.040   -12.665 1.00 43.68 ? 98  PRO A CB  1 
ATOM   17   C CG  . PRO A 1 5   ? -2.195  9.063   -13.774 1.00 42.01 ? 98  PRO A CG  1 
ATOM   18   C CD  . PRO A 1 5   ? -0.848  9.601   -14.013 1.00 40.16 ? 98  PRO A CD  1 
ATOM   19   N N   . THR A 1 6   ? -0.272  6.878   -10.134 1.00 29.03 ? 99  THR A N   1 
ATOM   20   C CA  . THR A 1 6   ? 0.451   5.677   -9.609  1.00 29.44 ? 99  THR A CA  1 
ATOM   21   C C   . THR A 1 6   ? -0.487  4.490   -9.417  1.00 25.61 ? 99  THR A C   1 
ATOM   22   O O   . THR A 1 6   ? -1.672  4.641   -9.175  1.00 25.29 ? 99  THR A O   1 
ATOM   23   C CB  . THR A 1 6   ? 1.198   6.016   -8.287  1.00 33.30 ? 99  THR A CB  1 
ATOM   24   O OG1 . THR A 1 6   ? 0.254   6.542   -7.344  1.00 29.14 ? 99  THR A OG1 1 
ATOM   25   C CG2 . THR A 1 6   ? 2.274   7.024   -8.571  1.00 33.34 ? 99  THR A CG2 1 
ATOM   26   N N   . TYR A 1 7   ? 0.058   3.263   -9.523  1.00 25.53 ? 100 TYR A N   1 
ATOM   27   C CA  . TYR A 1 7   ? -0.715  2.078   -9.442  1.00 23.91 ? 100 TYR A CA  1 
ATOM   28   C C   . TYR A 1 7   ? 0.108   1.060   -8.685  1.00 21.65 ? 100 TYR A C   1 
ATOM   29   O O   . TYR A 1 7   ? 1.339   1.042   -8.797  1.00 22.11 ? 100 TYR A O   1 
ATOM   30   C CB  . TYR A 1 7   ? -1.077  1.459   -10.892 1.00 26.22 ? 100 TYR A CB  1 
ATOM   31   C CG  . TYR A 1 7   ? -1.903  2.382   -11.756 1.00 24.61 ? 100 TYR A CG  1 
ATOM   32   C CD1 . TYR A 1 7   ? -3.251  2.487   -11.570 1.00 28.83 ? 100 TYR A CD1 1 
ATOM   33   C CD2 . TYR A 1 7   ? -1.309  3.172   -12.710 1.00 29.78 ? 100 TYR A CD2 1 
ATOM   34   C CE1 . TYR A 1 7   ? -4.013  3.417   -12.285 1.00 32.02 ? 100 TYR A CE1 1 
ATOM   35   C CE2 . TYR A 1 7   ? -2.037  4.101   -13.459 1.00 32.03 ? 100 TYR A CE2 1 
ATOM   36   C CZ  . TYR A 1 7   ? -3.390  4.175   -13.276 1.00 34.13 ? 100 TYR A CZ  1 
ATOM   37   O OH  . TYR A 1 7   ? -4.127  5.054   -14.032 1.00 36.78 ? 100 TYR A OH  1 
ATOM   38   N N   . GLY A 1 8   ? -0.605  0.223   -7.923  1.00 20.47 ? 101 GLY A N   1 
ATOM   39   C CA  . GLY A 1 8   ? 0.007   -0.813  -7.098  1.00 20.11 ? 101 GLY A CA  1 
ATOM   40   C C   . GLY A 1 8   ? -1.035  -1.760  -6.448  1.00 19.46 ? 101 GLY A C   1 
ATOM   41   O O   . GLY A 1 8   ? -2.176  -2.034  -7.018  1.00 19.31 ? 101 GLY A O   1 
ATOM   42   N N   . ALA A 1 9   ? -0.676  -2.319  -5.288  1.00 18.97 ? 102 ALA A N   1 
ATOM   43   C CA  . ALA A 1 9   ? -1.557  -3.276  -4.593  1.00 17.94 ? 102 ALA A CA  1 
ATOM   44   C C   . ALA A 1 9   ? -1.503  -3.273  -3.056  1.00 15.54 ? 102 ALA A C   1 
ATOM   45   O O   . ALA A 1 9   ? -0.516  -2.955  -2.468  1.00 17.05 ? 102 ALA A O   1 
ATOM   46   C CB  . ALA A 1 9   ? -1.291  -4.705  -5.056  1.00 19.83 ? 102 ALA A CB  1 
ATOM   47   N N   . ILE A 1 10  ? -2.663  -3.631  -2.491  1.00 16.73 ? 103 ILE A N   1 
ATOM   48   C CA  . ILE A 1 10  ? -2.882  -3.976  -1.120  1.00 16.99 ? 103 ILE A CA  1 
ATOM   49   C C   . ILE A 1 10  ? -3.065  -5.514  -1.085  1.00 14.99 ? 103 ILE A C   1 
ATOM   50   O O   . ILE A 1 10  ? -4.181  -6.053  -1.497  1.00 16.58 ? 103 ILE A O   1 
ATOM   51   C CB  . ILE A 1 10  ? -4.148  -3.282  -0.541  1.00 19.55 ? 103 ILE A CB  1 
ATOM   52   C CG1 . ILE A 1 10  ? -4.035  -1.768  -0.513  1.00 20.57 ? 103 ILE A CG1 1 
ATOM   53   C CG2 . ILE A 1 10  ? -4.456  -3.913  0.848   1.00 21.23 ? 103 ILE A CG2 1 
ATOM   54   C CD1 . ILE A 1 10  ? -5.375  -1.012  -0.264  1.00 23.46 ? 103 ILE A CD1 1 
ATOM   55   N N   . ILE A 1 11  ? -2.027  -6.218  -0.655  1.00 16.56 ? 104 ILE A N   1 
ATOM   56   C CA  . ILE A 1 11  ? -1.937  -7.630  -0.560  1.00 17.82 ? 104 ILE A CA  1 
ATOM   57   C C   . ILE A 1 11  ? -2.285  -8.003  0.873   1.00 17.82 ? 104 ILE A C   1 
ATOM   58   O O   . ILE A 1 11  ? -1.706  -7.461  1.805   1.00 16.97 ? 104 ILE A O   1 
ATOM   59   C CB  . ILE A 1 11  ? -0.508  -8.129  -0.939  1.00 18.13 ? 104 ILE A CB  1 
ATOM   60   C CG1 . ILE A 1 11  ? -0.305  -7.887  -2.448  1.00 17.49 ? 104 ILE A CG1 1 
ATOM   61   C CG2 . ILE A 1 11  ? -0.356  -9.573  -0.605  1.00 20.55 ? 104 ILE A CG2 1 
ATOM   62   C CD1 . ILE A 1 11  ? 1.138   -8.022  -2.842  1.00 19.46 ? 104 ILE A CD1 1 
ATOM   63   N N   . LEU A 1 12  ? -3.311  -8.842  1.025   1.00 17.58 ? 105 LEU A N   1 
ATOM   64   C CA  . LEU A 1 12  ? -3.700  -9.445  2.313   1.00 18.55 ? 105 LEU A CA  1 
ATOM   65   C C   . LEU A 1 12  ? -3.442  -10.959 2.381   1.00 18.54 ? 105 LEU A C   1 
ATOM   66   O O   . LEU A 1 12  ? -3.482  -11.667 1.357   1.00 19.09 ? 105 LEU A O   1 
ATOM   67   C CB  . LEU A 1 12  ? -5.176  -9.217  2.568   1.00 20.98 ? 105 LEU A CB  1 
ATOM   68   C CG  . LEU A 1 12  ? -5.618  -7.752  2.612   1.00 24.01 ? 105 LEU A CG  1 
ATOM   69   C CD1 . LEU A 1 12  ? -6.230  -7.333  1.295   1.00 31.31 ? 105 LEU A CD1 1 
ATOM   70   C CD2 . LEU A 1 12  ? -6.636  -7.468  3.722   1.00 32.35 ? 105 LEU A CD2 1 
ATOM   71   N N   . ASP A 1 13  ? -3.352  -11.459 3.609   1.00 19.91 ? 106 ASP A N   1 
ATOM   72   C CA  . ASP A 1 13  ? -3.093  -12.840 3.858   1.00 22.89 ? 106 ASP A CA  1 
ATOM   73   C C   . ASP A 1 13  ? -4.437  -13.615 3.860   1.00 23.01 ? 106 ASP A C   1 
ATOM   74   O O   . ASP A 1 13  ? -5.461  -13.089 3.566   1.00 20.92 ? 106 ASP A O   1 
ATOM   75   C CB  . ASP A 1 13  ? -2.257  -13.043 5.128   1.00 25.96 ? 106 ASP A CB  1 
ATOM   76   C CG  . ASP A 1 13  ? -3.023  -12.727 6.428   1.00 28.74 ? 106 ASP A CG  1 
ATOM   77   O OD1 . ASP A 1 13  ? -4.019  -11.963 6.461   1.00 30.07 ? 106 ASP A OD1 1 
ATOM   78   O OD2 . ASP A 1 13  ? -2.504  -13.161 7.414   1.00 37.26 ? 106 ASP A OD2 1 
ATOM   79   N N   . GLU A 1 14  ? -4.385  -14.869 4.220   1.00 23.27 ? 107 GLU A N   1 
ATOM   80   C CA  . GLU A 1 14  ? -5.568  -15.776 4.175   1.00 26.91 ? 107 GLU A CA  1 
ATOM   81   C C   . GLU A 1 14  ? -6.584  -15.494 5.274   1.00 24.47 ? 107 GLU A C   1 
ATOM   82   O O   . GLU A 1 14  ? -7.774  -15.704 5.064   1.00 25.05 ? 107 GLU A O   1 
ATOM   83   C CB  . GLU A 1 14  ? -5.132  -17.270 4.175   1.00 32.31 ? 107 GLU A CB  1 
ATOM   84   C CG  . GLU A 1 14  ? -4.309  -17.770 5.357   1.00 36.93 ? 107 GLU A CG  1 
ATOM   85   C CD  . GLU A 1 14  ? -2.769  -17.662 5.205   1.00 43.93 ? 107 GLU A CD  1 
ATOM   86   O OE1 . GLU A 1 14  ? -2.242  -16.561 5.099   1.00 42.88 ? 107 GLU A OE1 1 
ATOM   87   O OE2 . GLU A 1 14  ? -2.033  -18.665 5.273   1.00 54.72 ? 107 GLU A OE2 1 
ATOM   88   N N   . THR A 1 15  ? -6.149  -14.836 6.386   1.00 25.86 ? 108 THR A N   1 
ATOM   89   C CA  . THR A 1 15  ? -7.054  -14.543 7.470   1.00 25.25 ? 108 THR A CA  1 
ATOM   90   C C   . THR A 1 15  ? -7.711  -13.198 7.342   1.00 23.03 ? 108 THR A C   1 
ATOM   91   O O   . THR A 1 15  ? -8.659  -12.865 8.080   1.00 25.36 ? 108 THR A O   1 
ATOM   92   C CB  . THR A 1 15  ? -6.300  -14.530 8.833   1.00 31.82 ? 108 THR A CB  1 
ATOM   93   O OG1 . THR A 1 15  ? -5.450  -13.392 8.915   1.00 28.84 ? 108 THR A OG1 1 
ATOM   94   C CG2 . THR A 1 15  ? -5.473  -15.760 9.017   1.00 37.20 ? 108 THR A CG2 1 
ATOM   95   N N   . LEU A 1 16  ? -7.212  -12.401 6.362   1.00 21.69 ? 109 LEU A N   1 
ATOM   96   C CA  . LEU A 1 16  ? -7.649  -10.995 6.150   1.00 23.50 ? 109 LEU A CA  1 
ATOM   97   C C   . LEU A 1 16  ? -7.293  -10.009 7.284   1.00 23.70 ? 109 LEU A C   1 
ATOM   98   O O   . LEU A 1 16  ? -7.888  -8.878  7.328   1.00 30.80 ? 109 LEU A O   1 
ATOM   99   C CB  . LEU A 1 16  ? -9.136  -10.857 5.843   1.00 26.33 ? 109 LEU A CB  1 
ATOM   100  C CG  . LEU A 1 16  ? -9.744  -11.825 4.835   1.00 26.97 ? 109 LEU A CG  1 
ATOM   101  C CD1 . LEU A 1 16  ? -11.237 -11.732 4.816   1.00 32.57 ? 109 LEU A CD1 1 
ATOM   102  C CD2 . LEU A 1 16  ? -9.146  -11.532 3.472   1.00 30.21 ? 109 LEU A CD2 1 
ATOM   103  N N   A GLU A 1 17  ? -6.390  -10.446 8.162   0.25 24.30 ? 110 GLU A N   1 
ATOM   104  N N   B GLU A 1 17  ? -6.389  -10.350 8.176   0.25 25.56 ? 110 GLU A N   1 
ATOM   105  C CA  A GLU A 1 17  ? -5.907  -9.695  9.337   0.25 24.40 ? 110 GLU A CA  1 
ATOM   106  C CA  B GLU A 1 17  ? -6.028  -9.418  9.260   0.25 26.28 ? 110 GLU A CA  1 
ATOM   107  C C   A GLU A 1 17  ? -4.747  -8.768  8.983   0.25 23.59 ? 110 GLU A C   1 
ATOM   108  C C   B GLU A 1 17  ? -4.583  -8.880  9.140   0.25 24.87 ? 110 GLU A C   1 
ATOM   109  O O   A GLU A 1 17  ? -4.648  -7.644  9.559   0.25 19.85 ? 110 GLU A O   1 
ATOM   110  O O   B GLU A 1 17  ? -4.112  -8.099  10.006  0.25 21.54 ? 110 GLU A O   1 
ATOM   111  C CB  A GLU A 1 17  ? -5.334  -10.641 10.419  0.25 24.89 ? 110 GLU A CB  1 
ATOM   112  C CB  B GLU A 1 17  ? -6.290  -10.084 10.608  0.25 28.70 ? 110 GLU A CB  1 
ATOM   113  C CG  A GLU A 1 17  ? -6.333  -11.441 11.234  0.25 26.80 ? 110 GLU A CG  1 
ATOM   114  C CG  B GLU A 1 17  ? -7.680  -10.699 10.646  0.25 32.49 ? 110 GLU A CG  1 
ATOM   115  C CD  A GLU A 1 17  ? -5.681  -12.471 12.165  0.25 29.70 ? 110 GLU A CD  1 
ATOM   116  C CD  B GLU A 1 17  ? -8.365  -10.594 11.972  0.25 34.17 ? 110 GLU A CD  1 
ATOM   117  O OE1 A GLU A 1 17  ? -5.085  -13.461 11.671  0.25 29.75 ? 110 GLU A OE1 1 
ATOM   118  O OE1 B GLU A 1 17  ? -7.727  -10.888 13.010  0.25 41.39 ? 110 GLU A OE1 1 
ATOM   119  O OE2 A GLU A 1 17  ? -5.813  -12.315 13.402  0.25 26.48 ? 110 GLU A OE2 1 
ATOM   120  O OE2 B GLU A 1 17  ? -9.557  -10.235 11.965  0.25 35.78 ? 110 GLU A OE2 1 
ATOM   121  N N   . ASN A 1 18  ? -3.890  -9.253  8.066   1.00 23.02 ? 111 ASN A N   1 
ATOM   122  C CA  . ASN A 1 18  ? -2.559  -8.709  7.786   1.00 21.73 ? 111 ASN A CA  1 
ATOM   123  C C   . ASN A 1 18  ? -2.432  -8.174  6.316   1.00 22.49 ? 111 ASN A C   1 
ATOM   124  O O   . ASN A 1 18  ? -3.077  -8.696  5.372   1.00 19.89 ? 111 ASN A O   1 
ATOM   125  C CB  . ASN A 1 18  ? -1.459  -9.719  8.087   1.00 26.63 ? 111 ASN A CB  1 
ATOM   126  C CG  . ASN A 1 18  ? -1.482  -10.212 9.530   1.00 35.64 ? 111 ASN A CG  1 
ATOM   127  O OD1 . ASN A 1 18  ? -1.283  -9.418  10.470  1.00 32.77 ? 111 ASN A OD1 1 
ATOM   128  N ND2 . ASN A 1 18  ? -1.790  -11.484 9.720   1.00 36.55 ? 111 ASN A ND2 1 
ATOM   129  N N   . VAL A 1 19  ? -1.640  -7.096  6.192   1.00 21.87 ? 112 VAL A N   1 
ATOM   130  C CA  . VAL A 1 19  ? -1.350  -6.455  4.901   1.00 17.73 ? 112 VAL A CA  1 
ATOM   131  C C   . VAL A 1 19  ? 0.152   -6.433  4.723   1.00 17.63 ? 112 VAL A C   1 
ATOM   132  O O   . VAL A 1 19  ? 0.913   -6.290  5.655   1.00 19.07 ? 112 VAL A O   1 
ATOM   133  C CB  . VAL A 1 19  ? -1.918  -4.999  4.725   1.00 18.01 ? 112 VAL A CB  1 
ATOM   134  C CG1 . VAL A 1 19  ? -3.397  -4.966  4.633   1.00 22.04 ? 112 VAL A CG1 1 
ATOM   135  C CG2 . VAL A 1 19  ? -1.407  -4.013  5.810   1.00 19.43 ? 112 VAL A CG2 1 
ATOM   136  N N   . LEU A 1 20  ? 0.587   -6.452  3.456   1.00 15.42 ? 113 LEU A N   1 
ATOM   137  C CA  . LEU A 1 20  ? 2.024   -6.419  3.129   1.00 17.90 ? 113 LEU A CA  1 
ATOM   138  C C   . LEU A 1 20  ? 2.486   -4.979  2.820   1.00 18.37 ? 113 LEU A C   1 
ATOM   139  O O   . LEU A 1 20  ? 1.976   -4.330  1.900   1.00 17.20 ? 113 LEU A O   1 
ATOM   140  C CB  . LEU A 1 20  ? 2.295   -7.304  1.888   1.00 17.57 ? 113 LEU A CB  1 
ATOM   141  C CG  . LEU A 1 20  ? 3.805   -7.609  1.596   1.00 19.00 ? 113 LEU A CG  1 
ATOM   142  C CD1 . LEU A 1 20  ? 4.302   -8.655  2.637   1.00 20.13 ? 113 LEU A CD1 1 
ATOM   143  C CD2 . LEU A 1 20  ? 3.955   -8.104  0.157   1.00 20.41 ? 113 LEU A CD2 1 
ATOM   144  N N   . LEU A 1 21  ? 3.454   -4.457  3.607   1.00 19.35 ? 114 LEU A N   1 
ATOM   145  C CA  . LEU A 1 21  ? 4.002   -3.159  3.363   1.00 18.58 ? 114 LEU A CA  1 
ATOM   146  C C   . LEU A 1 21  ? 5.513   -3.274  3.023   1.00 18.17 ? 114 LEU A C   1 
ATOM   147  O O   . LEU A 1 21  ? 6.164   -4.274  3.286   1.00 19.17 ? 114 LEU A O   1 
ATOM   148  C CB  . LEU A 1 21  ? 3.867   -2.171  4.570   1.00 18.30 ? 114 LEU A CB  1 
ATOM   149  C CG  . LEU A 1 21  ? 2.441   -1.974  5.075   1.00 19.69 ? 114 LEU A CG  1 
ATOM   150  C CD1 . LEU A 1 21  ? 2.469   -1.025  6.263   1.00 19.94 ? 114 LEU A CD1 1 
ATOM   151  C CD2 . LEU A 1 21  ? 1.546   -1.428  4.018   1.00 22.76 ? 114 LEU A CD2 1 
ATOM   152  N N   . VAL A 1 22  ? 5.941   -2.309  2.234   1.00 16.87 ? 115 VAL A N   1 
ATOM   153  C CA  . VAL A 1 22  ? 7.378   -2.104  1.869   1.00 18.94 ? 115 VAL A CA  1 
ATOM   154  C C   . VAL A 1 22  ? 7.987   -0.828  2.423   1.00 21.01 ? 115 VAL A C   1 
ATOM   155  O O   . VAL A 1 22  ? 7.303   0.209   2.555   1.00 19.48 ? 115 VAL A O   1 
ATOM   156  C CB  . VAL A 1 22  ? 7.647   -2.163  0.360   1.00 20.80 ? 115 VAL A CB  1 
ATOM   157  C CG1 . VAL A 1 22  ? 7.184   -3.494  -0.196  1.00 22.75 ? 115 VAL A CG1 1 
ATOM   158  C CG2 . VAL A 1 22  ? 6.989   -1.002  -0.413  1.00 23.28 ? 115 VAL A CG2 1 
ATOM   159  N N   . GLN A 1 23  ? 9.315   -0.873  2.717   1.00 19.03 ? 116 GLN A N   1 
ATOM   160  C CA  . GLN A 1 23  ? 9.996   0.259   3.350   1.00 18.64 ? 116 GLN A CA  1 
ATOM   161  C C   . GLN A 1 23  ? 11.029  0.755   2.323   1.00 20.43 ? 116 GLN A C   1 
ATOM   162  O O   . GLN A 1 23  ? 11.796  -0.034  1.838   1.00 19.63 ? 116 GLN A O   1 
ATOM   163  C CB  . GLN A 1 23  ? 10.662  -0.140  4.650   1.00 18.66 ? 116 GLN A CB  1 
ATOM   164  C CG  . GLN A 1 23  ? 11.442  0.970   5.351   1.00 19.51 ? 116 GLN A CG  1 
ATOM   165  C CD  . GLN A 1 23  ? 12.036  0.525   6.647   1.00 21.27 ? 116 GLN A CD  1 
ATOM   166  O OE1 . GLN A 1 23  ? 12.453  -0.647  6.794   1.00 22.22 ? 116 GLN A OE1 1 
ATOM   167  N NE2 . GLN A 1 23  ? 12.157  1.479   7.600   1.00 22.62 ? 116 GLN A NE2 1 
ATOM   168  N N   . GLY A 1 24  ? 10.952  2.022   1.934   1.00 21.58 ? 117 GLY A N   1 
ATOM   169  C CA  . GLY A 1 24  ? 11.950  2.535   0.934   1.00 24.31 ? 117 GLY A CA  1 
ATOM   170  C C   . GLY A 1 24  ? 13.159  3.199   1.635   1.00 25.05 ? 117 GLY A C   1 
ATOM   171  O O   . GLY A 1 24  ? 13.449  2.908   2.780   1.00 25.60 ? 117 GLY A O   1 
ATOM   172  N N   . TYR A 1 25  ? 13.784  4.155   0.942   1.00 27.00 ? 118 TYR A N   1 
ATOM   173  C CA  . TYR A 1 25  ? 14.943  4.920   1.449   1.00 27.88 ? 118 TYR A CA  1 
ATOM   174  C C   . TYR A 1 25  ? 14.723  6.429   1.312   1.00 30.46 ? 118 TYR A C   1 
ATOM   175  O O   . TYR A 1 25  ? 13.925  6.868   0.486   1.00 28.97 ? 118 TYR A O   1 
ATOM   176  C CB  . TYR A 1 25  ? 16.173  4.580   0.628   1.00 27.47 ? 118 TYR A CB  1 
ATOM   177  C CG  . TYR A 1 25  ? 16.728  3.187   0.878   1.00 23.90 ? 118 TYR A CG  1 
ATOM   178  C CD1 . TYR A 1 25  ? 17.323  2.843   2.087   1.00 24.36 ? 118 TYR A CD1 1 
ATOM   179  C CD2 . TYR A 1 25  ? 16.695  2.244   -0.076  1.00 24.92 ? 118 TYR A CD2 1 
ATOM   180  C CE1 . TYR A 1 25  ? 17.833  1.577   2.289   1.00 23.80 ? 118 TYR A CE1 1 
ATOM   181  C CE2 . TYR A 1 25  ? 17.149  0.966   0.200   1.00 24.86 ? 118 TYR A CE2 1 
ATOM   182  C CZ  . TYR A 1 25  ? 17.726  0.673   1.372   1.00 25.82 ? 118 TYR A CZ  1 
ATOM   183  O OH  . TYR A 1 25  ? 18.230  -0.606  1.598   1.00 29.46 ? 118 TYR A OH  1 
ATOM   184  N N   . LEU A 1 26  ? 15.422  7.231   2.134   1.00 32.73 ? 119 LEU A N   1 
ATOM   185  C CA  . LEU A 1 26  ? 15.495  8.702   1.908   1.00 35.39 ? 119 LEU A CA  1 
ATOM   186  C C   . LEU A 1 26  ? 14.113  9.384   2.000   1.00 34.26 ? 119 LEU A C   1 
ATOM   187  O O   . LEU A 1 26  ? 13.526  9.298   3.054   1.00 32.60 ? 119 LEU A O   1 
ATOM   188  C CB  . LEU A 1 26  ? 16.217  9.041   0.576   1.00 36.12 ? 119 LEU A CB  1 
ATOM   189  C CG  . LEU A 1 26  ? 17.692  8.564   0.538   1.00 38.26 ? 119 LEU A CG  1 
ATOM   190  C CD1 . LEU A 1 26  ? 18.318  8.812   -0.828  1.00 38.17 ? 119 LEU A CD1 1 
ATOM   191  C CD2 . LEU A 1 26  ? 18.495  9.185   1.697   1.00 42.03 ? 119 LEU A CD2 1 
ATOM   192  N N   . ALA A 1 27  ? 13.589  10.009  0.932   1.00 32.26 ? 120 ALA A N   1 
ATOM   193  C CA  . ALA A 1 27  ? 12.264  10.635  1.015   1.00 37.65 ? 120 ALA A CA  1 
ATOM   194  C C   . ALA A 1 27  ? 11.129  9.617   1.202   1.00 36.36 ? 120 ALA A C   1 
ATOM   195  O O   . ALA A 1 27  ? 10.069  10.006  1.701   1.00 34.31 ? 120 ALA A O   1 
ATOM   196  C CB  . ALA A 1 27  ? 11.976  11.514  -0.204  1.00 39.56 ? 120 ALA A CB  1 
ATOM   197  N N   . LYS A 1 28  ? 11.365  8.365   0.797   1.00 33.12 ? 121 LYS A N   1 
ATOM   198  C CA  . LYS A 1 28  ? 10.488  7.220   1.050   1.00 32.85 ? 121 LYS A CA  1 
ATOM   199  C C   . LYS A 1 28  ? 10.961  6.271   2.166   1.00 28.94 ? 121 LYS A C   1 
ATOM   200  O O   . LYS A 1 28  ? 10.715  5.097   2.100   1.00 29.56 ? 121 LYS A O   1 
ATOM   201  C CB  . LYS A 1 28  ? 10.348  6.437   -0.245  1.00 33.96 ? 121 LYS A CB  1 
ATOM   202  C CG  . LYS A 1 28  ? 9.658   7.220   -1.357  1.00 40.28 ? 121 LYS A CG  1 
ATOM   203  C CD  . LYS A 1 28  ? 9.696   6.354   -2.614  1.00 48.25 ? 121 LYS A CD  1 
ATOM   204  C CE  . LYS A 1 28  ? 8.941   6.970   -3.783  1.00 58.73 ? 121 LYS A CE  1 
ATOM   205  N NZ  . LYS A 1 28  ? 9.290   6.285   -5.062  1.00 54.00 ? 121 LYS A NZ  1 
ATOM   206  N N   . SER A 1 29  ? 11.582  6.824   3.216   1.00 28.08 ? 122 SER A N   1 
ATOM   207  C CA  . SER A 1 29  ? 12.260  6.063   4.238   1.00 32.63 ? 122 SER A CA  1 
ATOM   208  C C   . SER A 1 29  ? 11.351  5.173   5.195   1.00 34.11 ? 122 SER A C   1 
ATOM   209  O O   . SER A 1 29  ? 11.854  4.294   6.028   1.00 32.39 ? 122 SER A O   1 
ATOM   210  C CB  . SER A 1 29  ? 13.094  7.041   5.021   1.00 32.38 ? 122 SER A CB  1 
ATOM   211  O OG  . SER A 1 29  ? 13.679  6.383   6.053   1.00 49.66 ? 122 SER A OG  1 
ATOM   212  N N   . GLY A 1 30  ? 10.068  5.519   5.144   1.00 24.52 ? 123 GLY A N   1 
ATOM   213  C CA  . GLY A 1 30  ? 8.991   4.862   5.969   1.00 23.92 ? 123 GLY A CA  1 
ATOM   214  C C   . GLY A 1 30  ? 8.314   3.676   5.225   1.00 25.36 ? 123 GLY A C   1 
ATOM   215  O O   . GLY A 1 30  ? 8.835   3.170   4.223   1.00 23.96 ? 123 GLY A O   1 
ATOM   216  N N   . TRP A 1 31  ? 7.142   3.282   5.693   1.00 21.13 ? 124 TRP A N   1 
ATOM   217  C CA  . TRP A 1 31  ? 6.439   2.092   5.178   1.00 21.45 ? 124 TRP A CA  1 
ATOM   218  C C   . TRP A 1 31  ? 5.251   2.511   4.313   1.00 22.72 ? 124 TRP A C   1 
ATOM   219  O O   . TRP A 1 31  ? 4.556   3.417   4.689   1.00 20.30 ? 124 TRP A O   1 
ATOM   220  C CB  . TRP A 1 31  ? 5.934   1.250   6.359   1.00 21.03 ? 124 TRP A CB  1 
ATOM   221  C CG  . TRP A 1 31  ? 7.034   0.510   7.167   1.00 19.62 ? 124 TRP A CG  1 
ATOM   222  C CD1 . TRP A 1 31  ? 7.682   0.976   8.286   1.00 18.98 ? 124 TRP A CD1 1 
ATOM   223  C CD2 . TRP A 1 31  ? 7.670   -0.710  6.824   1.00 18.78 ? 124 TRP A CD2 1 
ATOM   224  N NE1 . TRP A 1 31  ? 8.652   0.048   8.693   1.00 22.23 ? 124 TRP A NE1 1 
ATOM   225  C CE2 . TRP A 1 31  ? 8.643   -0.995  7.820   1.00 20.05 ? 124 TRP A CE2 1 
ATOM   226  C CE3 . TRP A 1 31  ? 7.456   -1.672  5.807   1.00 17.90 ? 124 TRP A CE3 1 
ATOM   227  C CZ2 . TRP A 1 31  ? 9.418   -2.163  7.811   1.00 21.69 ? 124 TRP A CZ2 1 
ATOM   228  C CZ3 . TRP A 1 31  ? 8.243   -2.819  5.804   1.00 20.64 ? 124 TRP A CZ3 1 
ATOM   229  C CH2 . TRP A 1 31  ? 9.211   -3.053  6.755   1.00 20.21 ? 124 TRP A CH2 1 
ATOM   230  N N   . GLY A 1 32  ? 4.938   1.786   3.225   1.00 19.23 ? 125 GLY A N   1 
ATOM   231  C CA  . GLY A 1 32  ? 3.848   2.150   2.391   1.00 19.37 ? 125 GLY A CA  1 
ATOM   232  C C   . GLY A 1 32  ? 3.461   0.915   1.556   1.00 18.76 ? 125 GLY A C   1 
ATOM   233  O O   . GLY A 1 32  ? 4.179   -0.082  1.562   1.00 17.32 ? 125 GLY A O   1 
ATOM   234  N N   . PHE A 1 33  ? 2.313   0.972   0.884   1.00 20.99 ? 126 PHE A N   1 
ATOM   235  C CA  . PHE A 1 33  ? 1.912   -0.037  -0.059  1.00 18.77 ? 126 PHE A CA  1 
ATOM   236  C C   . PHE A 1 33  ? 2.848   0.032   -1.311  1.00 19.19 ? 126 PHE A C   1 
ATOM   237  O O   . PHE A 1 33  ? 3.230   1.084   -1.731  1.00 20.54 ? 126 PHE A O   1 
ATOM   238  C CB  . PHE A 1 33  ? 0.425   0.098   -0.462  1.00 18.03 ? 126 PHE A CB  1 
ATOM   239  C CG  . PHE A 1 33  ? -0.503  -0.144  0.678   1.00 19.02 ? 126 PHE A CG  1 
ATOM   240  C CD1 . PHE A 1 33  ? -0.641  -1.401  1.221   1.00 18.77 ? 126 PHE A CD1 1 
ATOM   241  C CD2 . PHE A 1 33  ? -1.034  0.924   1.367   1.00 21.02 ? 126 PHE A CD2 1 
ATOM   242  C CE1 . PHE A 1 33  ? -1.453  -1.611  2.313   1.00 21.56 ? 126 PHE A CE1 1 
ATOM   243  C CE2 . PHE A 1 33  ? -1.820  0.738   2.517   1.00 19.16 ? 126 PHE A CE2 1 
ATOM   244  C CZ  . PHE A 1 33  ? -2.032  -0.548  2.979   1.00 20.19 ? 126 PHE A CZ  1 
ATOM   245  N N   . PRO A 1 34  ? 3.155   -1.153  -1.897  1.00 18.93 ? 127 PRO A N   1 
ATOM   246  C CA  . PRO A 1 34  ? 3.942   -1.173  -3.141  1.00 20.37 ? 127 PRO A CA  1 
ATOM   247  C C   . PRO A 1 34  ? 3.151   -0.554  -4.330  1.00 21.20 ? 127 PRO A C   1 
ATOM   248  O O   . PRO A 1 34  ? 1.970   -0.941  -4.605  1.00 17.76 ? 127 PRO A O   1 
ATOM   249  C CB  . PRO A 1 34  ? 4.279   -2.678  -3.288  1.00 19.61 ? 127 PRO A CB  1 
ATOM   250  C CG  . PRO A 1 34  ? 3.113   -3.408  -2.608  1.00 20.09 ? 127 PRO A CG  1 
ATOM   251  C CD  . PRO A 1 34  ? 2.797   -2.517  -1.415  1.00 17.75 ? 127 PRO A CD  1 
ATOM   252  N N   . LYS A 1 35  ? 3.764   0.419   -5.007  1.00 22.53 ? 128 LYS A N   1 
ATOM   253  C CA  . LYS A 1 35  ? 3.142   1.204   -6.078  1.00 21.82 ? 128 LYS A CA  1 
ATOM   254  C C   . LYS A 1 35  ? 4.185   2.031   -6.790  1.00 26.83 ? 128 LYS A C   1 
ATOM   255  O O   . LYS A 1 35  ? 5.281   2.240   -6.238  1.00 27.08 ? 128 LYS A O   1 
ATOM   256  C CB  . LYS A 1 35  ? 2.034   2.128   -5.563  1.00 24.41 ? 128 LYS A CB  1 
ATOM   257  C CG  . LYS A 1 35  ? 2.405   3.215   -4.578  1.00 24.32 ? 128 LYS A CG  1 
ATOM   258  C CD  . LYS A 1 35  ? 1.148   3.950   -4.216  1.00 30.02 ? 128 LYS A CD  1 
ATOM   259  C CE  . LYS A 1 35  ? 1.285   5.048   -3.162  1.00 36.18 ? 128 LYS A CE  1 
ATOM   260  N NZ  . LYS A 1 35  ? 2.413   5.924   -3.497  1.00 40.04 ? 128 LYS A NZ  1 
ATOM   261  N N   . GLY A 1 36  ? 3.820   2.568   -7.948  1.00 26.40 ? 129 GLY A N   1 
ATOM   262  C CA  . GLY A 1 36  ? 4.708   3.475   -8.684  1.00 27.30 ? 129 GLY A CA  1 
ATOM   263  C C   . GLY A 1 36  ? 4.059   4.085   -9.929  1.00 30.35 ? 129 GLY A C   1 
ATOM   264  O O   . GLY A 1 36  ? 2.893   3.802   -10.286 1.00 30.52 ? 129 GLY A O   1 
ATOM   265  N N   . LYS A 1 37  ? 4.860   4.868   -10.659 1.00 33.19 ? 130 LYS A N   1 
ATOM   266  C CA  . LYS A 1 37  ? 4.349   5.764   -11.701 1.00 32.82 ? 130 LYS A CA  1 
ATOM   267  C C   . LYS A 1 37  ? 4.094   4.980   -13.008 1.00 28.25 ? 130 LYS A C   1 
ATOM   268  O O   . LYS A 1 37  ? 4.864   4.106   -13.339 1.00 34.70 ? 130 LYS A O   1 
ATOM   269  C CB  . LYS A 1 37  ? 5.391   6.917   -11.948 1.00 40.25 ? 130 LYS A CB  1 
ATOM   270  C CG  . LYS A 1 37  ? 5.238   8.169   -11.072 1.00 41.91 ? 130 LYS A CG  1 
ATOM   271  C CD  . LYS A 1 37  ? 6.362   9.179   -11.359 1.00 47.25 ? 130 LYS A CD  1 
ATOM   272  N N   . VAL A 1 38  ? 2.984   5.255   -13.667 1.00 30.37 ? 131 VAL A N   1 
ATOM   273  C CA  . VAL A 1 38  ? 2.640   4.579   -14.919 1.00 35.79 ? 131 VAL A CA  1 
ATOM   274  C C   . VAL A 1 38  ? 3.595   5.074   -16.057 1.00 37.39 ? 131 VAL A C   1 
ATOM   275  O O   . VAL A 1 38  ? 3.917   6.284   -16.105 1.00 36.86 ? 131 VAL A O   1 
ATOM   276  C CB  . VAL A 1 38  ? 1.152   4.795   -15.262 1.00 34.49 ? 131 VAL A CB  1 
ATOM   277  C CG1 . VAL A 1 38  ? 0.790   6.262   -15.565 1.00 40.96 ? 131 VAL A CG1 1 
ATOM   278  C CG2 . VAL A 1 38  ? 0.716   3.884   -16.407 1.00 35.42 ? 131 VAL A CG2 1 
ATOM   279  N N   . ASN A 1 39  ? 4.036   4.143   -16.925 1.00 35.57 ? 132 ASN A N   1 
ATOM   280  C CA  . ASN A 1 39  ? 4.772   4.511   -18.202 1.00 39.10 ? 132 ASN A CA  1 
ATOM   281  C C   . ASN A 1 39  ? 3.797   5.007   -19.306 1.00 39.94 ? 132 ASN A C   1 
ATOM   282  O O   . ASN A 1 39  ? 2.628   4.653   -19.275 1.00 39.91 ? 132 ASN A O   1 
ATOM   283  C CB  . ASN A 1 39  ? 5.577   3.313   -18.688 1.00 38.62 ? 132 ASN A CB  1 
ATOM   284  C CG  . ASN A 1 39  ? 6.717   2.936   -17.762 1.00 40.82 ? 132 ASN A CG  1 
ATOM   285  O OD1 . ASN A 1 39  ? 7.381   3.793   -17.153 1.00 46.54 ? 132 ASN A OD1 1 
ATOM   286  N ND2 . ASN A 1 39  ? 6.993   1.646   -17.673 1.00 37.13 ? 132 ASN A ND2 1 
ATOM   287  N N   . LYS A 1 40  ? 4.261   5.834   -20.278 1.00 46.45 ? 133 LYS A N   1 
ATOM   288  C CA  . LYS A 1 40  ? 3.370   6.298   -21.404 1.00 50.10 ? 133 LYS A CA  1 
ATOM   289  C C   . LYS A 1 40  ? 2.757   5.087   -22.151 1.00 45.69 ? 133 LYS A C   1 
ATOM   290  O O   . LYS A 1 40  ? 3.445   4.093   -22.386 1.00 44.75 ? 133 LYS A O   1 
ATOM   291  C CB  . LYS A 1 40  ? 4.122   7.245   -22.380 1.00 54.93 ? 133 LYS A CB  1 
ATOM   292  N N   . GLU A 1 41  ? 1.453   5.148   -22.422 1.00 47.79 ? 134 GLU A N   1 
ATOM   293  C CA  . GLU A 1 41  ? 0.672   4.064   -23.053 1.00 53.92 ? 134 GLU A CA  1 
ATOM   294  C C   . GLU A 1 41  ? 0.502   2.694   -22.264 1.00 58.36 ? 134 GLU A C   1 
ATOM   295  O O   . GLU A 1 41  ? -0.208  1.800   -22.765 1.00 58.33 ? 134 GLU A O   1 
ATOM   296  C CB  . GLU A 1 41  ? 1.152   3.850   -24.512 1.00 57.60 ? 134 GLU A CB  1 
ATOM   297  N N   . GLU A 1 42  ? 1.061   2.564   -21.031 1.00 50.21 ? 135 GLU A N   1 
ATOM   298  C CA  . GLU A 1 42  ? 0.918   1.342   -20.163 1.00 40.49 ? 135 GLU A CA  1 
ATOM   299  C C   . GLU A 1 42  ? -0.442  1.343   -19.502 1.00 37.11 ? 135 GLU A C   1 
ATOM   300  O O   . GLU A 1 42  ? -0.832  2.348   -18.948 1.00 40.56 ? 135 GLU A O   1 
ATOM   301  C CB  . GLU A 1 42  ? 2.031   1.313   -19.089 1.00 39.98 ? 135 GLU A CB  1 
ATOM   302  C CG  . GLU A 1 42  ? 2.009   0.144   -18.109 1.00 38.78 ? 135 GLU A CG  1 
ATOM   303  C CD  . GLU A 1 42  ? 3.140   0.206   -17.128 1.00 36.01 ? 135 GLU A CD  1 
ATOM   304  O OE1 . GLU A 1 42  ? 3.404   1.304   -16.583 1.00 35.69 ? 135 GLU A OE1 1 
ATOM   305  O OE2 . GLU A 1 42  ? 3.777   -0.836  -16.895 1.00 32.74 ? 135 GLU A OE2 1 
ATOM   306  N N   . ALA A 1 43  ? -1.179  0.235   -19.582 1.00 36.63 ? 136 ALA A N   1 
ATOM   307  C CA  . ALA A 1 43  ? -2.510  0.065   -18.928 1.00 36.10 ? 136 ALA A CA  1 
ATOM   308  C C   . ALA A 1 43  ? -2.412  0.015   -17.367 1.00 31.07 ? 136 ALA A C   1 
ATOM   309  O O   . ALA A 1 43  ? -1.401  -0.384  -16.867 1.00 28.73 ? 136 ALA A O   1 
ATOM   310  C CB  . ALA A 1 43  ? -3.199  -1.204  -19.391 1.00 34.03 ? 136 ALA A CB  1 
ATOM   311  N N   . PRO A 1 44  ? -3.483  0.368   -16.662 1.00 36.46 ? 137 PRO A N   1 
ATOM   312  C CA  . PRO A 1 44  ? -3.366  0.435   -15.169 1.00 33.70 ? 137 PRO A CA  1 
ATOM   313  C C   . PRO A 1 44  ? -3.007  -0.915  -14.523 1.00 34.64 ? 137 PRO A C   1 
ATOM   314  O O   . PRO A 1 44  ? -2.060  -0.982  -13.722 1.00 30.11 ? 137 PRO A O   1 
ATOM   315  C CB  . PRO A 1 44  ? -4.733  0.939   -14.747 1.00 39.27 ? 137 PRO A CB  1 
ATOM   316  C CG  . PRO A 1 44  ? -5.235  1.782   -15.918 1.00 39.51 ? 137 PRO A CG  1 
ATOM   317  C CD  . PRO A 1 44  ? -4.686  1.086   -17.158 1.00 39.39 ? 137 PRO A CD  1 
ATOM   318  N N   . HIS A 1 45  ? -3.694  -1.979  -14.927 1.00 31.93 ? 138 HIS A N   1 
ATOM   319  C CA  . HIS A 1 45  ? -3.402  -3.333  -14.408 1.00 33.50 ? 138 HIS A CA  1 
ATOM   320  C C   . HIS A 1 45  ? -1.979  -3.799  -14.640 1.00 31.71 ? 138 HIS A C   1 
ATOM   321  O O   . HIS A 1 45  ? -1.394  -4.511  -13.781 1.00 24.19 ? 138 HIS A O   1 
ATOM   322  C CB  . HIS A 1 45  ? -4.490  -4.359  -14.843 1.00 38.99 ? 138 HIS A CB  1 
ATOM   323  C CG  . HIS A 1 45  ? -4.418  -4.773  -16.288 1.00 49.91 ? 138 HIS A CG  1 
ATOM   324  N ND1 . HIS A 1 45  ? -5.056  -4.071  -17.304 1.00 55.26 ? 138 HIS A ND1 1 
ATOM   325  C CD2 . HIS A 1 45  ? -3.807  -5.829  -16.890 1.00 49.85 ? 138 HIS A CD2 1 
ATOM   326  C CE1 . HIS A 1 45  ? -4.835  -4.678  -18.465 1.00 49.38 ? 138 HIS A CE1 1 
ATOM   327  N NE2 . HIS A 1 45  ? -4.080  -5.742  -18.243 1.00 55.21 ? 138 HIS A NE2 1 
ATOM   328  N N   . ASP A 1 46  ? -1.401  -3.422  -15.794 1.00 30.02 ? 139 ASP A N   1 
ATOM   329  C CA  . ASP A 1 46  ? -0.036  -3.830  -16.096 1.00 29.22 ? 139 ASP A CA  1 
ATOM   330  C C   . ASP A 1 46  ? 1.002   -3.003  -15.278 1.00 28.14 ? 139 ASP A C   1 
ATOM   331  O O   . ASP A 1 46  ? 2.003   -3.556  -14.861 1.00 26.91 ? 139 ASP A O   1 
ATOM   332  C CB  . ASP A 1 46  ? 0.306   -3.649  -17.575 1.00 30.42 ? 139 ASP A CB  1 
ATOM   333  C CG  . ASP A 1 46  ? -0.415  -4.625  -18.477 1.00 37.26 ? 139 ASP A CG  1 
ATOM   334  O OD1 . ASP A 1 46  ? -0.654  -5.792  -18.085 1.00 34.74 ? 139 ASP A OD1 1 
ATOM   335  O OD2 . ASP A 1 46  ? -0.731  -4.199  -19.613 1.00 41.24 ? 139 ASP A OD2 1 
ATOM   336  N N   . CYS A 1 47  ? 0.801   -1.691  -15.111 1.00 25.51 ? 140 CYS A N   1 
ATOM   337  C CA  . CYS A 1 47  ? 1.654   -0.927  -14.234 1.00 23.81 ? 140 CYS A CA  1 
ATOM   338  C C   . CYS A 1 47  ? 1.631   -1.525  -12.762 1.00 19.89 ? 140 CYS A C   1 
ATOM   339  O O   . CYS A 1 47  ? 2.661   -1.669  -12.167 1.00 22.15 ? 140 CYS A O   1 
ATOM   340  C CB  . CYS A 1 47  ? 1.175   0.517   -14.171 1.00 22.28 ? 140 CYS A CB  1 
ATOM   341  S SG  . CYS A 1 47  ? 2.048   1.613   -13.022 1.00 27.86 ? 140 CYS A SG  1 
ATOM   342  N N   . ALA A 1 48  ? 0.425   -1.772  -12.229 1.00 22.55 ? 141 ALA A N   1 
ATOM   343  C CA  . ALA A 1 48  ? 0.261   -2.344  -10.833 1.00 21.47 ? 141 ALA A CA  1 
ATOM   344  C C   . ALA A 1 48  ? 1.063   -3.636  -10.726 1.00 22.21 ? 141 ALA A C   1 
ATOM   345  O O   . ALA A 1 48  ? 1.836   -3.797  -9.836  1.00 19.84 ? 141 ALA A O   1 
ATOM   346  C CB  . ALA A 1 48  ? -1.201  -2.593  -10.538 1.00 20.83 ? 141 ALA A CB  1 
ATOM   347  N N   . ALA A 1 49  ? 0.946   -4.560  -11.698 1.00 21.86 ? 142 ALA A N   1 
ATOM   348  C CA  . ALA A 1 49  ? 1.731   -5.828  -11.607 1.00 19.02 ? 142 ALA A CA  1 
ATOM   349  C C   . ALA A 1 49  ? 3.291   -5.616  -11.703 1.00 19.52 ? 142 ALA A C   1 
ATOM   350  O O   . ALA A 1 49  ? 4.058   -6.277  -11.021 1.00 21.52 ? 142 ALA A O   1 
ATOM   351  C CB  . ALA A 1 49  ? 1.293   -6.802  -12.678 1.00 21.34 ? 142 ALA A CB  1 
ATOM   352  N N   . ARG A 1 50  ? 3.695   -4.709  -12.566 1.00 21.77 ? 143 ARG A N   1 
ATOM   353  C CA  . ARG A 1 50  ? 5.099   -4.380  -12.803 1.00 22.72 ? 143 ARG A CA  1 
ATOM   354  C C   . ARG A 1 50  ? 5.703   -3.793  -11.559 1.00 22.72 ? 143 ARG A C   1 
ATOM   355  O O   . ARG A 1 50  ? 6.746   -4.234  -11.104 1.00 23.06 ? 143 ARG A O   1 
ATOM   356  C CB  . ARG A 1 50  ? 5.249   -3.348  -13.961 1.00 25.95 ? 143 ARG A CB  1 
ATOM   357  C CG  . ARG A 1 50  ? 6.698   -3.044  -14.311 1.00 28.66 ? 143 ARG A CG  1 
ATOM   358  C CD  . ARG A 1 50  ? 6.895   -2.032  -15.447 1.00 29.13 ? 143 ARG A CD  1 
ATOM   359  N NE  . ARG A 1 50  ? 6.054   -0.817  -15.329 1.00 31.18 ? 143 ARG A NE  1 
ATOM   360  C CZ  . ARG A 1 50  ? 6.328   0.288   -14.627 1.00 28.80 ? 143 ARG A CZ  1 
ATOM   361  N NH1 . ARG A 1 50  ? 7.458   0.409   -13.955 1.00 33.14 ? 143 ARG A NH1 1 
ATOM   362  N NH2 . ARG A 1 50  ? 5.459   1.291   -14.614 1.00 29.77 ? 143 ARG A NH2 1 
ATOM   363  N N   . GLU A 1 51  ? 5.033   -2.804  -10.996 1.00 23.96 ? 144 GLU A N   1 
ATOM   364  C CA  . GLU A 1 51  ? 5.597   -2.145  -9.792  1.00 22.05 ? 144 GLU A CA  1 
ATOM   365  C C   . GLU A 1 51  ? 5.640   -3.111  -8.614  1.00 21.34 ? 144 GLU A C   1 
ATOM   366  O O   . GLU A 1 51  ? 6.622   -3.141  -7.851  1.00 22.98 ? 144 GLU A O   1 
ATOM   367  C CB  . GLU A 1 51  ? 4.787   -0.967  -9.437  1.00 24.69 ? 144 GLU A CB  1 
ATOM   368  C CG  . GLU A 1 51  ? 4.847   0.140   -10.403 1.00 26.80 ? 144 GLU A CG  1 
ATOM   369  C CD  . GLU A 1 51  ? 6.154   0.968   -10.311 1.00 36.32 ? 144 GLU A CD  1 
ATOM   370  O OE1 . GLU A 1 51  ? 6.979   0.743   -9.442  1.00 34.04 ? 144 GLU A OE1 1 
ATOM   371  O OE2 . GLU A 1 51  ? 6.332   1.879   -11.124 1.00 38.78 ? 144 GLU A OE2 1 
ATOM   372  N N   . VAL A 1 52  ? 4.549   -3.891  -8.418  1.00 19.69 ? 145 VAL A N   1 
ATOM   373  C CA  . VAL A 1 52  ? 4.549   -4.866  -7.290  1.00 18.48 ? 145 VAL A CA  1 
ATOM   374  C C   . VAL A 1 52  ? 5.644   -5.952  -7.447  1.00 21.70 ? 145 VAL A C   1 
ATOM   375  O O   . VAL A 1 52  ? 6.306   -6.324  -6.458  1.00 22.25 ? 145 VAL A O   1 
ATOM   376  C CB  . VAL A 1 52  ? 3.120   -5.415  -7.040  1.00 18.42 ? 145 VAL A CB  1 
ATOM   377  C CG1 . VAL A 1 52  ? 3.158   -6.483  -6.001  1.00 21.65 ? 145 VAL A CG1 1 
ATOM   378  C CG2 . VAL A 1 52  ? 2.179   -4.279  -6.694  1.00 19.88 ? 145 VAL A CG2 1 
ATOM   379  N N   . PHE A 1 53  ? 5.813   -6.481  -8.686  1.00 21.55 ? 146 PHE A N   1 
ATOM   380  C CA  . PHE A 1 53  ? 6.864   -7.462  -8.926  1.00 18.91 ? 146 PHE A CA  1 
ATOM   381  C C   . PHE A 1 53  ? 8.315   -6.844  -8.679  1.00 21.75 ? 146 PHE A C   1 
ATOM   382  O O   . PHE A 1 53  ? 9.131   -7.470  -8.053  1.00 26.29 ? 146 PHE A O   1 
ATOM   383  C CB  . PHE A 1 53  ? 6.734   -8.012  -10.351 1.00 21.79 ? 146 PHE A CB  1 
ATOM   384  C CG  . PHE A 1 53  ? 7.669   -9.162  -10.606 1.00 26.92 ? 146 PHE A CG  1 
ATOM   385  C CD1 . PHE A 1 53  ? 7.424   -10.388 -10.063 1.00 28.83 ? 146 PHE A CD1 1 
ATOM   386  C CD2 . PHE A 1 53  ? 8.869   -8.937  -11.262 1.00 33.98 ? 146 PHE A CD2 1 
ATOM   387  C CE1 . PHE A 1 53  ? 8.331   -11.444 -10.199 1.00 36.23 ? 146 PHE A CE1 1 
ATOM   388  C CE2 . PHE A 1 53  ? 9.800   -9.967  -11.413 1.00 38.56 ? 146 PHE A CE2 1 
ATOM   389  C CZ  . PHE A 1 53  ? 9.518   -11.234 -10.893 1.00 37.41 ? 146 PHE A CZ  1 
ATOM   390  N N   . GLU A 1 54  ? 8.528   -5.635  -9.133  1.00 21.29 ? 147 GLU A N   1 
ATOM   391  C CA  . GLU A 1 54  ? 9.851   -4.952  -8.881  1.00 27.22 ? 147 GLU A CA  1 
ATOM   392  C C   . GLU A 1 54  ? 10.135  -4.751  -7.430  1.00 26.67 ? 147 GLU A C   1 
ATOM   393  O O   . GLU A 1 54  ? 11.287  -4.865  -6.982  1.00 28.96 ? 147 GLU A O   1 
ATOM   394  C CB  . GLU A 1 54  ? 9.828   -3.573  -9.488  1.00 28.28 ? 147 GLU A CB  1 
ATOM   395  C CG  . GLU A 1 54  ? 9.974   -3.553  -10.998 1.00 37.99 ? 147 GLU A CG  1 
ATOM   396  C CD  . GLU A 1 54  ? 9.812   -2.124  -11.592 1.00 42.70 ? 147 GLU A CD  1 
ATOM   397  O OE1 . GLU A 1 54  ? 9.696   -1.131  -10.810 1.00 47.71 ? 147 GLU A OE1 1 
ATOM   398  O OE2 . GLU A 1 54  ? 9.788   -1.987  -12.853 1.00 43.03 ? 147 GLU A OE2 1 
ATOM   399  N N   . GLU A 1 55  ? 9.080   -4.411  -6.666  1.00 23.20 ? 148 GLU A N   1 
ATOM   400  C CA  . GLU A 1 55  ? 9.260   -4.110  -5.241  1.00 24.40 ? 148 GLU A CA  1 
ATOM   401  C C   . GLU A 1 55  ? 9.174   -5.299  -4.252  1.00 26.17 ? 148 GLU A C   1 
ATOM   402  O O   . GLU A 1 55  ? 9.616   -5.152  -3.148  1.00 28.61 ? 148 GLU A O   1 
ATOM   403  C CB  . GLU A 1 55  ? 8.309   -2.966  -4.851  1.00 24.66 ? 148 GLU A CB  1 
ATOM   404  C CG  . GLU A 1 55  ? 8.605   -1.692  -5.600  1.00 25.29 ? 148 GLU A CG  1 
ATOM   405  C CD  . GLU A 1 55  ? 7.610   -0.569  -5.329  1.00 31.05 ? 148 GLU A CD  1 
ATOM   406  O OE1 . GLU A 1 55  ? 6.913   -0.592  -4.296  1.00 26.35 ? 148 GLU A OE1 1 
ATOM   407  O OE2 . GLU A 1 55  ? 7.507   0.319   -6.195  1.00 33.58 ? 148 GLU A OE2 1 
ATOM   408  N N   . THR A 1 56  ? 8.557   -6.429  -4.634  1.00 24.46 ? 149 THR A N   1 
ATOM   409  C CA  . THR A 1 56  ? 8.276   -7.559  -3.704  1.00 23.34 ? 149 THR A CA  1 
ATOM   410  C C   . THR A 1 56  ? 8.713   -8.887  -4.287  1.00 24.08 ? 149 THR A C   1 
ATOM   411  O O   . THR A 1 56  ? 8.783   -9.895  -3.578  1.00 27.09 ? 149 THR A O   1 
ATOM   412  C CB  . THR A 1 56  ? 6.746   -7.705  -3.377  1.00 26.35 ? 149 THR A CB  1 
ATOM   413  O OG1 . THR A 1 56  ? 6.022   -8.120  -4.557  1.00 20.62 ? 149 THR A OG1 1 
ATOM   414  C CG2 . THR A 1 56  ? 6.133   -6.337  -2.935  1.00 23.20 ? 149 THR A CG2 1 
ATOM   415  N N   . GLY A 1 57  ? 8.910   -8.935  -5.581  1.00 24.83 ? 150 GLY A N   1 
ATOM   416  C CA  . GLY A 1 57  ? 9.185   -10.248 -6.254  1.00 26.50 ? 150 GLY A CA  1 
ATOM   417  C C   . GLY A 1 57  ? 7.978   -11.200 -6.438  1.00 30.97 ? 150 GLY A C   1 
ATOM   418  O O   . GLY A 1 57  ? 8.136   -12.381 -6.844  1.00 28.99 ? 150 GLY A O   1 
ATOM   419  N N   . PHE A 1 58  ? 6.785   -10.706 -6.140  1.00 24.45 ? 151 PHE A N   1 
ATOM   420  C CA  . PHE A 1 58  ? 5.552   -11.451 -6.272  1.00 25.06 ? 151 PHE A CA  1 
ATOM   421  C C   . PHE A 1 58  ? 4.709   -10.939 -7.463  1.00 24.78 ? 151 PHE A C   1 
ATOM   422  O O   . PHE A 1 58  ? 4.491   -9.726  -7.672  1.00 25.43 ? 151 PHE A O   1 
ATOM   423  C CB  . PHE A 1 58  ? 4.829   -11.528 -4.921  1.00 24.37 ? 151 PHE A CB  1 
ATOM   424  C CG  . PHE A 1 58  ? 3.534   -12.329 -4.954  1.00 25.22 ? 151 PHE A CG  1 
ATOM   425  C CD1 . PHE A 1 58  ? 3.553   -13.714 -4.766  1.00 30.55 ? 151 PHE A CD1 1 
ATOM   426  C CD2 . PHE A 1 58  ? 2.309   -11.699 -5.217  1.00 27.90 ? 151 PHE A CD2 1 
ATOM   427  C CE1 . PHE A 1 58  ? 2.402   -14.467 -4.822  1.00 32.10 ? 151 PHE A CE1 1 
ATOM   428  C CE2 . PHE A 1 58  ? 1.112   -12.451 -5.225  1.00 30.74 ? 151 PHE A CE2 1 
ATOM   429  C CZ  . PHE A 1 58  ? 1.195   -13.863 -5.050  1.00 27.57 ? 151 PHE A CZ  1 
ATOM   430  N N   . ASP A 1 59  ? 4.250   -11.893 -8.303  1.00 23.24 ? 152 ASP A N   1 
ATOM   431  C CA  . ASP A 1 59  ? 3.484   -11.590 -9.488  1.00 26.30 ? 152 ASP A CA  1 
ATOM   432  C C   . ASP A 1 59  ? 1.986   -11.668 -9.247  1.00 24.44 ? 152 ASP A C   1 
ATOM   433  O O   . ASP A 1 59  ? 1.408   -12.760 -9.022  1.00 23.89 ? 152 ASP A O   1 
ATOM   434  C CB  . ASP A 1 59  ? 3.873   -12.548 -10.633 1.00 27.65 ? 152 ASP A CB  1 
ATOM   435  C CG  . ASP A 1 59  ? 3.307   -12.124 -11.967 1.00 30.14 ? 152 ASP A CG  1 
ATOM   436  O OD1 . ASP A 1 59  ? 2.504   -11.164 -12.174 1.00 28.39 ? 152 ASP A OD1 1 
ATOM   437  O OD2 . ASP A 1 59  ? 3.649   -12.859 -12.910 1.00 36.90 ? 152 ASP A OD2 1 
ATOM   438  N N   . ILE A 1 60  ? 1.344   -10.494 -9.274  1.00 22.97 ? 153 ILE A N   1 
ATOM   439  C CA  . ILE A 1 60  ? -0.125  -10.427 -9.059  1.00 23.60 ? 153 ILE A CA  1 
ATOM   440  C C   . ILE A 1 60  ? -0.996  -10.615 -10.283 1.00 23.85 ? 153 ILE A C   1 
ATOM   441  O O   . ILE A 1 60  ? -2.217  -10.508 -10.219 1.00 22.95 ? 153 ILE A O   1 
ATOM   442  C CB  . ILE A 1 60  ? -0.541  -9.133  -8.354  1.00 22.94 ? 153 ILE A CB  1 
ATOM   443  C CG1 . ILE A 1 60  ? -0.350  -7.900  -9.220  1.00 25.68 ? 153 ILE A CG1 1 
ATOM   444  C CG2 . ILE A 1 60  ? 0.063   -9.052  -6.956  1.00 26.45 ? 153 ILE A CG2 1 
ATOM   445  C CD1 . ILE A 1 60  ? -0.920  -6.658  -8.503  1.00 26.28 ? 153 ILE A CD1 1 
ATOM   446  N N   . LYS A 1 61  ? -0.395  -10.804 -11.436 1.00 25.09 ? 154 LYS A N   1 
ATOM   447  C CA  . LYS A 1 61  ? -1.135  -10.666 -12.665 1.00 28.10 ? 154 LYS A CA  1 
ATOM   448  C C   . LYS A 1 61  ? -2.369  -11.586 -12.740 1.00 26.81 ? 154 LYS A C   1 
ATOM   449  O O   . LYS A 1 61  ? -3.434  -11.141 -13.189 1.00 27.55 ? 154 LYS A O   1 
ATOM   450  C CB  . LYS A 1 61  ? -0.209  -10.896 -13.892 1.00 31.44 ? 154 LYS A CB  1 
ATOM   451  C CG  . LYS A 1 61  ? -0.814  -11.624 -15.080 1.00 44.42 ? 154 LYS A CG  1 
ATOM   452  C CD  . LYS A 1 61  ? 0.088   -11.618 -16.333 1.00 49.39 ? 154 LYS A CD  1 
ATOM   453  C CE  . LYS A 1 61  ? 1.392   -12.388 -16.105 1.00 57.23 ? 154 LYS A CE  1 
ATOM   454  N NZ  . LYS A 1 61  ? 1.184   -13.840 -15.815 1.00 61.06 ? 154 LYS A NZ  1 
ATOM   455  N N   . ASP A 1 62  ? -2.194  -12.830 -12.306 1.00 24.62 ? 155 ASP A N   1 
ATOM   456  C CA  . ASP A 1 62  ? -3.312  -13.833 -12.343 1.00 24.11 ? 155 ASP A CA  1 
ATOM   457  C C   . ASP A 1 62  ? -4.331  -13.676 -11.218 1.00 25.79 ? 155 ASP A C   1 
ATOM   458  O O   . ASP A 1 62  ? -5.377  -14.372 -11.237 1.00 29.46 ? 155 ASP A O   1 
ATOM   459  C CB  . ASP A 1 62  ? -2.725  -15.239 -12.322 1.00 30.03 ? 155 ASP A CB  1 
ATOM   460  C CG  . ASP A 1 62  ? -2.012  -15.597 -13.653 1.00 32.88 ? 155 ASP A CG  1 
ATOM   461  O OD1 . ASP A 1 62  ? -2.346  -15.052 -14.705 1.00 39.62 ? 155 ASP A OD1 1 
ATOM   462  O OD2 . ASP A 1 62  ? -1.154  -16.412 -13.606 1.00 35.93 ? 155 ASP A OD2 1 
ATOM   463  N N   . TYR A 1 63  ? -4.086  -12.738 -10.270 1.00 25.14 ? 156 TYR A N   1 
ATOM   464  C CA  . TYR A 1 63  ? -4.963  -12.506 -9.121  1.00 25.27 ? 156 TYR A CA  1 
ATOM   465  C C   . TYR A 1 63  ? -5.715  -11.155 -9.166  1.00 24.26 ? 156 TYR A C   1 
ATOM   466  O O   . TYR A 1 63  ? -6.770  -10.961 -8.517  1.00 29.41 ? 156 TYR A O   1 
ATOM   467  C CB  . TYR A 1 63  ? -4.130  -12.546 -7.852  1.00 24.72 ? 156 TYR A CB  1 
ATOM   468  C CG  . TYR A 1 63  ? -3.427  -13.794 -7.682  1.00 25.97 ? 156 TYR A CG  1 
ATOM   469  C CD1 . TYR A 1 63  ? -4.139  -15.010 -7.751  1.00 37.15 ? 156 TYR A CD1 1 
ATOM   470  C CD2 . TYR A 1 63  ? -2.074  -13.836 -7.730  1.00 30.41 ? 156 TYR A CD2 1 
ATOM   471  C CE1 . TYR A 1 63  ? -3.468  -16.223 -7.736  1.00 41.60 ? 156 TYR A CE1 1 
ATOM   472  C CE2 . TYR A 1 63  ? -1.381  -15.031 -7.695  1.00 30.54 ? 156 TYR A CE2 1 
ATOM   473  C CZ  . TYR A 1 63  ? -2.064  -16.206 -7.648  1.00 38.08 ? 156 TYR A CZ  1 
ATOM   474  O OH  . TYR A 1 63  ? -1.329  -17.353 -7.638  1.00 46.80 ? 156 TYR A OH  1 
ATOM   475  N N   . ILE A 1 64  ? -5.250  -10.207 -9.967  1.00 23.17 ? 157 ILE A N   1 
ATOM   476  C CA  . ILE A 1 64  ? -6.019  -8.914  -10.069 1.00 24.06 ? 157 ILE A CA  1 
ATOM   477  C C   . ILE A 1 64  ? -7.476  -9.058  -10.473 1.00 30.20 ? 157 ILE A C   1 
ATOM   478  O O   . ILE A 1 64  ? -7.787  -9.791  -11.434 1.00 31.64 ? 157 ILE A O   1 
ATOM   479  C CB  . ILE A 1 64  ? -5.357  -7.885  -11.040 1.00 26.13 ? 157 ILE A CB  1 
ATOM   480  C CG1 . ILE A 1 64  ? -4.087  -7.313  -10.424 1.00 29.46 ? 157 ILE A CG1 1 
ATOM   481  C CG2 . ILE A 1 64  ? -6.258  -6.665  -11.282 1.00 25.72 ? 157 ILE A CG2 1 
ATOM   482  C CD1 . ILE A 1 64  ? -3.195  -6.403  -11.330 1.00 30.92 ? 157 ILE A CD1 1 
ATOM   483  N N   A CYS A 1 65  ? -8.364  -8.400  -9.729  0.25 25.61 ? 158 CYS A N   1 
ATOM   484  N N   B CYS A 1 65  ? -8.364  -8.352  -9.777  0.25 28.39 ? 158 CYS A N   1 
ATOM   485  C CA  A CYS A 1 65  ? -9.741  -8.216  -10.151 0.25 25.95 ? 158 CYS A CA  1 
ATOM   486  C CA  B CYS A 1 65  ? -9.773  -8.278  -10.141 0.25 30.60 ? 158 CYS A CA  1 
ATOM   487  C C   A CYS A 1 65  ? -9.919  -6.752  -10.544 0.25 28.37 ? 158 CYS A C   1 
ATOM   488  C C   B CYS A 1 65  ? -10.090 -6.811  -10.480 0.25 31.40 ? 158 CYS A C   1 
ATOM   489  O O   A CYS A 1 65  ? -9.557  -5.812  -9.795  0.25 25.58 ? 158 CYS A O   1 
ATOM   490  O O   B CYS A 1 65  ? -10.033 -5.931  -9.597  0.25 29.86 ? 158 CYS A O   1 
ATOM   491  C CB  A CYS A 1 65  ? -10.720 -8.640  -9.078  0.25 24.94 ? 158 CYS A CB  1 
ATOM   492  C CB  B CYS A 1 65  ? -10.625 -8.846  -9.008  0.25 32.16 ? 158 CYS A CB  1 
ATOM   493  S SG  A CYS A 1 65  ? -10.605 -10.373 -8.609  0.25 22.17 ? 158 CYS A SG  1 
ATOM   494  S SG  B CYS A 1 65  ? -12.416 -8.679  -9.174  0.25 36.83 ? 158 CYS A SG  1 
ATOM   495  N N   . LYS A 1 66  ? -10.422 -6.564  -11.760 1.00 31.17 ? 159 LYS A N   1 
ATOM   496  C CA  . LYS A 1 66  ? -10.557 -5.191  -12.367 1.00 35.73 ? 159 LYS A CA  1 
ATOM   497  C C   . LYS A 1 66  ? -11.348 -4.161  -11.623 1.00 31.79 ? 159 LYS A C   1 
ATOM   498  O O   . LYS A 1 66  ? -10.964 -2.966  -11.609 1.00 36.26 ? 159 LYS A O   1 
ATOM   499  C CB  . LYS A 1 66  ? -11.164 -5.293  -13.770 1.00 38.46 ? 159 LYS A CB  1 
ATOM   500  C CG  . LYS A 1 66  ? -12.667 -5.519  -13.810 1.00 45.34 ? 159 LYS A CG  1 
ATOM   501  N N   . ASP A 1 67  ? -12.404 -4.622  -10.961 1.00 33.10 ? 160 ASP A N   1 
ATOM   502  C CA  . ASP A 1 67  ? -13.296 -3.753  -10.189 1.00 39.25 ? 160 ASP A CA  1 
ATOM   503  C C   . ASP A 1 67  ? -12.938 -3.629  -8.718  1.00 34.68 ? 160 ASP A C   1 
ATOM   504  O O   . ASP A 1 67  ? -13.617 -2.883  -8.012  1.00 32.45 ? 160 ASP A O   1 
ATOM   505  C CB  . ASP A 1 67  ? -14.714 -4.284  -10.305 1.00 45.69 ? 160 ASP A CB  1 
ATOM   506  C CG  . ASP A 1 67  ? -15.203 -4.234  -11.753 1.00 56.12 ? 160 ASP A CG  1 
ATOM   507  O OD1 . ASP A 1 67  ? -15.078 -3.137  -12.370 1.00 61.03 ? 160 ASP A OD1 1 
ATOM   508  O OD2 . ASP A 1 67  ? -15.631 -5.289  -12.265 1.00 62.35 ? 160 ASP A OD2 1 
ATOM   509  N N   . ASP A 1 68  ? -11.903 -4.350  -8.239  1.00 30.18 ? 161 ASP A N   1 
ATOM   510  C CA  . ASP A 1 68  ? -11.626 -4.399  -6.760  1.00 27.62 ? 161 ASP A CA  1 
ATOM   511  C C   . ASP A 1 68  ? -10.358 -3.567  -6.457  1.00 25.75 ? 161 ASP A C   1 
ATOM   512  O O   . ASP A 1 68  ? -9.226  -4.057  -6.614  1.00 22.83 ? 161 ASP A O   1 
ATOM   513  C CB  . ASP A 1 68  ? -11.382 -5.823  -6.242  1.00 27.45 ? 161 ASP A CB  1 
ATOM   514  C CG  . ASP A 1 68  ? -12.602 -6.724  -6.334  1.00 33.33 ? 161 ASP A CG  1 
ATOM   515  O OD1 . ASP A 1 68  ? -13.714 -6.238  -6.589  1.00 30.19 ? 161 ASP A OD1 1 
ATOM   516  O OD2 . ASP A 1 68  ? -12.448 -7.948  -6.114  1.00 27.53 ? 161 ASP A OD2 1 
ATOM   517  N N   . TYR A 1 69  ? -10.547 -2.318  -6.075  1.00 28.62 ? 162 TYR A N   1 
ATOM   518  C CA  . TYR A 1 69  ? -9.428  -1.354  -5.849  1.00 24.58 ? 162 TYR A CA  1 
ATOM   519  C C   . TYR A 1 69  ? -9.904  -0.176  -4.982  1.00 29.98 ? 162 TYR A C   1 
ATOM   520  O O   . TYR A 1 69  ? -11.131 0.056   -4.838  1.00 30.31 ? 162 TYR A O   1 
ATOM   521  C CB  . TYR A 1 69  ? -8.819  -0.854  -7.163  1.00 23.78 ? 162 TYR A CB  1 
ATOM   522  C CG  . TYR A 1 69  ? -9.769  -0.023  -8.085  1.00 28.97 ? 162 TYR A CG  1 
ATOM   523  C CD1 . TYR A 1 69  ? -10.087 1.315   -7.826  1.00 32.87 ? 162 TYR A CD1 1 
ATOM   524  C CD2 . TYR A 1 69  ? -10.377 -0.640  -9.186  1.00 34.89 ? 162 TYR A CD2 1 
ATOM   525  C CE1 . TYR A 1 69  ? -10.941 2.055   -8.646  1.00 33.23 ? 162 TYR A CE1 1 
ATOM   526  C CE2 . TYR A 1 69  ? -11.231 0.077   -10.015 1.00 35.66 ? 162 TYR A CE2 1 
ATOM   527  C CZ  . TYR A 1 69  ? -11.496 1.414   -9.759  1.00 40.56 ? 162 TYR A CZ  1 
ATOM   528  O OH  . TYR A 1 69  ? -12.351 2.062   -10.601 1.00 44.56 ? 162 TYR A OH  1 
ATOM   529  N N   . ILE A 1 70  ? -8.949  0.504   -4.354  1.00 26.38 ? 163 ILE A N   1 
ATOM   530  C CA  . ILE A 1 70  ? -9.174  1.797   -3.657  1.00 28.55 ? 163 ILE A CA  1 
ATOM   531  C C   . ILE A 1 70  ? -8.379  2.810   -4.360  1.00 26.32 ? 163 ILE A C   1 
ATOM   532  O O   . ILE A 1 70  ? -7.184  2.599   -4.574  1.00 22.03 ? 163 ILE A O   1 
ATOM   533  C CB  . ILE A 1 70  ? -8.707  1.671   -2.192  1.00 33.01 ? 163 ILE A CB  1 
ATOM   534  C CG1 . ILE A 1 70  ? -9.784  0.831   -1.483  1.00 37.25 ? 163 ILE A CG1 1 
ATOM   535  C CG2 . ILE A 1 70  ? -8.644  3.037   -1.501  1.00 39.66 ? 163 ILE A CG2 1 
ATOM   536  C CD1 . ILE A 1 70  ? -9.280  0.211   -0.197  1.00 39.90 ? 163 ILE A CD1 1 
ATOM   537  N N   . GLU A 1 71  ? -9.008  3.948   -4.708  1.00 26.29 ? 164 GLU A N   1 
ATOM   538  C CA  . GLU A 1 71  ? -8.348  4.998   -5.415  1.00 30.21 ? 164 GLU A CA  1 
ATOM   539  C C   . GLU A 1 71  ? -8.479  6.336   -4.646  1.00 31.67 ? 164 GLU A C   1 
ATOM   540  O O   . GLU A 1 71  ? -9.553  6.645   -4.192  1.00 32.17 ? 164 GLU A O   1 
ATOM   541  C CB  . GLU A 1 71  ? -8.968  5.090   -6.788  1.00 33.18 ? 164 GLU A CB  1 
ATOM   542  C CG  . GLU A 1 71  ? -8.412  6.092   -7.737  1.00 39.56 ? 164 GLU A CG  1 
ATOM   543  C CD  . GLU A 1 71  ? -9.130  5.972   -9.104  1.00 47.39 ? 164 GLU A CD  1 
ATOM   544  O OE1 . GLU A 1 71  ? -10.331 6.342   -9.185  1.00 53.07 ? 164 GLU A OE1 1 
ATOM   545  O OE2 . GLU A 1 71  ? -8.494  5.498   -10.068 1.00 44.47 ? 164 GLU A OE2 1 
ATOM   546  N N   . LEU A 1 72  ? -7.383  7.054   -4.492  1.00 27.56 ? 165 LEU A N   1 
ATOM   547  C CA  . LEU A 1 72  ? -7.356  8.317   -3.772  1.00 28.80 ? 165 LEU A CA  1 
ATOM   548  C C   . LEU A 1 72  ? -6.619  9.380   -4.541  1.00 28.67 ? 165 LEU A C   1 
ATOM   549  O O   . LEU A 1 72  ? -5.588  9.154   -5.143  1.00 27.88 ? 165 LEU A O   1 
ATOM   550  C CB  . LEU A 1 72  ? -6.661  8.234   -2.387  1.00 29.12 ? 165 LEU A CB  1 
ATOM   551  C CG  . LEU A 1 72  ? -7.194  7.254   -1.397  1.00 32.78 ? 165 LEU A CG  1 
ATOM   552  C CD1 . LEU A 1 72  ? -6.388  7.305   -0.092  1.00 34.48 ? 165 LEU A CD1 1 
ATOM   553  C CD2 . LEU A 1 72  ? -8.691  7.462   -1.133  1.00 36.68 ? 165 LEU A CD2 1 
ATOM   554  N N   . ARG A 1 73  ? -7.113  10.617  -4.448  1.00 32.00 ? 166 ARG A N   1 
ATOM   555  C CA  . ARG A 1 73  ? -6.407  11.700  -5.098  1.00 32.91 ? 166 ARG A CA  1 
ATOM   556  C C   . ARG A 1 73  ? -5.772  12.489  -3.971  1.00 34.64 ? 166 ARG A C   1 
ATOM   557  O O   . ARG A 1 73  ? -6.454  12.949  -3.049  1.00 35.58 ? 166 ARG A O   1 
ATOM   558  C CB  . ARG A 1 73  ? -7.368  12.554  -6.010  1.00 38.66 ? 166 ARG A CB  1 
ATOM   559  C CG  . ARG A 1 73  ? -6.613  13.649  -6.767  1.00 42.12 ? 166 ARG A CG  1 
ATOM   560  C CD  . ARG A 1 73  ? -7.494  14.704  -7.460  1.00 47.93 ? 166 ARG A CD  1 
ATOM   561  N NE  . ARG A 1 73  ? -8.322  15.449  -6.499  1.00 43.47 ? 166 ARG A NE  1 
ATOM   562  C CZ  . ARG A 1 73  ? -9.645  15.649  -6.609  1.00 48.58 ? 166 ARG A CZ  1 
ATOM   563  N NH1 . ARG A 1 73  ? -10.346 15.231  -7.672  1.00 47.28 ? 166 ARG A NH1 1 
ATOM   564  N NH2 . ARG A 1 73  ? -10.299 16.322  -5.663  1.00 46.99 ? 166 ARG A NH2 1 
ATOM   565  N N   . ILE A 1 74  ? -4.454  12.616  -4.007  1.00 28.16 ? 167 ILE A N   1 
ATOM   566  C CA  . ILE A 1 74  ? -3.710  13.250  -2.969  1.00 31.87 ? 167 ILE A CA  1 
ATOM   567  C C   . ILE A 1 74  ? -2.894  14.343  -3.601  1.00 35.02 ? 167 ILE A C   1 
ATOM   568  O O   . ILE A 1 74  ? -1.968  14.067  -4.399  1.00 29.36 ? 167 ILE A O   1 
ATOM   569  C CB  . ILE A 1 74  ? -2.789  12.231  -2.245  1.00 38.38 ? 167 ILE A CB  1 
ATOM   570  C CG1 . ILE A 1 74  ? -3.650  11.304  -1.338  1.00 42.54 ? 167 ILE A CG1 1 
ATOM   571  C CG2 . ILE A 1 74  ? -1.760  12.963  -1.371  1.00 43.43 ? 167 ILE A CG2 1 
ATOM   572  C CD1 . ILE A 1 74  ? -3.058  9.965   -1.013  1.00 46.02 ? 167 ILE A CD1 1 
ATOM   573  N N   . ASN A 1 75  ? -3.183  15.603  -3.238  1.00 30.51 ? 168 ASN A N   1 
ATOM   574  C CA  . ASN A 1 75  ? -2.508  16.773  -3.874  1.00 33.81 ? 168 ASN A CA  1 
ATOM   575  C C   . ASN A 1 75  ? -2.443  16.716  -5.379  1.00 34.10 ? 168 ASN A C   1 
ATOM   576  O O   . ASN A 1 75  ? -1.361  16.878  -5.972  1.00 40.63 ? 168 ASN A O   1 
ATOM   577  C CB  . ASN A 1 75  ? -1.100  16.970  -3.322  1.00 34.63 ? 168 ASN A CB  1 
ATOM   578  C CG  . ASN A 1 75  ? -1.109  17.301  -1.859  1.00 38.78 ? 168 ASN A CG  1 
ATOM   579  O OD1 . ASN A 1 75  ? -1.924  18.127  -1.439  1.00 40.68 ? 168 ASN A OD1 1 
ATOM   580  N ND2 . ASN A 1 75  ? -0.241  16.626  -1.046  1.00 36.76 ? 168 ASN A ND2 1 
ATOM   581  N N   . ASP A 1 76  ? -3.576  16.496  -6.025  0.50 34.12 ? 169 ASP A N   1 
ATOM   582  C CA  . ASP A 1 76  ? -3.677  16.581  -7.491  0.50 39.05 ? 169 ASP A CA  1 
ATOM   583  C C   . ASP A 1 76  ? -3.307  15.271  -8.218  0.50 41.31 ? 169 ASP A C   1 
ATOM   584  O O   . ASP A 1 76  ? -3.627  15.143  -9.407  0.50 42.14 ? 169 ASP A O   1 
ATOM   585  C CB  . ASP A 1 76  ? -2.845  17.765  -8.055  0.50 38.22 ? 169 ASP A CB  1 
ATOM   586  C CG  . ASP A 1 76  ? -3.359  18.266  -9.389  0.50 37.04 ? 169 ASP A CG  1 
ATOM   587  O OD1 . ASP A 1 76  ? -4.493  17.924  -9.738  0.50 38.55 ? 169 ASP A OD1 1 
ATOM   588  O OD2 . ASP A 1 76  ? -2.631  19.008  -10.086 0.50 38.91 ? 169 ASP A OD2 1 
ATOM   589  N N   . GLN A 1 77  ? -2.739  14.291  -7.499  1.00 38.72 ? 170 GLN A N   1 
ATOM   590  C CA  . GLN A 1 77  ? -2.124  13.086  -8.123  1.00 44.16 ? 170 GLN A CA  1 
ATOM   591  C C   . GLN A 1 77  ? -2.917  11.841  -7.681  1.00 40.87 ? 170 GLN A C   1 
ATOM   592  O O   . GLN A 1 77  ? -3.209  11.631  -6.486  1.00 34.53 ? 170 GLN A O   1 
ATOM   593  C CB  . GLN A 1 77  ? -0.676  12.942  -7.713  1.00 45.53 ? 170 GLN A CB  1 
ATOM   594  C CG  . GLN A 1 77  ? 0.151   12.172  -8.739  1.00 58.33 ? 170 GLN A CG  1 
ATOM   595  C CD  . GLN A 1 77  ? 0.881   10.955  -8.176  1.00 62.09 ? 170 GLN A CD  1 
ATOM   596  O OE1 . GLN A 1 77  ? 1.936   11.105  -7.572  1.00 76.96 ? 170 GLN A OE1 1 
ATOM   597  N NE2 . GLN A 1 77  ? 0.354   9.734   -8.439  1.00 58.23 ? 170 GLN A NE2 1 
ATOM   598  N N   . LEU A 1 78  ? -3.301  11.021  -8.638  1.00 34.54 ? 171 LEU A N   1 
ATOM   599  C CA  . LEU A 1 78  ? -4.194  9.925   -8.379  1.00 36.14 ? 171 LEU A CA  1 
ATOM   600  C C   . LEU A 1 78  ? -3.401  8.646   -8.061  1.00 32.37 ? 171 LEU A C   1 
ATOM   601  O O   . LEU A 1 78  ? -2.519  8.382   -8.811  1.00 33.66 ? 171 LEU A O   1 
ATOM   602  C CB  . LEU A 1 78  ? -4.975  9.690   -9.642  1.00 39.29 ? 171 LEU A CB  1 
ATOM   603  C CG  . LEU A 1 78  ? -6.166  8.794   -9.514  1.00 45.65 ? 171 LEU A CG  1 
ATOM   604  C CD1 . LEU A 1 78  ? -7.391  9.646   -9.195  1.00 52.46 ? 171 LEU A CD1 1 
ATOM   605  C CD2 . LEU A 1 78  ? -6.286  7.988   -10.809 1.00 50.88 ? 171 LEU A CD2 1 
ATOM   606  N N   . ALA A 1 79  ? -3.725  7.916   -6.963  1.00 28.03 ? 172 ALA A N   1 
ATOM   607  C CA  . ALA A 1 79  ? -3.156  6.590   -6.602  1.00 28.63 ? 172 ALA A CA  1 
ATOM   608  C C   . ALA A 1 79  ? -4.267  5.502   -6.503  1.00 30.10 ? 172 ALA A C   1 
ATOM   609  O O   . ALA A 1 79  ? -5.280  5.613   -5.729  1.00 28.08 ? 172 ALA A O   1 
ATOM   610  C CB  . ALA A 1 79  ? -2.278  6.688   -5.305  1.00 30.83 ? 172 ALA A CB  1 
ATOM   611  N N   . ARG A 1 80  ? -4.095  4.433   -7.329  1.00 25.94 ? 173 ARG A N   1 
ATOM   612  C CA  . ARG A 1 80  ? -4.995  3.331   -7.333  1.00 25.55 ? 173 ARG A CA  1 
ATOM   613  C C   . ARG A 1 80  ? -4.285  2.036   -6.878  1.00 22.99 ? 173 ARG A C   1 
ATOM   614  O O   . ARG A 1 80  ? -3.255  1.638   -7.482  1.00 25.59 ? 173 ARG A O   1 
ATOM   615  C CB  . ARG A 1 80  ? -5.629  3.119   -8.703  1.00 25.45 ? 173 ARG A CB  1 
ATOM   616  C CG  . ARG A 1 80  ? -6.626  1.960   -8.718  1.00 26.74 ? 173 ARG A CG  1 
ATOM   617  C CD  . ARG A 1 80  ? -7.044  1.587   -10.129 1.00 29.73 ? 173 ARG A CD  1 
ATOM   618  N NE  . ARG A 1 80  ? -7.857  2.679   -10.691 1.00 33.88 ? 173 ARG A NE  1 
ATOM   619  C CZ  . ARG A 1 80  ? -8.324  2.686   -11.950 1.00 40.38 ? 173 ARG A CZ  1 
ATOM   620  N NH1 . ARG A 1 80  ? -8.044  1.688   -12.794 1.00 38.41 ? 173 ARG A NH1 1 
ATOM   621  N NH2 . ARG A 1 80  ? -9.044  3.702   -12.364 1.00 41.67 ? 173 ARG A NH2 1 
ATOM   622  N N   . LEU A 1 81  ? -4.800  1.414   -5.805  1.00 21.31 ? 174 LEU A N   1 
ATOM   623  C CA  . LEU A 1 81  ? -4.272  0.121   -5.283  1.00 20.77 ? 174 LEU A CA  1 
ATOM   624  C C   . LEU A 1 81  ? -5.316  -0.949  -5.474  1.00 20.95 ? 174 LEU A C   1 
ATOM   625  O O   . LEU A 1 81  ? -6.387  -0.922  -4.816  1.00 19.98 ? 174 LEU A O   1 
ATOM   626  C CB  . LEU A 1 81  ? -3.881  0.194   -3.792  1.00 20.92 ? 174 LEU A CB  1 
ATOM   627  C CG  . LEU A 1 81  ? -2.870  1.308   -3.450  1.00 22.18 ? 174 LEU A CG  1 
ATOM   628  C CD1 . LEU A 1 81  ? -2.643  1.443   -1.955  1.00 22.04 ? 174 LEU A CD1 1 
ATOM   629  C CD2 . LEU A 1 81  ? -1.517  1.138   -4.204  1.00 24.10 ? 174 LEU A CD2 1 
ATOM   630  N N   . TYR A 1 82  ? -4.981  -1.990  -6.269  1.00 21.41 ? 175 TYR A N   1 
ATOM   631  C CA  . TYR A 1 82  ? -5.822  -3.109  -6.449  1.00 19.07 ? 175 TYR A CA  1 
ATOM   632  C C   . TYR A 1 82  ? -5.800  -3.993  -5.208  1.00 22.88 ? 175 TYR A C   1 
ATOM   633  O O   . TYR A 1 82  ? -4.731  -4.254  -4.630  1.00 20.48 ? 175 TYR A O   1 
ATOM   634  C CB  . TYR A 1 82  ? -5.391  -3.973  -7.665  1.00 19.36 ? 175 TYR A CB  1 
ATOM   635  C CG  . TYR A 1 82  ? -5.676  -3.291  -8.923  1.00 21.26 ? 175 TYR A CG  1 
ATOM   636  C CD1 . TYR A 1 82  ? -6.965  -3.401  -9.523  1.00 23.46 ? 175 TYR A CD1 1 
ATOM   637  C CD2 . TYR A 1 82  ? -4.777  -2.432  -9.476  1.00 25.23 ? 175 TYR A CD2 1 
ATOM   638  C CE1 . TYR A 1 82  ? -7.268  -2.699  -10.698 1.00 27.27 ? 175 TYR A CE1 1 
ATOM   639  C CE2 . TYR A 1 82  ? -5.104  -1.701  -10.594 1.00 25.63 ? 175 TYR A CE2 1 
ATOM   640  C CZ  . TYR A 1 82  ? -6.352  -1.859  -11.193 1.00 28.02 ? 175 TYR A CZ  1 
ATOM   641  O OH  . TYR A 1 82  ? -6.593  -1.119  -12.321 1.00 32.25 ? 175 TYR A OH  1 
ATOM   642  N N   . ILE A 1 83  ? -6.960  -4.449  -4.763  1.00 19.96 ? 176 ILE A N   1 
ATOM   643  C CA  . ILE A 1 83  ? -7.037  -5.309  -3.621  1.00 20.22 ? 176 ILE A CA  1 
ATOM   644  C C   . ILE A 1 83  ? -6.823  -6.807  -3.950  1.00 21.75 ? 176 ILE A C   1 
ATOM   645  O O   . ILE A 1 83  ? -7.566  -7.380  -4.750  1.00 24.05 ? 176 ILE A O   1 
ATOM   646  C CB  . ILE A 1 83  ? -8.338  -5.047  -2.818  1.00 21.94 ? 176 ILE A CB  1 
ATOM   647  C CG1 . ILE A 1 83  ? -8.250  -3.585  -2.308  1.00 26.29 ? 176 ILE A CG1 1 
ATOM   648  C CG2 . ILE A 1 83  ? -8.467  -5.928  -1.583  1.00 21.35 ? 176 ILE A CG2 1 
ATOM   649  C CD1 . ILE A 1 83  ? -9.628  -3.024  -2.187  1.00 38.70 ? 176 ILE A CD1 1 
ATOM   650  N N   . ILE A 1 84  ? -5.857  -7.447  -3.273  1.00 19.48 ? 177 ILE A N   1 
ATOM   651  C CA  . ILE A 1 84  ? -5.427  -8.845  -3.555  1.00 18.82 ? 177 ILE A CA  1 
ATOM   652  C C   . ILE A 1 84  ? -5.444  -9.753  -2.292  1.00 18.10 ? 177 ILE A C   1 
ATOM   653  O O   . ILE A 1 84  ? -4.418  -9.896  -1.595  1.00 17.88 ? 177 ILE A O   1 
ATOM   654  C CB  . ILE A 1 84  ? -4.016  -8.883  -4.121  1.00 21.02 ? 177 ILE A CB  1 
ATOM   655  C CG1 . ILE A 1 84  ? -3.845  -7.852  -5.231  1.00 23.43 ? 177 ILE A CG1 1 
ATOM   656  C CG2 . ILE A 1 84  ? -3.693  -10.296 -4.622  1.00 23.33 ? 177 ILE A CG2 1 
ATOM   657  C CD1 . ILE A 1 84  ? -4.464  -8.135  -6.540  1.00 24.69 ? 177 ILE A CD1 1 
ATOM   658  N N   . PRO A 1 85  ? -6.597  -10.315 -1.945  1.00 18.73 ? 178 PRO A N   1 
ATOM   659  C CA  . PRO A 1 85  ? -6.651  -11.098 -0.680  1.00 18.65 ? 178 PRO A CA  1 
ATOM   660  C C   . PRO A 1 85  ? -6.122  -12.505 -0.852  1.00 20.52 ? 178 PRO A C   1 
ATOM   661  O O   . PRO A 1 85  ? -5.967  -13.012 -1.998  1.00 21.44 ? 178 PRO A O   1 
ATOM   662  C CB  . PRO A 1 85  ? -8.167  -11.230 -0.395  1.00 23.06 ? 178 PRO A CB  1 
ATOM   663  C CG  . PRO A 1 85  ? -8.839  -10.425 -1.408  1.00 25.20 ? 178 PRO A CG  1 
ATOM   664  C CD  . PRO A 1 85  ? -7.929  -10.034 -2.519  1.00 20.59 ? 178 PRO A CD  1 
ATOM   665  N N   . GLY A 1 86  ? -5.891  -13.141 0.238   1.00 20.39 ? 179 GLY A N   1 
ATOM   666  C CA  . GLY A 1 86  ? -5.614  -14.604 0.325   1.00 23.41 ? 179 GLY A CA  1 
ATOM   667  C C   . GLY A 1 86  ? -4.256  -15.110 -0.033  1.00 24.73 ? 179 GLY A C   1 
ATOM   668  O O   . GLY A 1 86  ? -4.102  -16.245 -0.507  1.00 26.19 ? 179 GLY A O   1 
ATOM   669  N N   . ILE A 1 87  ? -3.270  -14.239 0.023   1.00 23.08 ? 180 ILE A N   1 
ATOM   670  C CA  . ILE A 1 87  ? -1.904  -14.593 -0.335  1.00 23.33 ? 180 ILE A CA  1 
ATOM   671  C C   . ILE A 1 87  ? -1.204  -15.161 0.946   1.00 25.39 ? 180 ILE A C   1 
ATOM   672  O O   . ILE A 1 87  ? -1.111  -14.500 1.965   1.00 23.07 ? 180 ILE A O   1 
ATOM   673  C CB  . ILE A 1 87  ? -1.139  -13.375 -0.937  1.00 22.29 ? 180 ILE A CB  1 
ATOM   674  C CG1 . ILE A 1 87  ? -1.837  -12.790 -2.133  1.00 22.83 ? 180 ILE A CG1 1 
ATOM   675  C CG2 . ILE A 1 87  ? 0.330   -13.754 -1.253  1.00 25.45 ? 180 ILE A CG2 1 
ATOM   676  C CD1 . ILE A 1 87  ? -2.264  -13.806 -3.232  1.00 22.74 ? 180 ILE A CD1 1 
ATOM   677  N N   . PRO A 1 88  ? -0.690  -16.414 0.919   1.00 27.79 ? 181 PRO A N   1 
ATOM   678  C CA  . PRO A 1 88  ? -0.189  -17.007 2.192   1.00 28.05 ? 181 PRO A CA  1 
ATOM   679  C C   . PRO A 1 88  ? 0.970   -16.288 2.871   1.00 25.55 ? 181 PRO A C   1 
ATOM   680  O O   . PRO A 1 88  ? 1.875   -15.720 2.221   1.00 24.09 ? 181 PRO A O   1 
ATOM   681  C CB  . PRO A 1 88  ? 0.253   -18.442 1.790   1.00 31.85 ? 181 PRO A CB  1 
ATOM   682  C CG  . PRO A 1 88  ? -0.543  -18.748 0.544   1.00 35.36 ? 181 PRO A CG  1 
ATOM   683  C CD  . PRO A 1 88  ? -0.749  -17.401 -0.171  1.00 33.93 ? 181 PRO A CD  1 
ATOM   684  N N   . LYS A 1 89  ? 0.918   -16.287 4.190   1.00 26.93 ? 182 LYS A N   1 
ATOM   685  C CA  . LYS A 1 89  ? 1.840   -15.519 4.985   1.00 32.06 ? 182 LYS A CA  1 
ATOM   686  C C   . LYS A 1 89  ? 3.254   -16.074 4.856   1.00 33.75 ? 182 LYS A C   1 
ATOM   687  O O   . LYS A 1 89  ? 4.213   -15.348 5.125   1.00 37.85 ? 182 LYS A O   1 
ATOM   688  C CB  . LYS A 1 89  ? 1.363   -15.423 6.462   1.00 39.92 ? 182 LYS A CB  1 
ATOM   689  C CG  . LYS A 1 89  ? 1.038   -14.004 6.940   1.00 44.25 ? 182 LYS A CG  1 
ATOM   690  C CD  . LYS A 1 89  ? 0.885   -13.825 8.448   1.00 53.14 ? 182 LYS A CD  1 
ATOM   691  C CE  . LYS A 1 89  ? 0.085   -14.919 9.147   1.00 56.12 ? 182 LYS A CE  1 
ATOM   692  N NZ  . LYS A 1 89  ? -1.354  -15.074 8.739   1.00 55.72 ? 182 LYS A NZ  1 
ATOM   693  N N   . ASP A 1 90  ? 3.413   -17.341 4.438   1.00 33.60 ? 183 ASP A N   1 
ATOM   694  C CA  . ASP A 1 90  ? 4.780   -17.915 4.231   1.00 35.86 ? 183 ASP A CA  1 
ATOM   695  C C   . ASP A 1 90  ? 5.366   -17.752 2.837   1.00 35.75 ? 183 ASP A C   1 
ATOM   696  O O   . ASP A 1 90  ? 6.427   -18.338 2.521   1.00 34.68 ? 183 ASP A O   1 
ATOM   697  C CB  . ASP A 1 90  ? 4.822   -19.392 4.648   1.00 38.97 ? 183 ASP A CB  1 
ATOM   698  C CG  . ASP A 1 90  ? 3.926   -20.289 3.799   1.00 46.60 ? 183 ASP A CG  1 
ATOM   699  O OD1 . ASP A 1 90  ? 3.084   -19.809 2.996   1.00 46.86 ? 183 ASP A OD1 1 
ATOM   700  O OD2 . ASP A 1 90  ? 4.007   -21.511 3.967   1.00 52.73 ? 183 ASP A OD2 1 
ATOM   701  N N   . THR A 1 91  ? 4.716   -16.953 1.993   1.00 31.80 ? 184 THR A N   1 
ATOM   702  C CA  . THR A 1 91  ? 5.280   -16.532 0.703   1.00 29.05 ? 184 THR A CA  1 
ATOM   703  C C   . THR A 1 91  ? 6.630   -15.843 0.841   1.00 35.69 ? 184 THR A C   1 
ATOM   704  O O   . THR A 1 91  ? 6.848   -15.017 1.741   1.00 36.14 ? 184 THR A O   1 
ATOM   705  C CB  . THR A 1 91  ? 4.318   -15.610 -0.071  1.00 26.32 ? 184 THR A CB  1 
ATOM   706  O OG1 . THR A 1 91  ? 3.032   -16.241 -0.221  1.00 27.75 ? 184 THR A OG1 1 
ATOM   707  C CG2 . THR A 1 91  ? 4.807   -15.229 -1.456  1.00 27.19 ? 184 THR A CG2 1 
ATOM   708  N N   . LYS A 1 92  ? 7.547   -16.170 -0.050  1.00 39.28 ? 185 LYS A N   1 
ATOM   709  C CA  . LYS A 1 92  ? 8.883   -15.557 -0.045  1.00 39.13 ? 185 LYS A CA  1 
ATOM   710  C C   . LYS A 1 92  ? 8.908   -14.360 -0.943  1.00 35.62 ? 185 LYS A C   1 
ATOM   711  O O   . LYS A 1 92  ? 8.568   -14.462 -2.123  1.00 38.42 ? 185 LYS A O   1 
ATOM   712  C CB  . LYS A 1 92  ? 9.958   -16.609 -0.481  1.00 43.95 ? 185 LYS A CB  1 
ATOM   713  C CG  . LYS A 1 92  ? 10.193  -17.701 0.558   1.00 43.12 ? 185 LYS A CG  1 
ATOM   714  C CD  . LYS A 1 92  ? 9.848   -17.282 2.003   1.00 50.28 ? 185 LYS A CD  1 
ATOM   715  N N   . PHE A 1 93  ? 9.187   -13.201 -0.362  1.00 31.65 ? 186 PHE A N   1 
ATOM   716  C CA  . PHE A 1 93  ? 9.149   -11.935 -1.057  1.00 27.99 ? 186 PHE A CA  1 
ATOM   717  C C   . PHE A 1 93  ? 10.587  -11.489 -1.106  1.00 37.07 ? 186 PHE A C   1 
ATOM   718  O O   . PHE A 1 93  ? 11.293  -11.626 -0.103  1.00 40.75 ? 186 PHE A O   1 
ATOM   719  C CB  . PHE A 1 93  ? 8.295   -10.873 -0.307  1.00 25.73 ? 186 PHE A CB  1 
ATOM   720  C CG  . PHE A 1 93  ? 6.807   -11.211 -0.226  1.00 25.56 ? 186 PHE A CG  1 
ATOM   721  C CD1 . PHE A 1 93  ? 6.034   -11.105 -1.350  1.00 24.17 ? 186 PHE A CD1 1 
ATOM   722  C CD2 . PHE A 1 93  ? 6.204   -11.629 0.944   1.00 23.08 ? 186 PHE A CD2 1 
ATOM   723  C CE1 . PHE A 1 93  ? 4.714   -11.438 -1.350  1.00 23.40 ? 186 PHE A CE1 1 
ATOM   724  C CE2 . PHE A 1 93  ? 4.855   -11.973 0.972   1.00 24.20 ? 186 PHE A CE2 1 
ATOM   725  C CZ  . PHE A 1 93  ? 4.094   -11.822 -0.154  1.00 23.41 ? 186 PHE A CZ  1 
ATOM   726  N N   . ASN A 1 94  ? 10.997  -10.943 -2.242  1.00 37.83 ? 187 ASN A N   1 
ATOM   727  C CA  . ASN A 1 94  ? 12.344  -10.431 -2.467  1.00 42.98 ? 187 ASN A CA  1 
ATOM   728  C C   . ASN A 1 94  ? 12.341  -9.340  -3.520  1.00 35.82 ? 187 ASN A C   1 
ATOM   729  O O   . ASN A 1 94  ? 12.035  -9.596  -4.654  1.00 37.34 ? 187 ASN A O   1 
ATOM   730  C CB  . ASN A 1 94  ? 13.201  -11.605 -2.933  1.00 52.73 ? 187 ASN A CB  1 
ATOM   731  C CG  . ASN A 1 94  ? 13.734  -12.417 -1.755  1.00 66.31 ? 187 ASN A CG  1 
ATOM   732  O OD1 . ASN A 1 94  ? 13.296  -13.557 -1.493  1.00 70.28 ? 187 ASN A OD1 1 
ATOM   733  N ND2 . ASN A 1 94  ? 14.664  -11.808 -1.005  1.00 69.31 ? 187 ASN A ND2 1 
ATOM   734  N N   . PRO A 1 95  ? 12.682  -8.091  -3.158  1.00 36.81 ? 188 PRO A N   1 
ATOM   735  C CA  . PRO A 1 95  ? 12.722  -7.051  -4.227  1.00 33.57 ? 188 PRO A CA  1 
ATOM   736  C C   . PRO A 1 95  ? 13.739  -7.310  -5.303  1.00 43.02 ? 188 PRO A C   1 
ATOM   737  O O   . PRO A 1 95  ? 14.750  -8.002  -5.090  1.00 43.76 ? 188 PRO A O   1 
ATOM   738  C CB  . PRO A 1 95  ? 13.078  -5.767  -3.473  1.00 40.34 ? 188 PRO A CB  1 
ATOM   739  C CG  . PRO A 1 95  ? 13.776  -6.272  -2.249  1.00 41.35 ? 188 PRO A CG  1 
ATOM   740  C CD  . PRO A 1 95  ? 13.258  -7.612  -1.899  1.00 40.92 ? 188 PRO A CD  1 
ATOM   741  N N   . LYS A 1 96  ? 13.437  -6.788  -6.475  1.00 45.05 ? 189 LYS A N   1 
ATOM   742  C CA  . LYS A 1 96  ? 14.377  -6.756  -7.593  1.00 50.36 ? 189 LYS A CA  1 
ATOM   743  C C   . LYS A 1 96  ? 15.383  -5.624  -7.329  1.00 57.91 ? 189 LYS A C   1 
ATOM   744  O O   . LYS A 1 96  ? 16.593  -5.820  -7.438  1.00 56.28 ? 189 LYS A O   1 
ATOM   745  C CB  . LYS A 1 96  ? 13.679  -6.465  -8.905  1.00 55.01 ? 189 LYS A CB  1 
ATOM   746  C CG  . LYS A 1 96  ? 12.481  -7.358  -9.257  1.00 64.32 ? 189 LYS A CG  1 
ATOM   747  C CD  . LYS A 1 96  ? 12.846  -8.819  -9.413  1.00 68.21 ? 189 LYS A CD  1 
ATOM   748  C CE  . LYS A 1 96  ? 12.387  -9.654  -8.237  1.00 68.43 ? 189 LYS A CE  1 
ATOM   749  N NZ  . LYS A 1 96  ? 12.486  -11.086 -8.640  1.00 67.27 ? 189 LYS A NZ  1 
ATOM   750  N N   . THR A 1 97  ? 14.806  -4.487  -6.933  0.50 57.98 ? 190 THR A N   1 
ATOM   751  C CA  . THR A 1 97  ? 15.456  -3.210  -6.742  0.50 55.19 ? 190 THR A CA  1 
ATOM   752  C C   . THR A 1 97  ? 15.860  -2.985  -5.273  0.50 53.55 ? 190 THR A C   1 
ATOM   753  O O   . THR A 1 97  ? 15.116  -2.329  -4.530  0.50 45.02 ? 190 THR A O   1 
ATOM   754  C CB  . THR A 1 97  ? 14.433  -2.107  -7.121  0.50 55.33 ? 190 THR A CB  1 
ATOM   755  O OG1 . THR A 1 97  ? 13.174  -2.380  -6.479  0.50 46.94 ? 190 THR A OG1 1 
ATOM   756  C CG2 . THR A 1 97  ? 14.196  -2.062  -8.642  0.50 55.93 ? 190 THR A CG2 1 
ATOM   757  N N   . ARG A 1 98  ? 17.016  -3.502  -4.835  0.50 49.64 ? 191 ARG A N   1 
ATOM   758  C CA  . ARG A 1 98  ? 17.417  -3.279  -3.434  0.50 49.20 ? 191 ARG A CA  1 
ATOM   759  C C   . ARG A 1 98  ? 18.108  -1.928  -3.155  0.50 44.19 ? 191 ARG A C   1 
ATOM   760  O O   . ARG A 1 98  ? 18.271  -1.539  -1.988  0.50 40.57 ? 191 ARG A O   1 
ATOM   761  C CB  . ARG A 1 98  ? 18.190  -4.467  -2.833  0.50 52.10 ? 191 ARG A CB  1 
ATOM   762  C CG  . ARG A 1 98  ? 17.278  -5.428  -2.059  0.50 53.64 ? 191 ARG A CG  1 
ATOM   763  C CD  . ARG A 1 98  ? 17.894  -5.959  -0.760  0.50 54.23 ? 191 ARG A CD  1 
ATOM   764  N NE  . ARG A 1 98  ? 17.445  -5.276  0.470   0.50 50.88 ? 191 ARG A NE  1 
ATOM   765  C CZ  . ARG A 1 98  ? 18.022  -5.460  1.663   0.50 52.06 ? 191 ARG A CZ  1 
ATOM   766  N NH1 . ARG A 1 98  ? 19.059  -6.280  1.779   0.50 50.85 ? 191 ARG A NH1 1 
ATOM   767  N NH2 . ARG A 1 98  ? 17.590  -4.824  2.745   0.50 49.08 ? 191 ARG A NH2 1 
ATOM   768  N N   . ARG A 1 99  ? 18.462  -1.195  -4.210  1.00 39.84 ? 192 ARG A N   1 
ATOM   769  C CA  . ARG A 1 99  ? 18.784  0.238   -4.100  1.00 38.90 ? 192 ARG A CA  1 
ATOM   770  C C   . ARG A 1 99  ? 17.553  1.053   -3.811  1.00 32.99 ? 192 ARG A C   1 
ATOM   771  O O   . ARG A 1 99  ? 17.686  2.227   -3.451  1.00 27.96 ? 192 ARG A O   1 
ATOM   772  C CB  . ARG A 1 99  ? 19.415  0.762   -5.423  1.00 48.11 ? 192 ARG A CB  1 
ATOM   773  C CG  . ARG A 1 99  ? 20.801  0.193   -5.699  1.00 52.31 ? 192 ARG A CG  1 
ATOM   774  C CD  . ARG A 1 99  ? 21.318  0.589   -7.102  1.00 61.63 ? 192 ARG A CD  1 
ATOM   775  N NE  . ARG A 1 99  ? 22.761  0.811   -7.091  1.00 67.67 ? 192 ARG A NE  1 
ATOM   776  C CZ  . ARG A 1 99  ? 23.680  -0.141  -6.971  1.00 71.92 ? 192 ARG A CZ  1 
ATOM   777  N NH1 . ARG A 1 99  ? 23.326  -1.418  -6.892  1.00 77.50 ? 192 ARG A NH1 1 
ATOM   778  N NH2 . ARG A 1 99  ? 24.974  0.180   -6.938  1.00 67.85 ? 192 ARG A NH2 1 
ATOM   779  N N   . GLU A 1 100 ? 16.309  0.468   -3.946  1.00 31.13 ? 193 GLU A N   1 
ATOM   780  C CA  . GLU A 1 100 ? 15.087  1.207   -3.647  1.00 32.21 ? 193 GLU A CA  1 
ATOM   781  C C   . GLU A 1 100 ? 14.293  0.690   -2.437  1.00 23.36 ? 193 GLU A C   1 
ATOM   782  O O   . GLU A 1 100 ? 13.591  1.496   -1.854  1.00 28.68 ? 193 GLU A O   1 
ATOM   783  C CB  . GLU A 1 100 ? 14.166  1.239   -4.910  1.00 44.06 ? 193 GLU A CB  1 
ATOM   784  C CG  . GLU A 1 100 ? 14.946  1.649   -6.176  1.00 53.81 ? 193 GLU A CG  1 
ATOM   785  C CD  . GLU A 1 100 ? 14.092  1.865   -7.429  1.00 62.58 ? 193 GLU A CD  1 
ATOM   786  O OE1 . GLU A 1 100 ? 13.040  2.528   -7.334  1.00 59.21 ? 193 GLU A OE1 1 
ATOM   787  O OE2 . GLU A 1 100 ? 14.502  1.386   -8.520  1.00 76.52 ? 193 GLU A OE2 1 
ATOM   788  N N   . ILE A 1 101 ? 14.399  -0.598  -2.108  1.00 21.58 ? 194 ILE A N   1 
ATOM   789  C CA  . ILE A 1 101 ? 13.615  -1.264  -1.023  1.00 24.19 ? 194 ILE A CA  1 
ATOM   790  C C   . ILE A 1 101 ? 14.516  -1.841  0.090   1.00 26.60 ? 194 ILE A C   1 
ATOM   791  O O   . ILE A 1 101 ? 15.293  -2.813  -0.105  1.00 24.94 ? 194 ILE A O   1 
ATOM   792  C CB  . ILE A 1 101 ? 12.633  -2.381  -1.576  1.00 23.45 ? 194 ILE A CB  1 
ATOM   793  C CG1 . ILE A 1 101 ? 11.656  -1.793  -2.645  1.00 26.38 ? 194 ILE A CG1 1 
ATOM   794  C CG2 . ILE A 1 101 ? 11.862  -3.109  -0.459  1.00 24.94 ? 194 ILE A CG2 1 
ATOM   795  C CD1 . ILE A 1 101 ? 10.662  -0.736  -2.195  1.00 24.06 ? 194 ILE A CD1 1 
ATOM   796  N N   . ARG A 1 102 ? 14.342  -1.276  1.276   1.00 23.99 ? 195 ARG A N   1 
ATOM   797  C CA  . ARG A 1 102 ? 15.008  -1.739  2.522   1.00 24.46 ? 195 ARG A CA  1 
ATOM   798  C C   . ARG A 1 102 ? 14.471  -3.011  3.086   1.00 28.69 ? 195 ARG A C   1 
ATOM   799  O O   . ARG A 1 102 ? 15.256  -3.887  3.419   1.00 24.42 ? 195 ARG A O   1 
ATOM   800  C CB  . ARG A 1 102 ? 15.078  -0.617  3.595   1.00 23.77 ? 195 ARG A CB  1 
ATOM   801  C CG  . ARG A 1 102 ? 16.099  -0.903  4.729   1.00 23.29 ? 195 ARG A CG  1 
ATOM   802  C CD  . ARG A 1 102 ? 15.873  -0.129  5.978   1.00 23.54 ? 195 ARG A CD  1 
ATOM   803  N NE  . ARG A 1 102 ? 16.158  1.289   5.789   1.00 22.53 ? 195 ARG A NE  1 
ATOM   804  C CZ  . ARG A 1 102 ? 17.389  1.848   5.781   1.00 24.03 ? 195 ARG A CZ  1 
ATOM   805  N NH1 . ARG A 1 102 ? 18.458  1.092   5.999   1.00 21.47 ? 195 ARG A NH1 1 
ATOM   806  N NH2 . ARG A 1 102 ? 17.531  3.160   5.567   1.00 26.22 ? 195 ARG A NH2 1 
ATOM   807  N N   . ASN A 1 103 ? 13.150  -3.164  3.193   1.00 23.38 ? 196 ASN A N   1 
ATOM   808  C CA  . ASN A 1 103 ? 12.575  -4.286  3.869   1.00 23.24 ? 196 ASN A CA  1 
ATOM   809  C C   . ASN A 1 103 ? 11.106  -4.418  3.386   1.00 21.98 ? 196 ASN A C   1 
ATOM   810  O O   . ASN A 1 103 ? 10.565  -3.510  2.754   1.00 18.99 ? 196 ASN A O   1 
ATOM   811  C CB  . ASN A 1 103 ? 12.547  -3.995  5.381   1.00 24.37 ? 196 ASN A CB  1 
ATOM   812  C CG  . ASN A 1 103 ? 12.646  -5.260  6.220   1.00 29.41 ? 196 ASN A CG  1 
ATOM   813  O OD1 . ASN A 1 103 ? 12.493  -6.387  5.720   1.00 26.43 ? 196 ASN A OD1 1 
ATOM   814  N ND2 . ASN A 1 103 ? 12.804  -5.063  7.499   1.00 28.76 ? 196 ASN A ND2 1 
ATOM   815  N N   . ILE A 1 104 ? 10.563  -5.581  3.657   1.00 20.83 ? 197 ILE A N   1 
ATOM   816  C CA  . ILE A 1 104 ? 9.209   -6.023  3.274   1.00 21.69 ? 197 ILE A CA  1 
ATOM   817  C C   . ILE A 1 104 ? 8.663   -6.784  4.455   1.00 22.20 ? 197 ILE A C   1 
ATOM   818  O O   . ILE A 1 104 ? 9.259   -7.771  4.896   1.00 22.66 ? 197 ILE A O   1 
ATOM   819  C CB  . ILE A 1 104 ? 9.200   -6.989  2.047   1.00 21.50 ? 197 ILE A CB  1 
ATOM   820  C CG1 . ILE A 1 104 ? 9.751   -6.345  0.784   1.00 25.18 ? 197 ILE A CG1 1 
ATOM   821  C CG2 . ILE A 1 104 ? 7.741   -7.396  1.747   1.00 21.94 ? 197 ILE A CG2 1 
ATOM   822  C CD1 . ILE A 1 104 ? 10.129  -7.273  -0.362  1.00 28.05 ? 197 ILE A CD1 1 
ATOM   823  N N   . GLU A 1 105 ? 7.492   -6.412  4.943   1.00 22.36 ? 198 GLU A N   1 
ATOM   824  C CA  . GLU A 1 105 ? 6.902   -7.046  6.150   1.00 19.53 ? 198 GLU A CA  1 
ATOM   825  C C   . GLU A 1 105 ? 5.391   -7.041  6.110   1.00 19.07 ? 198 GLU A C   1 
ATOM   826  O O   . GLU A 1 105 ? 4.742   -6.096  5.571   1.00 19.55 ? 198 GLU A O   1 
ATOM   827  C CB  . GLU A 1 105 ? 7.337   -6.424  7.510   1.00 23.45 ? 198 GLU A CB  1 
ATOM   828  C CG  . GLU A 1 105 ? 8.798   -6.500  7.837   1.00 27.40 ? 198 GLU A CG  1 
ATOM   829  C CD  . GLU A 1 105 ? 9.196   -5.798  9.167   1.00 36.77 ? 198 GLU A CD  1 
ATOM   830  O OE1 . GLU A 1 105 ? 8.326   -5.384  9.944   1.00 37.60 ? 198 GLU A OE1 1 
ATOM   831  O OE2 . GLU A 1 105 ? 10.432  -5.691  9.444   1.00 47.68 ? 198 GLU A OE2 1 
ATOM   832  N N   . TRP A 1 106 ? 4.837   -7.979  6.864   1.00 20.21 ? 199 TRP A N   1 
ATOM   833  C CA  . TRP A 1 106 ? 3.386   -8.075  7.138   1.00 20.42 ? 199 TRP A CA  1 
ATOM   834  C C   . TRP A 1 106 ? 3.080   -7.274  8.409   1.00 22.10 ? 199 TRP A C   1 
ATOM   835  O O   . TRP A 1 106 ? 3.825   -7.403  9.411   1.00 23.09 ? 199 TRP A O   1 
ATOM   836  C CB  . TRP A 1 106 ? 2.941   -9.506  7.458   1.00 22.32 ? 199 TRP A CB  1 
ATOM   837  C CG  . TRP A 1 106 ? 2.904   -10.463 6.314   1.00 20.80 ? 199 TRP A CG  1 
ATOM   838  C CD1 . TRP A 1 106 ? 3.861   -11.426 6.023   1.00 25.10 ? 199 TRP A CD1 1 
ATOM   839  C CD2 . TRP A 1 106 ? 1.940   -10.511 5.233   1.00 21.31 ? 199 TRP A CD2 1 
ATOM   840  N NE1 . TRP A 1 106 ? 3.542   -12.047 4.829   1.00 25.01 ? 199 TRP A NE1 1 
ATOM   841  C CE2 . TRP A 1 106 ? 2.367   -11.537 4.337   1.00 22.82 ? 199 TRP A CE2 1 
ATOM   842  C CE3 . TRP A 1 106 ? 0.788   -9.776  4.902   1.00 22.03 ? 199 TRP A CE3 1 
ATOM   843  C CZ2 . TRP A 1 106 ? 1.642   -11.893 3.161   1.00 22.33 ? 199 TRP A CZ2 1 
ATOM   844  C CZ3 . TRP A 1 106 ? 0.046   -10.131 3.734   1.00 23.32 ? 199 TRP A CZ3 1 
ATOM   845  C CH2 . TRP A 1 106 ? 0.490   -11.192 2.874   1.00 27.71 ? 199 TRP A CH2 1 
ATOM   846  N N   . PHE A 1 107 ? 1.984   -6.489  8.371   1.00 21.09 ? 200 PHE A N   1 
ATOM   847  C CA  . PHE A 1 107 ? 1.504   -5.715  9.537   1.00 22.00 ? 200 PHE A CA  1 
ATOM   848  C C   . PHE A 1 107 ? 0.034   -6.031  9.821   1.00 23.76 ? 200 PHE A C   1 
ATOM   849  O O   . PHE A 1 107 ? -0.774  -6.244  8.878   1.00 20.76 ? 200 PHE A O   1 
ATOM   850  C CB  . PHE A 1 107 ? 1.709   -4.184  9.318   1.00 20.84 ? 200 PHE A CB  1 
ATOM   851  C CG  . PHE A 1 107 ? 3.179   -3.745  9.303   1.00 18.71 ? 200 PHE A CG  1 
ATOM   852  C CD1 . PHE A 1 107 ? 3.943   -3.776  8.117   1.00 21.26 ? 200 PHE A CD1 1 
ATOM   853  C CD2 . PHE A 1 107 ? 3.802   -3.326  10.481  1.00 20.64 ? 200 PHE A CD2 1 
ATOM   854  C CE1 . PHE A 1 107 ? 5.282   -3.360  8.124   1.00 21.33 ? 200 PHE A CE1 1 
ATOM   855  C CE2 . PHE A 1 107 ? 5.156   -3.016  10.491  1.00 21.07 ? 200 PHE A CE2 1 
ATOM   856  C CZ  . PHE A 1 107 ? 5.879   -2.984  9.296   1.00 19.59 ? 200 PHE A CZ  1 
ATOM   857  N N   . SER A 1 108 ? -0.327  -6.085  11.127  1.00 20.83 ? 201 SER A N   1 
ATOM   858  C CA  . SER A 1 108 ? -1.721  -6.251  11.548  1.00 21.59 ? 201 SER A CA  1 
ATOM   859  C C   . SER A 1 108 ? -2.523  -4.987  11.137  1.00 21.55 ? 201 SER A C   1 
ATOM   860  O O   . SER A 1 108 ? -2.226  -3.833  11.561  1.00 22.30 ? 201 SER A O   1 
ATOM   861  C CB  . SER A 1 108 ? -1.853  -6.524  13.102  1.00 23.01 ? 201 SER A CB  1 
ATOM   862  O OG  . SER A 1 108 ? -3.175  -6.324  13.475  1.00 27.30 ? 201 SER A OG  1 
ATOM   863  N N   . ILE A 1 109 ? -3.644  -5.197  10.442  1.00 19.17 ? 202 ILE A N   1 
ATOM   864  C CA  . ILE A 1 109 ? -4.482  -4.047  9.981   1.00 22.67 ? 202 ILE A CA  1 
ATOM   865  C C   . ILE A 1 109 ? -5.098  -3.297  11.167  1.00 26.82 ? 202 ILE A C   1 
ATOM   866  O O   . ILE A 1 109 ? -5.207  -2.021  11.205  1.00 25.35 ? 202 ILE A O   1 
ATOM   867  C CB  . ILE A 1 109 ? -5.631  -4.475  9.017   1.00 28.77 ? 202 ILE A CB  1 
ATOM   868  C CG1 . ILE A 1 109 ? -5.113  -4.963  7.691   1.00 31.80 ? 202 ILE A CG1 1 
ATOM   869  C CG2 . ILE A 1 109 ? -6.422  -3.228  8.593   1.00 30.55 ? 202 ILE A CG2 1 
ATOM   870  C CD1 . ILE A 1 109 ? -6.101  -5.749  6.813   1.00 34.26 ? 202 ILE A CD1 1 
ATOM   871  N N   . GLU A 1 110 ? -5.465  -4.056  12.208  1.00 25.13 ? 203 GLU A N   1 
ATOM   872  C CA  . GLU A 1 110 ? -6.143  -3.400  13.295  1.00 26.96 ? 203 GLU A CA  1 
ATOM   873  C C   . GLU A 1 110 ? -5.200  -2.586  14.182  1.00 24.34 ? 203 GLU A C   1 
ATOM   874  O O   . GLU A 1 110 ? -5.664  -1.660  14.844  1.00 28.29 ? 203 GLU A O   1 
ATOM   875  C CB  . GLU A 1 110 ? -7.024  -4.427  14.066  1.00 29.98 ? 203 GLU A CB  1 
ATOM   876  C CG  . GLU A 1 110 ? -6.317  -5.377  14.950  1.00 33.47 ? 203 GLU A CG  1 
ATOM   877  C CD  . GLU A 1 110 ? -7.343  -6.230  15.776  1.00 40.92 ? 203 GLU A CD  1 
ATOM   878  O OE1 . GLU A 1 110 ? -8.586  -6.212  15.495  1.00 50.89 ? 203 GLU A OE1 1 
ATOM   879  O OE2 . GLU A 1 110 ? -6.912  -6.908  16.698  1.00 44.38 ? 203 GLU A OE2 1 
ATOM   880  N N   . LYS A 1 111 ? -3.880  -2.841  14.088  1.00 23.48 ? 204 LYS A N   1 
ATOM   881  C CA  . LYS A 1 111 ? -2.854  -2.059  14.860  1.00 24.61 ? 204 LYS A CA  1 
ATOM   882  C C   . LYS A 1 111 ? -2.274  -0.826  14.112  1.00 22.33 ? 204 LYS A C   1 
ATOM   883  O O   . LYS A 1 111 ? -1.647  0.041   14.724  1.00 22.22 ? 204 LYS A O   1 
ATOM   884  C CB  . LYS A 1 111 ? -1.737  -2.987  15.238  1.00 29.53 ? 204 LYS A CB  1 
ATOM   885  C CG  . LYS A 1 111 ? -2.201  -3.970  16.298  1.00 34.07 ? 204 LYS A CG  1 
ATOM   886  C CD  . LYS A 1 111 ? -1.049  -4.857  16.731  1.00 42.39 ? 204 LYS A CD  1 
ATOM   887  C CE  . LYS A 1 111 ? -1.630  -5.783  17.812  1.00 52.45 ? 204 LYS A CE  1 
ATOM   888  N NZ  . LYS A 1 111 ? -0.594  -6.150  18.772  1.00 58.85 ? 204 LYS A NZ  1 
ATOM   889  N N   . LEU A 1 112 ? -2.459  -0.782  12.788  1.00 21.73 ? 205 LEU A N   1 
ATOM   890  C CA  . LEU A 1 112 ? -2.010  0.360   11.960  1.00 22.36 ? 205 LEU A CA  1 
ATOM   891  C C   . LEU A 1 112 ? -2.844  1.573   12.258  1.00 23.39 ? 205 LEU A C   1 
ATOM   892  O O   . LEU A 1 112 ? -4.094  1.464   12.467  1.00 24.39 ? 205 LEU A O   1 
ATOM   893  C CB  . LEU A 1 112 ? -2.130  0.028   10.455  1.00 19.24 ? 205 LEU A CB  1 
ATOM   894  C CG  . LEU A 1 112 ? -1.110  -1.013  9.952   1.00 18.94 ? 205 LEU A CG  1 
ATOM   895  C CD1 . LEU A 1 112 ? -1.446  -1.443  8.513   1.00 21.31 ? 205 LEU A CD1 1 
ATOM   896  C CD2 . LEU A 1 112 ? 0.301   -0.487  10.020  1.00 21.40 ? 205 LEU A CD2 1 
ATOM   897  N N   . PRO A 1 113 ? -2.198  2.730   12.293  1.00 23.60 ? 206 PRO A N   1 
ATOM   898  C CA  . PRO A 1 113 ? -2.933  3.994   12.446  1.00 28.15 ? 206 PRO A CA  1 
ATOM   899  C C   . PRO A 1 113 ? -3.767  4.376   11.220  1.00 29.13 ? 206 PRO A C   1 
ATOM   900  O O   . PRO A 1 113 ? -3.342  4.069   10.083  1.00 25.05 ? 206 PRO A O   1 
ATOM   901  C CB  . PRO A 1 113 ? -1.798  5.020   12.666  1.00 24.88 ? 206 PRO A CB  1 
ATOM   902  C CG  . PRO A 1 113 ? -0.687  4.457   11.848  1.00 27.54 ? 206 PRO A CG  1 
ATOM   903  C CD  . PRO A 1 113 ? -0.761  2.960   11.987  1.00 26.47 ? 206 PRO A CD  1 
ATOM   904  N N   . CYS A 1 114 ? -4.921  5.001   11.428  1.00 27.94 ? 207 CYS A N   1 
ATOM   905  C CA  . CYS A 1 114 ? -5.599  5.613   10.304  1.00 30.11 ? 207 CYS A CA  1 
ATOM   906  C C   . CYS A 1 114 ? -5.522  7.167   10.302  1.00 32.11 ? 207 CYS A C   1 
ATOM   907  O O   . CYS A 1 114 ? -6.128  7.768   9.439   1.00 29.10 ? 207 CYS A O   1 
ATOM   908  C CB  . CYS A 1 114 ? -7.007  5.093   10.168  1.00 32.55 ? 207 CYS A CB  1 
ATOM   909  S SG  . CYS A 1 114 ? -8.083  5.581   11.536  1.00 42.99 ? 207 CYS A SG  1 
ATOM   910  N N   . HIS A 1 115 ? -4.678  7.770   11.180  1.00 29.53 ? 208 HIS A N   1 
ATOM   911  C CA  . HIS A 1 115 ? -4.368  9.239   11.140  1.00 30.66 ? 208 HIS A CA  1 
ATOM   912  C C   . HIS A 1 115 ? -3.097  9.415   11.907  1.00 32.91 ? 208 HIS A C   1 
ATOM   913  O O   . HIS A 1 115 ? -2.739  8.535   12.691  1.00 30.10 ? 208 HIS A O   1 
ATOM   914  C CB  . HIS A 1 115 ? -5.535  10.033  11.780  1.00 34.29 ? 208 HIS A CB  1 
ATOM   915  C CG  . HIS A 1 115 ? -5.817  9.621   13.210  1.00 34.23 ? 208 HIS A CG  1 
ATOM   916  N ND1 . HIS A 1 115 ? -5.033  10.044  14.260  1.00 37.50 ? 208 HIS A ND1 1 
ATOM   917  C CD2 . HIS A 1 115 ? -6.672  8.712   13.738  1.00 38.22 ? 208 HIS A CD2 1 
ATOM   918  C CE1 . HIS A 1 115 ? -5.433  9.474   15.385  1.00 33.57 ? 208 HIS A CE1 1 
ATOM   919  N NE2 . HIS A 1 115 ? -6.416  8.650   15.091  1.00 37.22 ? 208 HIS A NE2 1 
ATOM   920  N N   A ARG A 1 116 ? -2.351  10.505  11.682  0.35 33.24 ? 209 ARG A N   1 
ATOM   921  N N   B ARG A 1 116 ? -2.415  10.541  11.706  0.23 33.94 ? 209 ARG A N   1 
ATOM   922  C CA  A ARG A 1 116 ? -1.227  10.839  12.573  0.35 33.24 ? 209 ARG A CA  1 
ATOM   923  C CA  B ARG A 1 116 ? -1.320  10.895  12.589  0.23 34.42 ? 209 ARG A CA  1 
ATOM   924  C C   A ARG A 1 116 ? -1.755  11.581  13.812  0.35 35.16 ? 209 ARG A C   1 
ATOM   925  C C   B ARG A 1 116 ? -1.830  11.554  13.866  0.23 36.31 ? 209 ARG A C   1 
ATOM   926  O O   A ARG A 1 116 ? -2.845  12.104  13.797  0.35 34.11 ? 209 ARG A O   1 
ATOM   927  O O   B ARG A 1 116 ? -2.963  12.013  13.928  0.23 35.80 ? 209 ARG A O   1 
ATOM   928  C CB  A ARG A 1 116 ? -0.178  11.655  11.837  0.35 35.28 ? 209 ARG A CB  1 
ATOM   929  C CB  B ARG A 1 116 ? -0.321  11.808  11.898  0.23 35.39 ? 209 ARG A CB  1 
ATOM   930  C CG  A ARG A 1 116 ? 0.421   10.912  10.653  0.35 33.77 ? 209 ARG A CG  1 
ATOM   931  C CG  B ARG A 1 116 ? 0.910   12.094  12.737  0.23 34.11 ? 209 ARG A CG  1 
ATOM   932  C CD  A ARG A 1 116 ? 0.847   11.869  9.575   0.35 36.03 ? 209 ARG A CD  1 
ATOM   933  C CD  B ARG A 1 116 ? 1.645   10.813  13.105  0.23 34.27 ? 209 ARG A CD  1 
ATOM   934  N NE  A ARG A 1 116 ? 2.105   12.470  9.899   0.35 36.28 ? 209 ARG A NE  1 
ATOM   935  N NE  B ARG A 1 116 ? 2.384   10.735  14.375  0.23 33.27 ? 209 ARG A NE  1 
ATOM   936  C CZ  A ARG A 1 116 ? 2.550   13.649  9.461   0.35 37.51 ? 209 ARG A CZ  1 
ATOM   937  C CZ  B ARG A 1 116 ? 2.228   9.818   15.350  0.23 37.04 ? 209 ARG A CZ  1 
ATOM   938  N NH1 A ARG A 1 116 ? 1.843   14.463  8.665   0.35 38.31 ? 209 ARG A NH1 1 
ATOM   939  N NH1 B ARG A 1 116 ? 3.028   9.858   16.425  0.23 38.47 ? 209 ARG A NH1 1 
ATOM   940  N NH2 A ARG A 1 116 ? 3.744   14.027  9.852   0.35 36.51 ? 209 ARG A NH2 1 
ATOM   941  N NH2 B ARG A 1 116 ? 1.286   8.878   15.310  0.23 37.39 ? 209 ARG A NH2 1 
ATOM   942  N N   . ASN A 1 117 ? -0.996  11.541  14.903  1.00 40.66 ? 210 ASN A N   1 
ATOM   943  C CA  . ASN A 1 117 ? -1.308  12.244  16.151  1.00 41.16 ? 210 ASN A CA  1 
ATOM   944  C C   . ASN A 1 117 ? -0.951  13.712  16.069  1.00 41.75 ? 210 ASN A C   1 
ATOM   945  O O   . ASN A 1 117 ? 0.082   14.096  15.462  1.00 36.30 ? 210 ASN A O   1 
ATOM   946  C CB  . ASN A 1 117 ? -0.508  11.587  17.279  1.00 47.64 ? 210 ASN A CB  1 
ATOM   947  C CG  . ASN A 1 117 ? -0.897  10.140  17.500  1.00 50.49 ? 210 ASN A CG  1 
ATOM   948  O OD1 . ASN A 1 117 ? -2.038  9.749   17.238  1.00 47.65 ? 210 ASN A OD1 1 
ATOM   949  N ND2 . ASN A 1 117 ? 0.052   9.344   17.976  1.00 53.00 ? 210 ASN A ND2 1 
ATOM   950  N N   . ASP A 1 118 ? -1.787  14.560  16.697  1.00 43.11 ? 211 ASP A N   1 
ATOM   951  C CA  . ASP A 1 118 ? -1.464  15.999  16.771  1.00 44.78 ? 211 ASP A CA  1 
ATOM   952  C C   . ASP A 1 118 ? -0.379  16.236  17.849  1.00 45.54 ? 211 ASP A C   1 
ATOM   953  O O   . ASP A 1 118 ? 0.241   15.253  18.332  1.00 41.87 ? 211 ASP A O   1 
ATOM   954  C CB  . ASP A 1 118 ? -2.723  16.898  16.881  1.00 40.57 ? 211 ASP A CB  1 
ATOM   955  C CG  . ASP A 1 118 ? -3.540  16.692  18.152  1.00 50.42 ? 211 ASP A CG  1 
ATOM   956  O OD1 . ASP A 1 118 ? -3.027  16.237  19.205  1.00 45.50 ? 211 ASP A OD1 1 
ATOM   957  O OD2 . ASP A 1 118 ? -4.737  17.056  18.079  1.00 62.13 ? 211 ASP A OD2 1 
ATOM   958  N N   . MET A 1 119 ? -0.124  17.521  18.157  1.00 45.55 ? 212 MET A N   1 
ATOM   959  C CA  . MET A 1 119 ? 0.827   17.971  19.207  1.00 48.62 ? 212 MET A CA  1 
ATOM   960  C C   . MET A 1 119 ? 0.172   19.010  20.165  1.00 50.81 ? 212 MET A C   1 
ATOM   961  O O   . MET A 1 119 ? 0.835   19.887  20.770  1.00 53.21 ? 212 MET A O   1 
ATOM   962  C CB  . MET A 1 119 ? 2.056   18.507  18.518  1.00 47.37 ? 212 MET A CB  1 
ATOM   963  C CG  . MET A 1 119 ? 2.746   17.351  17.795  1.00 52.57 ? 212 MET A CG  1 
ATOM   964  S SD  . MET A 1 119 ? 4.229   17.779  16.938  1.00 48.89 ? 212 MET A SD  1 
ATOM   965  C CE  . MET A 1 119 ? 3.575   18.909  15.708  1.00 55.21 ? 212 MET A CE  1 
ATOM   966  N N   . THR A 1 120 ? -1.133  18.834  20.340  1.00 48.94 ? 213 THR A N   1 
ATOM   967  C CA  . THR A 1 120 ? -1.935  19.596  21.254  1.00 53.80 ? 213 THR A CA  1 
ATOM   968  C C   . THR A 1 120 ? -1.516  19.424  22.729  1.00 60.19 ? 213 THR A C   1 
ATOM   969  O O   . THR A 1 120 ? -1.886  20.294  23.499  1.00 58.34 ? 213 THR A O   1 
ATOM   970  C CB  . THR A 1 120 ? -3.439  19.258  21.120  1.00 55.01 ? 213 THR A CB  1 
ATOM   971  O OG1 . THR A 1 120 ? -3.633  17.856  21.360  1.00 67.07 ? 213 THR A OG1 1 
ATOM   972  C CG2 . THR A 1 120 ? -3.994  19.624  19.729  1.00 53.43 ? 213 THR A CG2 1 
ATOM   973  N N   . PRO A 1 121 ? -0.775  18.324  23.128  1.00 68.55 ? 214 PRO A N   1 
ATOM   974  C CA  . PRO A 1 121 ? -0.161  18.409  24.487  1.00 66.42 ? 214 PRO A CA  1 
ATOM   975  C C   . PRO A 1 121 ? 0.936   19.498  24.613  1.00 69.22 ? 214 PRO A C   1 
ATOM   976  O O   . PRO A 1 121 ? 1.182   20.009  25.715  1.00 68.71 ? 214 PRO A O   1 
ATOM   977  C CB  . PRO A 1 121 ? 0.396   16.980  24.736  1.00 64.97 ? 214 PRO A CB  1 
ATOM   978  C CG  . PRO A 1 121 ? 0.470   16.338  23.384  1.00 68.79 ? 214 PRO A CG  1 
ATOM   979  C CD  . PRO A 1 121 ? -0.689  16.927  22.613  1.00 71.29 ? 214 PRO A CD  1 
ATOM   980  N N   . LYS A 1 122 ? 1.561   19.865  23.496  1.00 62.28 ? 215 LYS A N   1 
ATOM   981  C CA  . LYS A 1 122 ? 2.572   20.907  23.477  1.00 59.02 ? 215 LYS A CA  1 
ATOM   982  C C   . LYS A 1 122 ? 2.056   22.309  23.007  1.00 55.15 ? 215 LYS A C   1 
ATOM   983  O O   . LYS A 1 122 ? 2.876   23.193  22.780  1.00 59.69 ? 215 LYS A O   1 
ATOM   984  C CB  . LYS A 1 122 ? 3.738   20.451  22.596  1.00 54.15 ? 215 LYS A CB  1 
ATOM   985  C CG  . LYS A 1 122 ? 5.097   20.902  23.094  1.00 59.09 ? 215 LYS A CG  1 
ATOM   986  N N   . SER A 1 123 ? 0.741   22.532  22.874  1.00 49.61 ? 216 SER A N   1 
ATOM   987  C CA  . SER A 1 123 ? 0.234   23.819  22.300  1.00 42.55 ? 216 SER A CA  1 
ATOM   988  C C   . SER A 1 123 ? 0.937   24.218  20.974  1.00 37.03 ? 216 SER A C   1 
ATOM   989  O O   . SER A 1 123 ? 1.187   25.391  20.678  1.00 39.95 ? 216 SER A O   1 
ATOM   990  C CB  . SER A 1 123 ? 0.385   24.924  23.361  1.00 41.76 ? 216 SER A CB  1 
ATOM   991  O OG  . SER A 1 123 ? -0.453  24.630  24.447  1.00 41.30 ? 216 SER A OG  1 
ATOM   992  N N   . LYS A 1 124 ? 1.256   23.201  20.150  1.00 35.03 ? 217 LYS A N   1 
ATOM   993  C CA  . LYS A 1 124 ? 1.904   23.406  18.896  1.00 30.88 ? 217 LYS A CA  1 
ATOM   994  C C   . LYS A 1 124 ? 1.035   22.813  17.735  1.00 29.42 ? 217 LYS A C   1 
ATOM   995  O O   . LYS A 1 124 ? 0.405   21.719  17.898  1.00 29.38 ? 217 LYS A O   1 
ATOM   996  C CB  . LYS A 1 124 ? 3.237   22.682  18.988  1.00 36.40 ? 217 LYS A CB  1 
ATOM   997  C CG  . LYS A 1 124 ? 4.218   22.914  17.854  1.00 40.69 ? 217 LYS A CG  1 
ATOM   998  C CD  . LYS A 1 124 ? 5.577   22.293  18.233  1.00 42.95 ? 217 LYS A CD  1 
ATOM   999  N N   . LEU A 1 125 ? 1.071   23.508  16.589  1.00 26.47 ? 218 LEU A N   1 
ATOM   1000 C CA  . LEU A 1 125 ? 0.328   23.047  15.387  1.00 27.85 ? 218 LEU A CA  1 
ATOM   1001 C C   . LEU A 1 125 ? 1.076   21.990  14.570  1.00 27.20 ? 218 LEU A C   1 
ATOM   1002 O O   . LEU A 1 125 ? 2.285   22.014  14.438  1.00 30.22 ? 218 LEU A O   1 
ATOM   1003 C CB  . LEU A 1 125 ? 0.042   24.198  14.428  1.00 27.86 ? 218 LEU A CB  1 
ATOM   1004 C CG  . LEU A 1 125 ? -0.698  25.396  15.073  1.00 27.36 ? 218 LEU A CG  1 
ATOM   1005 C CD1 . LEU A 1 125 ? -1.094  26.348  13.988  1.00 35.69 ? 218 LEU A CD1 1 
ATOM   1006 C CD2 . LEU A 1 125 ? -1.896  25.066  15.939  1.00 31.15 ? 218 LEU A CD2 1 
ATOM   1007 N N   . GLY A 1 126 ? 0.265   21.245  13.843  1.00 24.11 ? 219 GLY A N   1 
ATOM   1008 C CA  . GLY A 1 126 ? 0.775   20.236  12.884  1.00 24.32 ? 219 GLY A CA  1 
ATOM   1009 C C   . GLY A 1 126 ? 0.625   18.810  13.486  1.00 24.04 ? 219 GLY A C   1 
ATOM   1010 O O   . GLY A 1 126 ? -0.150  18.521  14.395  1.00 28.74 ? 219 GLY A O   1 
ATOM   1011 N N   . LEU A 1 127 ? 1.362   17.896  12.882  1.00 27.96 ? 220 LEU A N   1 
ATOM   1012 C CA  . LEU A 1 127 ? 1.305   16.475  13.210  1.00 29.26 ? 220 LEU A CA  1 
ATOM   1013 C C   . LEU A 1 127 ? 2.704   15.934  13.564  1.00 25.89 ? 220 LEU A C   1 
ATOM   1014 O O   . LEU A 1 127 ? 3.685   16.358  12.995  1.00 29.16 ? 220 LEU A O   1 
ATOM   1015 C CB  . LEU A 1 127 ? 0.799   15.729  11.930  1.00 31.17 ? 220 LEU A CB  1 
ATOM   1016 C CG  . LEU A 1 127 ? -0.678  15.977  11.579  1.00 33.82 ? 220 LEU A CG  1 
ATOM   1017 C CD1 . LEU A 1 127 ? -0.960  15.393  10.201  1.00 38.36 ? 220 LEU A CD1 1 
ATOM   1018 C CD2 . LEU A 1 127 ? -1.587  15.428  12.682  1.00 35.04 ? 220 LEU A CD2 1 
ATOM   1019 N N   . ALA A 1 128 ? 2.749   14.956  14.456  1.00 28.24 ? 221 ALA A N   1 
ATOM   1020 C CA  . ALA A 1 128 ? 4.014   14.290  14.827  1.00 30.65 ? 221 ALA A CA  1 
ATOM   1021 C C   . ALA A 1 128 ? 4.423   13.315  13.715  1.00 32.00 ? 221 ALA A C   1 
ATOM   1022 O O   . ALA A 1 128 ? 3.571   12.838  12.972  1.00 27.62 ? 221 ALA A O   1 
ATOM   1023 C CB  . ALA A 1 128 ? 3.847   13.550  16.153  1.00 34.42 ? 221 ALA A CB  1 
ATOM   1024 N N   . PRO A 1 129 ? 5.715   13.046  13.579  1.00 31.97 ? 222 PRO A N   1 
ATOM   1025 C CA  . PRO A 1 129 ? 6.197   12.070  12.604  1.00 30.53 ? 222 PRO A CA  1 
ATOM   1026 C C   . PRO A 1 129 ? 5.584   10.711  12.809  1.00 26.08 ? 222 PRO A C   1 
ATOM   1027 O O   . PRO A 1 129 ? 5.232   10.364  13.936  1.00 23.82 ? 222 PRO A O   1 
ATOM   1028 C CB  . PRO A 1 129 ? 7.710   12.045  12.888  1.00 35.93 ? 222 PRO A CB  1 
ATOM   1029 C CG  . PRO A 1 129 ? 8.026   13.426  13.389  1.00 42.24 ? 222 PRO A CG  1 
ATOM   1030 C CD  . PRO A 1 129 ? 6.855   13.636  14.337  1.00 37.46 ? 222 PRO A CD  1 
ATOM   1031 N N   . ASN A 1 130 ? 5.377   9.949   11.707  1.00 25.05 ? 223 ASN A N   1 
ATOM   1032 C CA  . ASN A 1 130 ? 4.823   8.585   11.862  1.00 24.30 ? 223 ASN A CA  1 
ATOM   1033 C C   . ASN A 1 130 ? 5.371   7.786   10.725  1.00 24.52 ? 223 ASN A C   1 
ATOM   1034 O O   . ASN A 1 130 ? 5.275   8.210   9.618   1.00 22.59 ? 223 ASN A O   1 
ATOM   1035 C CB  . ASN A 1 130 ? 3.313   8.547   11.858  1.00 29.87 ? 223 ASN A CB  1 
ATOM   1036 C CG  . ASN A 1 130 ? 2.732   7.182   12.195  1.00 30.82 ? 223 ASN A CG  1 
ATOM   1037 O OD1 . ASN A 1 130 ? 2.827   6.248   11.423  1.00 27.08 ? 223 ASN A OD1 1 
ATOM   1038 N ND2 . ASN A 1 130 ? 2.190   7.053   13.404  1.00 30.02 ? 223 ASN A ND2 1 
ATOM   1039 N N   . LYS A 1 131 ? 5.955   6.629   11.030  1.00 21.51 ? 224 LYS A N   1 
ATOM   1040 C CA  . LYS A 1 131 ? 6.579   5.830   9.974   1.00 21.80 ? 224 LYS A CA  1 
ATOM   1041 C C   . LYS A 1 131 ? 5.655   5.184   8.982   1.00 21.53 ? 224 LYS A C   1 
ATOM   1042 O O   . LYS A 1 131 ? 6.156   4.629   7.997   1.00 22.94 ? 224 LYS A O   1 
ATOM   1043 C CB  . LYS A 1 131 ? 7.490   4.712   10.528  1.00 22.28 ? 224 LYS A CB  1 
ATOM   1044 C CG  . LYS A 1 131 ? 6.779   3.729   11.385  1.00 23.10 ? 224 LYS A CG  1 
ATOM   1045 C CD  . LYS A 1 131 ? 7.808   2.728   11.883  1.00 27.17 ? 224 LYS A CD  1 
ATOM   1046 C CE  . LYS A 1 131 ? 7.187   1.580   12.617  1.00 30.80 ? 224 LYS A CE  1 
ATOM   1047 N NZ  . LYS A 1 131 ? 8.278   0.580   12.936  1.00 40.11 ? 224 LYS A NZ  1 
ATOM   1048 N N   . PHE A 1 132 ? 4.364   5.209   9.252   1.00 19.55 ? 225 PHE A N   1 
ATOM   1049 C CA  . PHE A 1 132 ? 3.337   4.721   8.325   1.00 20.71 ? 225 PHE A CA  1 
ATOM   1050 C C   . PHE A 1 132 ? 2.648   5.830   7.467   1.00 20.44 ? 225 PHE A C   1 
ATOM   1051 O O   . PHE A 1 132 ? 1.636   5.541   6.839   1.00 20.86 ? 225 PHE A O   1 
ATOM   1052 C CB  . PHE A 1 132 ? 2.305   3.950   9.117   1.00 19.53 ? 225 PHE A CB  1 
ATOM   1053 C CG  . PHE A 1 132 ? 2.876   2.727   9.845   1.00 20.53 ? 225 PHE A CG  1 
ATOM   1054 C CD1 . PHE A 1 132 ? 3.297   1.634   9.143   1.00 19.83 ? 225 PHE A CD1 1 
ATOM   1055 C CD2 . PHE A 1 132 ? 3.000   2.721   11.231  1.00 23.13 ? 225 PHE A CD2 1 
ATOM   1056 C CE1 . PHE A 1 132 ? 3.821   0.505   9.796   1.00 19.16 ? 225 PHE A CE1 1 
ATOM   1057 C CE2 . PHE A 1 132 ? 3.519   1.601   11.911  1.00 22.07 ? 225 PHE A CE2 1 
ATOM   1058 C CZ  . PHE A 1 132 ? 3.936   0.513   11.180  1.00 22.31 ? 225 PHE A CZ  1 
ATOM   1059 N N   . PHE A 1 133 ? 3.230   7.039   7.443   0.58 21.95 ? 226 PHE A N   1 
ATOM   1060 C CA  . PHE A 1 133 ? 2.719   8.215   6.707   0.58 24.07 ? 226 PHE A CA  1 
ATOM   1061 C C   . PHE A 1 133 ? 2.117   7.882   5.336   0.58 22.93 ? 226 PHE A C   1 
ATOM   1062 O O   . PHE A 1 133 ? 0.983   8.264   5.056   0.58 22.10 ? 226 PHE A O   1 
ATOM   1063 C CB  . PHE A 1 133 ? 3.829   9.283   6.538   0.58 27.43 ? 226 PHE A CB  1 
ATOM   1064 C CG  . PHE A 1 133 ? 3.424   10.483  5.701   0.58 28.57 ? 226 PHE A CG  1 
ATOM   1065 C CD1 . PHE A 1 133 ? 2.570   11.450  6.208   0.58 32.78 ? 226 PHE A CD1 1 
ATOM   1066 C CD2 . PHE A 1 133 ? 3.888   10.632  4.399   0.58 30.88 ? 226 PHE A CD2 1 
ATOM   1067 C CE1 . PHE A 1 133 ? 2.180   12.556  5.436   0.58 33.19 ? 226 PHE A CE1 1 
ATOM   1068 C CE2 . PHE A 1 133 ? 3.515   11.730  3.622   0.58 33.24 ? 226 PHE A CE2 1 
ATOM   1069 C CZ  . PHE A 1 133 ? 2.659   12.693  4.140   0.58 32.61 ? 226 PHE A CZ  1 
ATOM   1070 N N   . MET A 1 134 ? 2.892   7.193   4.503   1.00 21.85 ? 227 MET A N   1 
ATOM   1071 C CA  . MET A 1 134 ? 2.461   6.841   3.110   1.00 22.45 ? 227 MET A CA  1 
ATOM   1072 C C   . MET A 1 134 ? 1.258   5.846   3.061   1.00 21.98 ? 227 MET A C   1 
ATOM   1073 O O   . MET A 1 134 ? 0.515   5.873   2.076   1.00 23.75 ? 227 MET A O   1 
ATOM   1074 C CB  . MET A 1 134 ? 3.665   6.317   2.323   1.00 26.17 ? 227 MET A CB  1 
ATOM   1075 C CG  . MET A 1 134 ? 4.729   7.389   2.058   1.00 32.37 ? 227 MET A CG  1 
ATOM   1076 S SD  . MET A 1 134 ? 6.148   6.735   1.191   1.00 39.78 ? 227 MET A SD  1 
ATOM   1077 C CE  . MET A 1 134 ? 7.100   5.927   2.498   1.00 47.01 ? 227 MET A CE  1 
ATOM   1078 N N   . ALA A 1 135 ? 1.130   4.906   4.056   1.00 21.76 ? 228 ALA A N   1 
ATOM   1079 C CA  . ALA A 1 135 ? 0.029   3.929   4.154   1.00 18.73 ? 228 ALA A CA  1 
ATOM   1080 C C   . ALA A 1 135 ? -1.269  4.552   4.696   1.00 20.23 ? 228 ALA A C   1 
ATOM   1081 O O   . ALA A 1 135 ? -2.384  4.198   4.301   1.00 19.99 ? 228 ALA A O   1 
ATOM   1082 C CB  . ALA A 1 135 ? 0.427   2.717   4.975   1.00 19.35 ? 228 ALA A CB  1 
ATOM   1083 N N   . ILE A 1 136 ? -1.120  5.474   5.679   1.00 18.94 ? 229 ILE A N   1 
ATOM   1084 C CA  . ILE A 1 136 ? -2.264  5.970   6.451   1.00 19.59 ? 229 ILE A CA  1 
ATOM   1085 C C   . ILE A 1 136 ? -3.538  6.368   5.678   1.00 18.75 ? 229 ILE A C   1 
ATOM   1086 O O   . ILE A 1 136 ? -4.653  5.986   6.073   1.00 19.69 ? 229 ILE A O   1 
ATOM   1087 C CB  . ILE A 1 136 ? -1.730  7.135   7.407   1.00 19.65 ? 229 ILE A CB  1 
ATOM   1088 C CG1 . ILE A 1 136 ? -1.052  6.486   8.612   1.00 20.68 ? 229 ILE A CG1 1 
ATOM   1089 C CG2 . ILE A 1 136 ? -2.864  8.122   7.751   1.00 25.28 ? 229 ILE A CG2 1 
ATOM   1090 C CD1 . ILE A 1 136 ? -0.279  7.405   9.588   1.00 20.46 ? 229 ILE A CD1 1 
ATOM   1091 N N   . PRO A 1 137 ? -3.413  7.135   4.531   1.00 21.88 ? 230 PRO A N   1 
ATOM   1092 C CA  . PRO A 1 137 ? -4.643  7.574   3.812   1.00 22.33 ? 230 PRO A CA  1 
ATOM   1093 C C   . PRO A 1 137 ? -5.547  6.431   3.327   1.00 21.20 ? 230 PRO A C   1 
ATOM   1094 O O   . PRO A 1 137 ? -6.741  6.577   3.240   1.00 22.61 ? 230 PRO A O   1 
ATOM   1095 C CB  . PRO A 1 137 ? -4.082  8.407   2.621   1.00 23.53 ? 230 PRO A CB  1 
ATOM   1096 C CG  . PRO A 1 137 ? -2.693  8.790   2.993   1.00 27.21 ? 230 PRO A CG  1 
ATOM   1097 C CD  . PRO A 1 137 ? -2.197  7.697   3.931   1.00 23.75 ? 230 PRO A CD  1 
ATOM   1098 N N   . PHE A 1 138 ? -4.985  5.232   3.092   1.00 19.33 ? 231 PHE A N   1 
ATOM   1099 C CA  . PHE A 1 138 ? -5.698  4.026   2.641   1.00 21.31 ? 231 PHE A CA  1 
ATOM   1100 C C   . PHE A 1 138 ? -6.350  3.115   3.720   1.00 20.48 ? 231 PHE A C   1 
ATOM   1101 O O   . PHE A 1 138 ? -7.165  2.268   3.362   1.00 21.41 ? 231 PHE A O   1 
ATOM   1102 C CB  . PHE A 1 138 ? -4.740  3.153   1.772   1.00 19.94 ? 231 PHE A CB  1 
ATOM   1103 C CG  . PHE A 1 138 ? -4.241  3.859   0.499   1.00 19.30 ? 231 PHE A CG  1 
ATOM   1104 C CD1 . PHE A 1 138 ? -5.014  3.815   -0.713  1.00 24.00 ? 231 PHE A CD1 1 
ATOM   1105 C CD2 . PHE A 1 138 ? -3.043  4.557   0.518   1.00 21.60 ? 231 PHE A CD2 1 
ATOM   1106 C CE1 . PHE A 1 138 ? -4.569  4.539   -1.816  1.00 22.60 ? 231 PHE A CE1 1 
ATOM   1107 C CE2 . PHE A 1 138 ? -2.599  5.206   -0.624  1.00 26.89 ? 231 PHE A CE2 1 
ATOM   1108 C CZ  . PHE A 1 138 ? -3.338  5.167   -1.764  1.00 21.23 ? 231 PHE A CZ  1 
ATOM   1109 N N   . ILE A 1 139 ? -6.047  3.326   4.998   1.00 20.81 ? 232 ILE A N   1 
ATOM   1110 C CA  . ILE A 1 139 ? -6.406  2.427   6.082   1.00 20.36 ? 232 ILE A CA  1 
ATOM   1111 C C   . ILE A 1 139 ? -7.890  2.405   6.424   1.00 22.70 ? 232 ILE A C   1 
ATOM   1112 O O   . ILE A 1 139 ? -8.536  1.394   6.366   1.00 21.67 ? 232 ILE A O   1 
ATOM   1113 C CB  . ILE A 1 139 ? -5.528  2.634   7.350   1.00 21.44 ? 232 ILE A CB  1 
ATOM   1114 C CG1 . ILE A 1 139 ? -4.041  2.384   7.013   1.00 20.04 ? 232 ILE A CG1 1 
ATOM   1115 C CG2 . ILE A 1 139 ? -5.952  1.671   8.430   1.00 26.12 ? 232 ILE A CG2 1 
ATOM   1116 C CD1 . ILE A 1 139 ? -3.681  1.004   6.459   1.00 18.72 ? 232 ILE A CD1 1 
ATOM   1117 N N   . ARG A 1 140 ? -8.473  3.565   6.665   1.00 24.64 ? 233 ARG A N   1 
ATOM   1118 C CA  . ARG A 1 140 ? -9.913  3.636   6.764   1.00 26.13 ? 233 ARG A CA  1 
ATOM   1119 C C   . ARG A 1 140 ? -10.713 3.202   5.539   1.00 23.94 ? 233 ARG A C   1 
ATOM   1120 O O   . ARG A 1 140 ? -11.618 2.422   5.676   1.00 25.15 ? 233 ARG A O   1 
ATOM   1121 C CB  . ARG A 1 140 ? -10.371 5.034   7.296   1.00 31.14 ? 233 ARG A CB  1 
ATOM   1122 C CG  . ARG A 1 140 ? -11.881 5.108   7.533   1.00 39.60 ? 233 ARG A CG  1 
ATOM   1123 C CD  . ARG A 1 140 ? -12.350 4.077   8.556   1.00 51.61 ? 233 ARG A CD  1 
ATOM   1124 N NE  . ARG A 1 140 ? -11.526 3.939   9.783   1.00 61.07 ? 233 ARG A NE  1 
ATOM   1125 C CZ  . ARG A 1 140 ? -11.690 2.979   10.700  1.00 65.82 ? 233 ARG A CZ  1 
ATOM   1126 N NH1 . ARG A 1 140 ? -12.644 2.027   10.571  1.00 69.77 ? 233 ARG A NH1 1 
ATOM   1127 N NH2 . ARG A 1 140 ? -10.914 2.972   11.776  1.00 76.38 ? 233 ARG A NH2 1 
ATOM   1128 N N   . PRO A 1 141 ? -10.427 3.697   4.327   1.00 23.25 ? 234 PRO A N   1 
ATOM   1129 C CA  . PRO A 1 141 ? -11.154 3.151   3.198   1.00 22.88 ? 234 PRO A CA  1 
ATOM   1130 C C   . PRO A 1 141 ? -11.000 1.626   3.029   1.00 23.64 ? 234 PRO A C   1 
ATOM   1131 O O   . PRO A 1 141 ? -11.945 0.955   2.583   1.00 24.20 ? 234 PRO A O   1 
ATOM   1132 C CB  . PRO A 1 141 ? -10.520 3.888   1.987   1.00 25.56 ? 234 PRO A CB  1 
ATOM   1133 C CG  . PRO A 1 141 ? -9.953  5.086   2.552   1.00 25.17 ? 234 PRO A CG  1 
ATOM   1134 C CD  . PRO A 1 141 ? -9.639  4.880   3.967   1.00 22.41 ? 234 PRO A CD  1 
ATOM   1135 N N   . LEU A 1 142 ? -9.811  1.088   3.310   1.00 22.97 ? 235 LEU A N   1 
ATOM   1136 C CA  . LEU A 1 142 ? -9.613  -0.420  3.330   1.00 23.44 ? 235 LEU A CA  1 
ATOM   1137 C C   . LEU A 1 142 ? -10.512 -1.201  4.337   1.00 24.72 ? 235 LEU A C   1 
ATOM   1138 O O   . LEU A 1 142 ? -11.171 -2.207  3.982   1.00 23.77 ? 235 LEU A O   1 
ATOM   1139 C CB  . LEU A 1 142 ? -8.130  -0.841  3.556   1.00 20.40 ? 235 LEU A CB  1 
ATOM   1140 C CG  . LEU A 1 142 ? -7.803  -2.356  3.676   1.00 21.68 ? 235 LEU A CG  1 
ATOM   1141 C CD1 . LEU A 1 142 ? -8.192  -3.071  2.386   1.00 21.33 ? 235 LEU A CD1 1 
ATOM   1142 C CD2 . LEU A 1 142 ? -6.318  -2.567  4.056   1.00 22.79 ? 235 LEU A CD2 1 
ATOM   1143 N N   . ARG A 1 143 ? -10.558 -0.717  5.553   1.00 24.73 ? 236 ARG A N   1 
ATOM   1144 C CA  . ARG A 1 143 ? -11.373 -1.367  6.605   1.00 24.77 ? 236 ARG A CA  1 
ATOM   1145 C C   . ARG A 1 143 ? -12.871 -1.340  6.172   1.00 26.02 ? 236 ARG A C   1 
ATOM   1146 O O   . ARG A 1 143 ? -13.593 -2.373  6.297   1.00 29.41 ? 236 ARG A O   1 
ATOM   1147 C CB  . ARG A 1 143 ? -11.158 -0.690  7.968   1.00 25.04 ? 236 ARG A CB  1 
ATOM   1148 C CG  . ARG A 1 143 ? -9.814  -0.940  8.627   1.00 24.34 ? 236 ARG A CG  1 
ATOM   1149 C CD  . ARG A 1 143 ? -9.660  -0.104  9.884   1.00 30.04 ? 236 ARG A CD  1 
ATOM   1150 N NE  . ARG A 1 143 ? -8.408  -0.326  10.552  1.00 31.71 ? 236 ARG A NE  1 
ATOM   1151 C CZ  . ARG A 1 143 ? -7.751  0.557   11.353  1.00 32.13 ? 236 ARG A CZ  1 
ATOM   1152 N NH1 . ARG A 1 143 ? -8.209  1.792   11.563  1.00 32.14 ? 236 ARG A NH1 1 
ATOM   1153 N NH2 . ARG A 1 143 ? -6.576  0.221   11.881  1.00 28.56 ? 236 ARG A NH2 1 
ATOM   1154 N N   . ASP A 1 144 ? -13.314 -0.218  5.600   1.00 29.07 ? 237 ASP A N   1 
ATOM   1155 C CA  . ASP A 1 144 ? -14.707 -0.063  5.093   1.00 31.09 ? 237 ASP A CA  1 
ATOM   1156 C C   . ASP A 1 144 ? -15.031 -0.929  3.877   1.00 34.64 ? 237 ASP A C   1 
ATOM   1157 O O   . ASP A 1 144 ? -16.114 -1.474  3.771   1.00 35.74 ? 237 ASP A O   1 
ATOM   1158 C CB  . ASP A 1 144 ? -15.001 1.406   4.757   1.00 30.34 ? 237 ASP A CB  1 
ATOM   1159 C CG  . ASP A 1 144 ? -15.082 2.306   6.028   1.00 34.79 ? 237 ASP A CG  1 
ATOM   1160 O OD1 . ASP A 1 144 ? -15.076 1.793   7.203   1.00 35.88 ? 237 ASP A OD1 1 
ATOM   1161 O OD2 . ASP A 1 144 ? -15.025 3.537   5.851   1.00 39.19 ? 237 ASP A OD2 1 
ATOM   1162 N N   . TRP A 1 145 ? -14.085 -1.041  2.944   1.00 27.32 ? 238 TRP A N   1 
ATOM   1163 C CA  . TRP A 1 145 ? -14.179 -1.967  1.873   1.00 27.89 ? 238 TRP A CA  1 
ATOM   1164 C C   . TRP A 1 145 ? -14.224 -3.454  2.310   1.00 31.03 ? 238 TRP A C   1 
ATOM   1165 O O   . TRP A 1 145 ? -15.081 -4.190  1.779   1.00 30.98 ? 238 TRP A O   1 
ATOM   1166 C CB  . TRP A 1 145 ? -13.026 -1.682  0.873   1.00 31.44 ? 238 TRP A CB  1 
ATOM   1167 C CG  . TRP A 1 145 ? -13.154 -2.333  -0.495  1.00 31.97 ? 238 TRP A CG  1 
ATOM   1168 C CD1 . TRP A 1 145 ? -13.503 -1.696  -1.705  1.00 34.87 ? 238 TRP A CD1 1 
ATOM   1169 C CD2 . TRP A 1 145 ? -12.873 -3.693  -0.832  1.00 30.37 ? 238 TRP A CD2 1 
ATOM   1170 N NE1 . TRP A 1 145 ? -13.448 -2.599  -2.734  1.00 32.90 ? 238 TRP A NE1 1 
ATOM   1171 C CE2 . TRP A 1 145 ? -13.087 -3.831  -2.230  1.00 31.48 ? 238 TRP A CE2 1 
ATOM   1172 C CE3 . TRP A 1 145 ? -12.449 -4.815  -0.095  1.00 26.79 ? 238 TRP A CE3 1 
ATOM   1173 C CZ2 . TRP A 1 145 ? -12.863 -5.018  -2.895  1.00 29.33 ? 238 TRP A CZ2 1 
ATOM   1174 C CZ3 . TRP A 1 145 ? -12.219 -6.009  -0.767  1.00 27.60 ? 238 TRP A CZ3 1 
ATOM   1175 C CH2 . TRP A 1 145 ? -12.453 -6.105  -2.160  1.00 30.22 ? 238 TRP A CH2 1 
ATOM   1176 N N   . LEU A 1 146 ? -13.398 -3.882  3.275   1.00 26.35 ? 239 LEU A N   1 
ATOM   1177 C CA  . LEU A 1 146 ? -13.396 -5.277  3.767   1.00 30.14 ? 239 LEU A CA  1 
ATOM   1178 C C   . LEU A 1 146 ? -14.734 -5.597  4.529   1.00 35.71 ? 239 LEU A C   1 
ATOM   1179 O O   . LEU A 1 146 ? -15.232 -6.654  4.370   1.00 32.28 ? 239 LEU A O   1 
ATOM   1180 C CB  . LEU A 1 146 ? -12.239 -5.600  4.672   1.00 26.08 ? 239 LEU A CB  1 
ATOM   1181 C CG  . LEU A 1 146 ? -10.851 -5.510  4.019   1.00 24.71 ? 239 LEU A CG  1 
ATOM   1182 C CD1 . LEU A 1 146 ? -9.713  -5.481  5.031   1.00 25.25 ? 239 LEU A CD1 1 
ATOM   1183 C CD2 . LEU A 1 146 ? -10.719 -6.699  3.097   1.00 26.11 ? 239 LEU A CD2 1 
ATOM   1184 N N   . SER A 1 147 ? -15.261 -4.637  5.293   1.00 36.44 ? 240 SER A N   1 
ATOM   1185 C CA  . SER A 1 147 ? -16.609 -4.748  5.919   1.00 38.38 ? 240 SER A CA  1 
ATOM   1186 C C   . SER A 1 147 ? -17.687 -4.976  4.885   1.00 39.45 ? 240 SER A C   1 
ATOM   1187 O O   . SER A 1 147 ? -18.394 -5.968  4.951   1.00 44.07 ? 240 SER A O   1 
ATOM   1188 C CB  . SER A 1 147 ? -16.977 -3.482  6.687   1.00 39.63 ? 240 SER A CB  1 
ATOM   1189 O OG  . SER A 1 147 ? -16.052 -3.288  7.712   1.00 48.55 ? 240 SER A OG  1 
ATOM   1190 N N   . ARG A 1 148 ? -17.800 -4.106  3.897   1.00 37.93 ? 241 ARG A N   1 
ATOM   1191 C CA  . ARG A 1 148 ? -18.793 -4.319  2.836   1.00 43.56 ? 241 ARG A CA  1 
ATOM   1192 C C   . ARG A 1 148 ? -18.675 -5.697  2.051   1.00 53.36 ? 241 ARG A C   1 
ATOM   1193 O O   . ARG A 1 148 ? -19.696 -6.396  1.858   1.00 56.02 ? 241 ARG A O   1 
ATOM   1194 C CB  . ARG A 1 148 ? -18.827 -3.122  1.862   1.00 45.10 ? 241 ARG A CB  1 
ATOM   1195 C CG  . ARG A 1 148 ? -19.138 -1.761  2.487   1.00 48.19 ? 241 ARG A CG  1 
ATOM   1196 N N   . ARG A 1 149 ? -17.459 -6.051  1.631   0.50 50.81 ? 242 ARG A N   1 
ATOM   1197 C CA  . ARG A 1 149 ? -17.210 -7.249  0.808   0.50 51.71 ? 242 ARG A CA  1 
ATOM   1198 C C   . ARG A 1 149 ? -17.272 -8.576  1.570   0.50 54.21 ? 242 ARG A C   1 
ATOM   1199 O O   . ARG A 1 149 ? -17.764 -9.563  1.029   0.50 59.72 ? 242 ARG A O   1 
ATOM   1200 C CB  . ARG A 1 149 ? -15.848 -7.126  0.119   0.50 51.99 ? 242 ARG A CB  1 
ATOM   1201 C CG  . ARG A 1 149 ? -15.252 -8.442  -0.366  0.50 52.06 ? 242 ARG A CG  1 
ATOM   1202 C CD  . ARG A 1 149 ? -15.964 -8.985  -1.585  0.50 50.72 ? 242 ARG A CD  1 
ATOM   1203 N NE  . ARG A 1 149 ? -16.292 -7.921  -2.521  0.50 51.05 ? 242 ARG A NE  1 
ATOM   1204 C CZ  . ARG A 1 149 ? -15.698 -7.751  -3.690  0.50 47.30 ? 242 ARG A CZ  1 
ATOM   1205 N NH1 . ARG A 1 149 ? -16.065 -6.748  -4.467  0.50 49.38 ? 242 ARG A NH1 1 
ATOM   1206 N NH2 . ARG A 1 149 ? -14.742 -8.585  -4.075  0.50 47.10 ? 242 ARG A NH2 1 
ATOM   1207 N N   . PHE A 1 150 ? -16.771 -8.599  2.808   1.00 55.58 ? 243 PHE A N   1 
ATOM   1208 C CA  . PHE A 1 150 ? -16.716 -9.827  3.643   1.00 50.00 ? 243 PHE A CA  1 
ATOM   1209 C C   . PHE A 1 150 ? -17.552 -9.783  4.923   1.00 62.83 ? 243 PHE A C   1 
ATOM   1210 O O   . PHE A 1 150 ? -18.164 -10.784 5.269   1.00 69.75 ? 243 PHE A O   1 
ATOM   1211 C CB  . PHE A 1 150 ? -15.254 -10.164 4.043   1.00 49.43 ? 243 PHE A CB  1 
ATOM   1212 C CG  . PHE A 1 150 ? -14.340 -10.417 2.874   1.00 50.62 ? 243 PHE A CG  1 
ATOM   1213 C CD1 . PHE A 1 150 ? -14.324 -11.664 2.225   1.00 55.27 ? 243 PHE A CD1 1 
ATOM   1214 C CD2 . PHE A 1 150 ? -13.501 -9.417  2.390   1.00 43.63 ? 243 PHE A CD2 1 
ATOM   1215 C CE1 . PHE A 1 150 ? -13.486 -11.882 1.125   1.00 56.31 ? 243 PHE A CE1 1 
ATOM   1216 C CE2 . PHE A 1 150 ? -12.671 -9.634  1.292   1.00 44.91 ? 243 PHE A CE2 1 
ATOM   1217 C CZ  . PHE A 1 150 ? -12.664 -10.861 0.645   1.00 49.08 ? 243 PHE A CZ  1 
ATOM   1218 N N   . GLY A 1 151 ? -17.529 -8.675  5.669   1.00 72.46 ? 244 GLY A N   1 
ATOM   1219 C CA  . GLY A 1 151 ? -18.245 -8.568  6.958   1.00 64.81 ? 244 GLY A CA  1 
ATOM   1220 C C   . GLY A 1 151 ? -17.870 -9.677  7.934   1.00 71.93 ? 244 GLY A C   1 
ATOM   1221 O O   . GLY A 1 151 ? -17.722 -9.458  9.142   1.00 76.45 ? 244 GLY A O   1 
HETATM 1222 C C1  . EDO B 2 .   ? 4.292   -8.524  -13.904 1.00 58.33 ? 301 EDO A C1  1 
HETATM 1223 O O1  . EDO B 2 .   ? 5.637   -8.976  -14.161 1.00 65.82 ? 301 EDO A O1  1 
HETATM 1224 C C2  . EDO B 2 .   ? 3.177   -9.347  -14.596 1.00 50.07 ? 301 EDO A C2  1 
HETATM 1225 O O2  . EDO B 2 .   ? 2.484   -8.656  -15.707 1.00 53.36 ? 301 EDO A O2  1 
HETATM 1226 S S   . DMS C 3 .   ? 2.090   -10.591 11.381  1.00 61.82 ? 302 DMS A S   1 
HETATM 1227 O O   . DMS C 3 .   ? 1.897   -9.149  11.581  1.00 59.00 ? 302 DMS A O   1 
HETATM 1228 C C1  . DMS C 3 .   ? 3.734   -10.905 11.708  1.00 53.21 ? 302 DMS A C1  1 
HETATM 1229 C C2  . DMS C 3 .   ? 1.161   -11.405 12.581  1.00 61.82 ? 302 DMS A C2  1 
HETATM 1230 C C   . ACT D 4 .   ? 16.248  7.916   7.305   1.00 52.07 ? 303 ACT A C   1 
HETATM 1231 O O   . ACT D 4 .   ? 15.114  7.769   7.796   1.00 64.20 ? 303 ACT A O   1 
HETATM 1232 O OXT . ACT D 4 .   ? 16.420  7.687   6.105   1.00 46.84 ? 303 ACT A OXT 1 
HETATM 1233 C CH3 . ACT D 4 .   ? 17.353  8.386   8.220   1.00 51.43 ? 303 ACT A CH3 1 
HETATM 1234 C C   . ACT E 4 .   ? 6.517   11.694  8.432   1.00 47.87 ? 304 ACT A C   1 
HETATM 1235 O O   . ACT E 4 .   ? 5.544   11.447  9.135   1.00 38.95 ? 304 ACT A O   1 
HETATM 1236 O OXT . ACT E 4 .   ? 7.596   11.030  8.587   1.00 61.55 ? 304 ACT A OXT 1 
HETATM 1237 C CH3 . ACT E 4 .   ? 6.363   12.798  7.411   1.00 47.47 ? 304 ACT A CH3 1 
HETATM 1238 C C1  . PEG F 5 .   ? 7.237   2.923   0.396   1.00 60.29 ? 305 PEG A C1  1 
HETATM 1239 O O1  . PEG F 5 .   ? 7.997   3.194   1.588   1.00 48.97 ? 305 PEG A O1  1 
HETATM 1240 C C2  . PEG F 5 .   ? 8.207   2.828   -0.791  1.00 59.88 ? 305 PEG A C2  1 
HETATM 1241 O O2  . PEG F 5 .   ? 7.582   3.497   -1.871  1.00 71.04 ? 305 PEG A O2  1 
HETATM 1242 C C3  . PEG F 5 .   ? 7.732   2.843   -3.124  1.00 74.30 ? 305 PEG A C3  1 
HETATM 1243 C C4  . PEG F 5 .   ? 7.119   3.719   -4.211  1.00 78.78 ? 305 PEG A C4  1 
HETATM 1244 O O4  . PEG F 5 .   ? 7.740   3.484   -5.501  1.00 87.12 ? 305 PEG A O4  1 
HETATM 1245 N N1  . LDS G 6 .   ? 6.902   5.439   16.743  0.58 71.59 ? 306 LDS A N1  1 
HETATM 1246 C C4  . LDS G 6 .   ? 8.933   8.289   11.421  0.58 48.43 ? 306 LDS A C4  1 
HETATM 1247 C C5  . LDS G 6 .   ? 9.283   7.916   12.718  0.58 51.15 ? 306 LDS A C5  1 
HETATM 1248 C C6  . LDS G 6 .   ? 10.243  6.896   12.969  0.58 49.60 ? 306 LDS A C6  1 
HETATM 1249 C C7  . LDS G 6 .   ? 10.900  6.277   11.881  0.58 44.39 ? 306 LDS A C7  1 
HETATM 1250 C C8  . LDS G 6 .   ? 7.883   8.450   14.768  0.58 64.03 ? 306 LDS A C8  1 
HETATM 1251 C C10 . LDS G 6 .   ? 7.571   6.546   16.312  0.58 67.98 ? 306 LDS A C10 1 
HETATM 1252 N N   . LDS G 6 .   ? 8.758   8.747   13.729  0.58 59.24 ? 306 LDS A N   1 
HETATM 1253 C C   . LDS G 6 .   ? 10.893  7.507   7.621   0.58 43.33 ? 306 LDS A C   1 
HETATM 1254 O O   . LDS G 6 .   ? 11.254  6.105   9.502   0.58 44.19 ? 306 LDS A O   1 
HETATM 1255 C C1  . LDS G 6 .   ? 11.912  7.047   8.676   0.58 40.83 ? 306 LDS A C1  1 
HETATM 1256 C C11 . LDS G 6 .   ? 5.956   4.898   15.915  0.58 73.33 ? 306 LDS A C11 1 
HETATM 1257 C C12 . LDS G 6 .   ? 5.686   5.453   14.637  0.58 70.84 ? 306 LDS A C12 1 
HETATM 1258 C C2  . LDS G 6 .   ? 10.567  6.674   10.582  0.58 45.52 ? 306 LDS A C2  1 
HETATM 1259 C C3  . LDS G 6 .   ? 9.558   7.676   10.348  0.58 46.16 ? 306 LDS A C3  1 
HETATM 1260 C C9  . LDS G 6 .   ? 7.276   7.115   15.053  0.58 66.51 ? 306 LDS A C9  1 
HETATM 1261 N N2  . LDS G 6 .   ? 6.354   6.562   14.197  0.58 69.94 ? 306 LDS A N2  1 
HETATM 1262 O O1  . LDS G 6 .   ? 7.582   9.338   15.538  0.58 70.06 ? 306 LDS A O1  1 
HETATM 1263 O O   . HOH H 7 .   ? 6.345   10.755  16.460  1.00 43.08 ? 401 HOH A O   1 
HETATM 1264 O O   . HOH H 7 .   ? 10.792  3.985   9.249   1.00 57.39 ? 402 HOH A O   1 
HETATM 1265 O O   . HOH H 7 .   ? 18.480  -2.511  0.387   1.00 39.59 ? 403 HOH A O   1 
HETATM 1266 O O   . HOH H 7 .   ? 6.028   -14.101 3.795   1.00 43.05 ? 404 HOH A O   1 
HETATM 1267 O O   . HOH H 7 .   ? 17.141  6.338   4.248   1.00 30.13 ? 405 HOH A O   1 
HETATM 1268 O O   . HOH H 7 .   ? 0.004   -2.155  -20.808 1.00 36.51 ? 406 HOH A O   1 
HETATM 1269 O O   . HOH H 7 .   ? -9.455  -2.019  -13.335 1.00 37.69 ? 407 HOH A O   1 
HETATM 1270 O O   . HOH H 7 .   ? -13.691 5.015   4.322   1.00 50.86 ? 408 HOH A O   1 
HETATM 1271 O O   . HOH H 7 .   ? -9.559  -7.460  8.573   1.00 35.47 ? 409 HOH A O   1 
HETATM 1272 O O   . HOH H 7 .   ? -2.372  19.700  0.485   1.00 33.75 ? 410 HOH A O   1 
HETATM 1273 O O   . HOH H 7 .   ? -15.273 -0.296  8.691   1.00 58.38 ? 411 HOH A O   1 
HETATM 1274 O O   . HOH H 7 .   ? -3.304  -13.448 -16.477 1.00 58.45 ? 412 HOH A O   1 
HETATM 1275 O O   . HOH H 7 .   ? -13.101 1.464   -3.899  1.00 41.71 ? 413 HOH A O   1 
HETATM 1276 O O   . HOH H 7 .   ? -1.633  -8.084  20.170  1.00 31.10 ? 414 HOH A O   1 
HETATM 1277 O O   . HOH H 7 .   ? -3.073  6.013   -16.224 1.00 36.18 ? 415 HOH A O   1 
HETATM 1278 O O   . HOH H 7 .   ? 0.020   -7.875  -16.216 1.00 42.82 ? 416 HOH A O   1 
HETATM 1279 O O   . HOH H 7 .   ? 9.441   -0.136  -8.383  1.00 43.65 ? 417 HOH A O   1 
HETATM 1280 O O   . HOH H 7 .   ? 1.353   27.952  21.436  1.00 31.73 ? 418 HOH A O   1 
HETATM 1281 O O   . HOH H 7 .   ? -7.220  6.249   6.794   1.00 23.86 ? 419 HOH A O   1 
HETATM 1282 O O   . HOH H 7 .   ? -6.373  -13.792 15.574  1.00 35.19 ? 420 HOH A O   1 
HETATM 1283 O O   . HOH H 7 .   ? 10.954  -3.848  11.350  1.00 50.50 ? 421 HOH A O   1 
HETATM 1284 O O   . HOH H 7 .   ? 3.070   -8.223  -9.423  1.00 24.26 ? 422 HOH A O   1 
HETATM 1285 O O   . HOH H 7 .   ? 14.442  3.545   5.213   1.00 23.92 ? 423 HOH A O   1 
HETATM 1286 O O   . HOH H 7 .   ? -0.533  10.400  5.742   1.00 41.12 ? 424 HOH A O   1 
HETATM 1287 O O   . HOH H 7 .   ? -1.842  7.844   15.320  1.00 44.07 ? 425 HOH A O   1 
HETATM 1288 O O   . HOH H 7 .   ? 0.478   -4.762  -0.324  1.00 17.87 ? 426 HOH A O   1 
HETATM 1289 O O   . HOH H 7 .   ? -13.854 -1.269  -5.832  1.00 39.79 ? 427 HOH A O   1 
HETATM 1290 O O   . HOH H 7 .   ? -1.135  19.736  16.626  1.00 34.77 ? 428 HOH A O   1 
HETATM 1291 O O   . HOH H 7 .   ? 3.482   3.711   -1.016  1.00 26.01 ? 429 HOH A O   1 
HETATM 1292 O O   . HOH H 7 .   ? -6.330  -1.699  -16.820 1.00 41.20 ? 430 HOH A O   1 
HETATM 1293 O O   . HOH H 7 .   ? 13.388  -2.526  8.557   1.00 36.16 ? 431 HOH A O   1 
HETATM 1294 O O   . HOH H 7 .   ? 5.777   -6.372  11.051  1.00 37.24 ? 432 HOH A O   1 
HETATM 1295 O O   . HOH H 7 .   ? -10.769 -11.684 9.416   1.00 46.68 ? 433 HOH A O   1 
HETATM 1296 O O   . HOH H 7 .   ? 11.478  0.363   -6.591  1.00 41.95 ? 434 HOH A O   1 
HETATM 1297 O O   . HOH H 7 .   ? 3.136   -5.973  -15.994 1.00 35.69 ? 435 HOH A O   1 
HETATM 1298 O O   . HOH H 7 .   ? 6.156   -0.544  -19.172 1.00 50.19 ? 436 HOH A O   1 
HETATM 1299 O O   . HOH H 7 .   ? -7.821  -6.709  -7.442  1.00 20.00 ? 437 HOH A O   1 
HETATM 1300 O O   . HOH H 7 .   ? 0.154   -14.073 -11.140 1.00 25.27 ? 438 HOH A O   1 
HETATM 1301 O O   . HOH H 7 .   ? 2.410   -15.309 -8.481  1.00 29.02 ? 439 HOH A O   1 
HETATM 1302 O O   . HOH H 7 .   ? -6.492  16.457  -4.645  1.00 39.80 ? 440 HOH A O   1 
HETATM 1303 O O   . HOH H 7 .   ? 0.300   8.015   0.293   1.00 42.54 ? 441 HOH A O   1 
HETATM 1304 O O   . HOH H 7 .   ? 4.117   -3.190  -18.388 1.00 47.16 ? 442 HOH A O   1 
HETATM 1305 O O   . HOH H 7 .   ? -13.814 2.187   0.866   1.00 31.37 ? 443 HOH A O   1 
HETATM 1306 O O   . HOH H 7 .   ? -8.002  -10.449 -6.030  1.00 19.86 ? 444 HOH A O   1 
HETATM 1307 O O   . HOH H 7 .   ? 10.337  0.016   11.073  1.00 28.34 ? 445 HOH A O   1 
HETATM 1308 O O   . HOH H 7 .   ? -10.034 -8.836  -4.925  1.00 27.63 ? 446 HOH A O   1 
HETATM 1309 O O   . HOH H 7 .   ? -2.639  -9.833  12.925  1.00 46.22 ? 447 HOH A O   1 
HETATM 1310 O O   . HOH H 7 .   ? -2.638  11.791  -11.289 1.00 38.48 ? 448 HOH A O   1 
HETATM 1311 O O   . HOH H 7 .   ? 5.444   6.066   5.216   1.00 23.70 ? 449 HOH A O   1 
HETATM 1312 O O   . HOH H 7 .   ? -4.261  -15.765 13.124  1.00 46.89 ? 450 HOH A O   1 
HETATM 1313 O O   . HOH H 7 .   ? -12.864 -4.240  8.318   1.00 31.76 ? 451 HOH A O   1 
HETATM 1314 O O   . HOH H 7 .   ? 1.118   3.635   0.415   1.00 23.04 ? 452 HOH A O   1 
HETATM 1315 O O   . HOH H 7 .   ? -6.006  -6.986  11.981  1.00 30.46 ? 453 HOH A O   1 
HETATM 1316 O O   . HOH H 7 .   ? 2.462   18.727  10.381  1.00 44.62 ? 454 HOH A O   1 
HETATM 1317 O O   . HOH H 7 .   ? 2.118   -17.611 -2.564  1.00 47.40 ? 455 HOH A O   1 
HETATM 1318 O O   . HOH H 7 .   ? -0.767  0.018   17.458  1.00 47.63 ? 456 HOH A O   1 
HETATM 1319 O O   . HOH H 7 .   ? -4.043  13.287  17.956  1.00 54.44 ? 457 HOH A O   1 
HETATM 1320 O O   . HOH H 7 .   ? 7.135   5.830   -20.092 1.00 50.47 ? 458 HOH A O   1 
HETATM 1321 O O   . HOH H 7 .   ? -6.497  -11.790 -13.069 1.00 52.45 ? 459 HOH A O   1 
HETATM 1322 O O   . HOH H 7 .   ? -18.406 -0.582  5.290   1.00 50.08 ? 460 HOH A O   1 
HETATM 1323 O O   . HOH H 7 .   ? -1.662  -7.251  -14.699 1.00 37.37 ? 461 HOH A O   1 
HETATM 1324 O O   . HOH H 7 .   ? -11.910 4.035   -4.756  1.00 39.85 ? 462 HOH A O   1 
HETATM 1325 O O   . HOH H 7 .   ? 3.481   8.553   -17.899 1.00 51.64 ? 463 HOH A O   1 
HETATM 1326 O O   . HOH H 7 .   ? -10.951 -8.913  -13.423 1.00 35.75 ? 464 HOH A O   1 
HETATM 1327 O O   . HOH H 7 .   ? -3.595  -8.778  -14.910 1.00 36.51 ? 465 HOH A O   1 
HETATM 1328 O O   . HOH H 7 .   ? -9.518  11.096  -2.811  1.00 42.52 ? 466 HOH A O   1 
HETATM 1329 O O   . HOH H 7 .   ? 1.691   -5.546  13.227  1.00 23.28 ? 467 HOH A O   1 
HETATM 1330 O O   . HOH H 7 .   ? 4.986   -14.748 -7.901  1.00 30.19 ? 468 HOH A O   1 
HETATM 1331 O O   . HOH H 7 .   ? -6.013  10.291  7.791   1.00 54.52 ? 469 HOH A O   1 
HETATM 1332 O O   . HOH H 7 .   ? 6.633   -10.101 8.062   1.00 29.04 ? 470 HOH A O   1 
HETATM 1333 O O   . HOH H 7 .   ? 6.675   -20.751 0.705   1.00 56.77 ? 471 HOH A O   1 
HETATM 1334 O O   . HOH H 7 .   ? 7.113   -18.437 -2.018  1.00 42.83 ? 472 HOH A O   1 
HETATM 1335 O O   . HOH H 7 .   ? 7.519   5.578   -9.332  1.00 44.91 ? 473 HOH A O   1 
HETATM 1336 O O   . HOH H 7 .   ? -3.222  1.464   -22.318 1.00 60.39 ? 474 HOH A O   1 
HETATM 1337 O O   . HOH H 7 .   ? 8.192   2.942   15.486  0.58 35.62 ? 475 HOH A O   1 
HETATM 1338 O O   . HOH H 7 .   ? -1.782  -13.100 12.354  1.00 53.39 ? 476 HOH A O   1 
HETATM 1339 O O   . HOH H 7 .   ? 4.131   17.004  8.888   1.00 48.04 ? 477 HOH A O   1 
HETATM 1340 O O   . HOH H 7 .   ? 7.093   7.888   6.996   0.58 23.80 ? 478 HOH A O   1 
HETATM 1341 O O   . HOH H 7 .   ? 10.742  -8.888  7.526   1.00 60.56 ? 479 HOH A O   1 
HETATM 1342 O O   . HOH H 7 .   ? -7.253  8.358   18.237  1.00 59.90 ? 480 HOH A O   1 
HETATM 1343 O O   . HOH H 7 .   ? 1.735   4.070   14.749  1.00 27.27 ? 481 HOH A O   1 
HETATM 1344 O O   . HOH H 7 .   ? -11.391 5.405   -1.723  1.00 56.20 ? 482 HOH A O   1 
HETATM 1345 O O   . HOH H 7 .   ? -14.417 0.716   -7.608  1.00 61.85 ? 483 HOH A O   1 
HETATM 1346 O O   . HOH H 7 .   ? 1.915   -1.269  14.064  1.00 37.37 ? 484 HOH A O   1 
HETATM 1347 O O   . HOH H 7 .   ? -14.636 4.510   1.962   1.00 48.11 ? 485 HOH A O   1 
HETATM 1348 O O   . HOH H 7 .   ? 6.301   -15.904 -5.576  1.00 44.78 ? 486 HOH A O   1 
HETATM 1349 O O   . HOH H 7 .   ? -13.111 3.081   -1.019  1.00 46.76 ? 487 HOH A O   1 
HETATM 1350 O O   . HOH H 7 .   ? 6.629   -15.146 -10.461 1.00 44.41 ? 488 HOH A O   1 
# 
